data_1TZJ
#
_entry.id   1TZJ
#
_cell.length_a   67.665
_cell.length_b   68.425
_cell.length_c   350.171
_cell.angle_alpha   90.00
_cell.angle_beta   90.00
_cell.angle_gamma   90.00
#
_symmetry.space_group_name_H-M   'P 21 21 21'
#
loop_
_entity.id
_entity.type
_entity.pdbx_description
1 polymer '1-aminocyclopropane-1-carboxylate deaminase'
2 non-polymer "PYRIDOXAL-5'-PHOSPHATE"
3 non-polymer D-VINYLGLYCINE
4 non-polymer 'SULFATE ION'
5 water water
#
_entity_poly.entity_id   1
_entity_poly.type   'polypeptide(L)'
_entity_poly.pdbx_seq_one_letter_code
;MNLQRFPRYPLTFGPTPIQPLARLSKHLGGKVHLYAKREDCNSGLAFGGNKTRKLEYLIPEALAQGCDTLVSIGGIQSNQ
TRQVAAVAAHLGMKCVLVQENWVNYSDAVYDRVGNIQMSRILGADVRLVPDGFDIGFRRSWEDALESVRAAGGKPYAIPA
GCSDHPLGGLGFVGFAEEVRAQEAELGFKFDYVVVCSVTGSTQAGMVVGFAADGRADRVIGVDASAKPAQTREQITRIAR
QTAEKVGLERDIMRADVVLDERFAGPEYGLPNEGTLEAIRLCARTEGMLTDPVYEGKSMHGMIEMVRNGEFPEGSRVLYA
HLGGVPALNGYSFIFRDG
;
_entity_poly.pdbx_strand_id   A,B,C,D
#
loop_
_chem_comp.id
_chem_comp.type
_chem_comp.name
_chem_comp.formula
A3B non-polymer D-VINYLGLYCINE 'C4 H7 N O2'
PLP non-polymer PYRIDOXAL-5'-PHOSPHATE 'C8 H10 N O6 P'
SO4 non-polymer 'SULFATE ION' 'O4 S -2'
#
# COMPACT_ATOMS: atom_id res chain seq x y z
N MET A 1 35.11 -30.21 22.91
CA MET A 1 34.82 -29.99 21.46
C MET A 1 35.75 -28.95 20.85
N ASN A 2 35.78 -28.89 19.52
CA ASN A 2 36.64 -27.94 18.84
C ASN A 2 35.97 -27.30 17.63
N LEU A 3 35.39 -26.12 17.85
CA LEU A 3 34.72 -25.38 16.79
C LEU A 3 35.79 -24.76 15.92
N GLN A 4 36.87 -24.38 16.60
CA GLN A 4 38.03 -23.73 15.97
C GLN A 4 38.58 -24.46 14.75
N ARG A 5 38.26 -25.75 14.62
CA ARG A 5 38.73 -26.53 13.48
C ARG A 5 38.11 -25.99 12.18
N PHE A 6 36.94 -25.38 12.30
CA PHE A 6 36.23 -24.82 11.16
C PHE A 6 36.45 -23.31 11.03
N PRO A 7 36.90 -22.86 9.86
CA PRO A 7 37.12 -21.43 9.69
C PRO A 7 35.81 -20.64 9.79
N ARG A 8 35.94 -19.34 10.01
CA ARG A 8 34.80 -18.44 10.16
C ARG A 8 35.11 -17.17 9.40
N TYR A 9 34.23 -16.81 8.47
CA TYR A 9 34.45 -15.59 7.70
C TYR A 9 33.75 -14.47 8.48
N PRO A 10 34.47 -13.38 8.77
CA PRO A 10 33.96 -12.23 9.52
C PRO A 10 32.83 -11.53 8.83
N LEU A 11 31.61 -11.67 9.36
CA LEU A 11 30.43 -11.02 8.77
C LEU A 11 29.71 -10.18 9.84
N THR A 12 30.18 -10.29 11.08
CA THR A 12 29.60 -9.55 12.19
C THR A 12 30.61 -8.61 12.82
N PHE A 13 30.12 -7.73 13.70
CA PHE A 13 30.96 -6.75 14.41
C PHE A 13 31.80 -7.43 15.47
N GLY A 14 31.34 -8.60 15.92
CA GLY A 14 32.05 -9.33 16.95
C GLY A 14 31.03 -9.87 17.93
N PRO A 15 31.47 -10.28 19.13
CA PRO A 15 30.48 -10.81 20.08
C PRO A 15 29.27 -9.90 20.21
N THR A 16 28.10 -10.49 20.41
CA THR A 16 26.90 -9.67 20.52
C THR A 16 26.63 -9.34 21.98
N PRO A 17 26.24 -8.08 22.25
CA PRO A 17 25.96 -7.67 23.62
C PRO A 17 24.75 -8.28 24.27
N ILE A 18 24.85 -8.40 25.59
CA ILE A 18 23.77 -8.90 26.42
C ILE A 18 23.33 -7.65 27.18
N GLN A 19 22.02 -7.40 27.21
CA GLN A 19 21.52 -6.23 27.89
C GLN A 19 20.46 -6.70 28.85
N PRO A 20 20.39 -6.11 30.04
CA PRO A 20 19.35 -6.54 30.98
C PRO A 20 18.05 -5.87 30.58
N LEU A 21 16.94 -6.55 30.82
CA LEU A 21 15.64 -6.01 30.50
C LEU A 21 14.98 -5.79 31.85
N ALA A 22 15.51 -4.81 32.58
CA ALA A 22 15.03 -4.49 33.91
C ALA A 22 13.59 -4.04 34.02
N ARG A 23 13.17 -3.15 33.11
CA ARG A 23 11.81 -2.65 33.15
C ARG A 23 10.81 -3.77 32.93
N LEU A 24 11.04 -4.59 31.91
CA LEU A 24 10.14 -5.70 31.64
C LEU A 24 10.16 -6.68 32.83
N SER A 25 11.35 -6.99 33.33
CA SER A 25 11.48 -7.90 34.47
C SER A 25 10.65 -7.40 35.65
N LYS A 26 10.77 -6.11 35.92
CA LYS A 26 10.06 -5.50 37.04
C LYS A 26 8.58 -5.44 36.75
N HIS A 27 8.23 -5.09 35.51
CA HIS A 27 6.84 -5.03 35.09
C HIS A 27 6.15 -6.37 35.32
N LEU A 28 6.88 -7.47 35.15
CA LEU A 28 6.31 -8.80 35.34
C LEU A 28 6.38 -9.33 36.78
N GLY A 29 6.71 -8.44 37.72
CA GLY A 29 6.80 -8.89 39.11
C GLY A 29 8.20 -8.79 39.68
N GLY A 30 9.21 -9.05 38.86
CA GLY A 30 10.59 -8.96 39.32
C GLY A 30 11.14 -10.23 39.93
N LYS A 31 10.43 -11.34 39.80
CA LYS A 31 10.90 -12.59 40.35
C LYS A 31 11.90 -13.26 39.41
N VAL A 32 11.87 -12.86 38.13
CA VAL A 32 12.79 -13.44 37.16
C VAL A 32 13.56 -12.34 36.45
N HIS A 33 14.87 -12.49 36.38
CA HIS A 33 15.72 -11.50 35.74
C HIS A 33 15.86 -11.78 34.25
N LEU A 34 15.29 -10.90 33.43
CA LEU A 34 15.33 -11.04 31.98
C LEU A 34 16.45 -10.27 31.30
N TYR A 35 17.11 -10.94 30.36
CA TYR A 35 18.20 -10.33 29.59
C TYR A 35 17.96 -10.65 28.10
N ALA A 36 18.64 -9.90 27.23
CA ALA A 36 18.54 -10.14 25.79
C ALA A 36 19.95 -10.07 25.23
N LYS A 37 20.30 -11.02 24.37
CA LYS A 37 21.59 -11.02 23.70
C LYS A 37 21.17 -10.56 22.29
N ARG A 38 21.79 -9.49 21.82
CA ARG A 38 21.41 -8.87 20.55
C ARG A 38 21.97 -9.36 19.22
N GLU A 39 21.51 -10.53 18.80
CA GLU A 39 21.94 -11.08 17.53
C GLU A 39 21.41 -10.17 16.42
N ASP A 40 20.29 -9.52 16.69
CA ASP A 40 19.65 -8.59 15.74
C ASP A 40 20.49 -7.35 15.47
N CYS A 41 21.57 -7.16 16.25
CA CYS A 41 22.44 -6.00 16.05
C CYS A 41 23.85 -6.41 15.73
N ASN A 42 24.02 -7.63 15.27
CA ASN A 42 25.34 -8.16 15.02
C ASN A 42 26.08 -7.74 13.78
N SER A 43 25.47 -6.99 12.87
CA SER A 43 26.18 -6.71 11.63
C SER A 43 25.75 -5.47 10.88
N GLY A 44 26.66 -4.93 10.07
CA GLY A 44 26.37 -3.75 9.27
C GLY A 44 25.81 -4.12 7.90
N LEU A 45 25.62 -5.41 7.70
CA LEU A 45 25.09 -5.94 6.43
C LEU A 45 23.55 -6.05 6.47
N ALA A 46 22.90 -4.96 6.05
CA ALA A 46 21.45 -4.87 6.01
C ALA A 46 20.78 -5.39 7.27
N PHE A 47 21.24 -4.89 8.41
CA PHE A 47 20.73 -5.24 9.73
C PHE A 47 21.09 -6.62 10.28
N GLY A 48 21.62 -7.51 9.45
CA GLY A 48 22.00 -8.84 9.95
C GLY A 48 20.95 -9.64 10.72
N GLY A 49 21.39 -10.35 11.76
CA GLY A 49 20.52 -11.18 12.58
C GLY A 49 21.13 -12.59 12.74
N ASN A 50 20.39 -13.51 13.36
CA ASN A 50 20.87 -14.87 13.60
C ASN A 50 21.43 -15.61 12.37
N LYS A 51 20.81 -15.41 11.21
CA LYS A 51 21.26 -16.06 10.01
C LYS A 51 22.66 -15.63 9.60
N THR A 52 23.02 -14.38 9.89
CA THR A 52 24.36 -13.93 9.50
C THR A 52 25.41 -14.56 10.40
N ARG A 53 25.03 -14.94 11.62
CA ARG A 53 26.02 -15.61 12.47
C ARG A 53 26.18 -17.02 11.87
N LYS A 54 25.07 -17.62 11.42
CA LYS A 54 25.16 -18.95 10.82
C LYS A 54 26.05 -18.89 9.58
N LEU A 55 25.88 -17.86 8.74
CA LEU A 55 26.63 -17.74 7.48
C LEU A 55 28.16 -17.57 7.60
N GLU A 56 28.64 -17.20 8.77
CA GLU A 56 30.08 -17.04 8.91
C GLU A 56 30.81 -18.36 8.69
N TYR A 57 30.17 -19.46 9.10
CA TYR A 57 30.77 -20.79 8.93
C TYR A 57 30.48 -21.50 7.61
N LEU A 58 29.61 -20.93 6.78
CA LEU A 58 29.29 -21.55 5.49
C LEU A 58 30.05 -20.91 4.34
N ILE A 59 30.32 -19.61 4.46
CA ILE A 59 31.00 -18.86 3.41
C ILE A 59 32.40 -19.35 3.05
N PRO A 60 33.19 -19.80 4.03
CA PRO A 60 34.54 -20.28 3.68
C PRO A 60 34.43 -21.47 2.71
N GLU A 61 33.52 -22.40 2.96
CA GLU A 61 33.33 -23.54 2.06
C GLU A 61 32.94 -23.00 0.68
N ALA A 62 32.02 -22.03 0.67
CA ALA A 62 31.57 -21.45 -0.59
C ALA A 62 32.74 -20.81 -1.34
N LEU A 63 33.61 -20.18 -0.58
CA LEU A 63 34.79 -19.54 -1.18
C LEU A 63 35.79 -20.65 -1.53
N ALA A 64 35.96 -21.60 -0.62
CA ALA A 64 36.86 -22.73 -0.86
C ALA A 64 36.49 -23.40 -2.19
N GLN A 65 35.22 -23.76 -2.35
CA GLN A 65 34.72 -24.41 -3.55
C GLN A 65 34.75 -23.51 -4.80
N GLY A 66 35.20 -22.26 -4.64
CA GLY A 66 35.26 -21.35 -5.78
C GLY A 66 33.92 -20.93 -6.36
N CYS A 67 32.86 -20.97 -5.56
CA CYS A 67 31.53 -20.58 -6.04
C CYS A 67 31.47 -19.07 -6.25
N ASP A 68 30.68 -18.62 -7.22
CA ASP A 68 30.57 -17.20 -7.49
C ASP A 68 29.16 -16.64 -7.27
N THR A 69 28.24 -17.51 -6.83
CA THR A 69 26.86 -17.10 -6.65
C THR A 69 26.27 -17.75 -5.43
N LEU A 70 25.61 -16.96 -4.58
CA LEU A 70 24.98 -17.56 -3.44
C LEU A 70 23.52 -17.66 -3.83
N VAL A 71 22.96 -18.86 -3.67
CA VAL A 71 21.57 -19.13 -3.98
C VAL A 71 20.83 -19.61 -2.75
N SER A 72 19.72 -18.97 -2.40
CA SER A 72 18.99 -19.43 -1.23
C SER A 72 17.50 -19.32 -1.41
N ILE A 73 16.74 -19.51 -0.35
CA ILE A 73 15.32 -19.52 -0.52
C ILE A 73 14.60 -19.24 0.75
N GLY A 74 13.36 -18.77 0.64
CA GLY A 74 12.55 -18.54 1.81
C GLY A 74 11.25 -17.87 1.42
N GLY A 75 10.38 -17.65 2.40
CA GLY A 75 9.14 -16.98 2.13
C GLY A 75 9.32 -15.53 1.64
N ILE A 76 8.20 -14.87 1.36
CA ILE A 76 8.26 -13.50 0.87
C ILE A 76 9.00 -12.57 1.82
N GLN A 77 8.70 -12.64 3.11
CA GLN A 77 9.37 -11.75 4.05
C GLN A 77 10.55 -12.42 4.76
N SER A 78 11.09 -13.45 4.11
CA SER A 78 12.25 -14.17 4.66
C SER A 78 13.39 -13.24 5.09
N ASN A 79 13.93 -13.47 6.29
CA ASN A 79 15.04 -12.68 6.80
C ASN A 79 16.30 -13.29 6.23
N GLN A 80 16.29 -14.62 6.07
CA GLN A 80 17.42 -15.37 5.53
C GLN A 80 17.87 -14.89 4.17
N THR A 81 16.95 -14.77 3.23
CA THR A 81 17.31 -14.34 1.89
C THR A 81 17.90 -12.93 1.84
N ARG A 82 17.39 -12.06 2.71
CA ARG A 82 17.90 -10.67 2.76
C ARG A 82 19.37 -10.68 3.23
N GLN A 83 19.66 -11.45 4.28
CA GLN A 83 21.03 -11.51 4.78
C GLN A 83 21.94 -12.14 3.75
N VAL A 84 21.42 -13.13 3.01
CA VAL A 84 22.19 -13.76 1.95
C VAL A 84 22.49 -12.75 0.86
N ALA A 85 21.49 -11.95 0.51
CA ALA A 85 21.71 -10.95 -0.52
C ALA A 85 22.76 -9.92 -0.08
N ALA A 86 22.73 -9.50 1.18
CA ALA A 86 23.69 -8.52 1.70
C ALA A 86 25.09 -9.13 1.80
N VAL A 87 25.15 -10.34 2.33
CA VAL A 87 26.43 -11.03 2.46
C VAL A 87 27.03 -11.24 1.08
N ALA A 88 26.20 -11.65 0.11
CA ALA A 88 26.69 -11.86 -1.24
C ALA A 88 27.28 -10.58 -1.82
N ALA A 89 26.53 -9.49 -1.72
CA ALA A 89 27.01 -8.21 -2.24
C ALA A 89 28.37 -7.85 -1.59
N HIS A 90 28.45 -8.02 -0.27
CA HIS A 90 29.66 -7.70 0.46
C HIS A 90 30.86 -8.55 0.02
N LEU A 91 30.59 -9.79 -0.40
CA LEU A 91 31.65 -10.70 -0.84
C LEU A 91 31.96 -10.65 -2.34
N GLY A 92 31.25 -9.81 -3.10
CA GLY A 92 31.50 -9.74 -4.53
C GLY A 92 30.88 -10.90 -5.31
N MET A 93 29.89 -11.55 -4.72
CA MET A 93 29.19 -12.67 -5.36
C MET A 93 27.78 -12.32 -5.85
N LYS A 94 27.30 -13.01 -6.88
CA LYS A 94 25.95 -12.75 -7.35
C LYS A 94 25.04 -13.49 -6.39
N CYS A 95 23.74 -13.28 -6.52
CA CYS A 95 22.82 -13.91 -5.60
C CYS A 95 21.51 -14.17 -6.30
N VAL A 96 20.95 -15.36 -6.06
CA VAL A 96 19.68 -15.70 -6.65
C VAL A 96 18.86 -16.22 -5.48
N LEU A 97 17.64 -15.73 -5.38
CA LEU A 97 16.74 -16.07 -4.29
C LEU A 97 15.41 -16.52 -4.86
N VAL A 98 14.94 -17.64 -4.33
CA VAL A 98 13.68 -18.21 -4.71
C VAL A 98 12.78 -17.85 -3.56
N GLN A 99 11.75 -17.04 -3.79
CA GLN A 99 10.88 -16.66 -2.69
C GLN A 99 9.54 -17.22 -3.02
N GLU A 100 8.95 -17.88 -2.05
CA GLU A 100 7.66 -18.49 -2.27
C GLU A 100 6.73 -17.91 -1.26
N ASN A 101 5.43 -17.95 -1.56
CA ASN A 101 4.44 -17.42 -0.64
C ASN A 101 4.23 -18.51 0.38
N TRP A 102 4.91 -18.39 1.52
CA TRP A 102 4.80 -19.39 2.56
C TRP A 102 3.80 -19.05 3.64
N VAL A 103 3.17 -17.90 3.55
CA VAL A 103 2.24 -17.51 4.59
C VAL A 103 0.88 -17.21 4.00
N ASN A 104 -0.16 -17.64 4.70
CA ASN A 104 -1.52 -17.35 4.23
C ASN A 104 -1.78 -15.93 4.70
N TYR A 105 -1.18 -14.99 3.98
CA TYR A 105 -1.28 -13.60 4.32
C TYR A 105 -1.28 -12.82 3.02
N SER A 106 -2.13 -11.81 2.95
CA SER A 106 -2.22 -11.01 1.74
C SER A 106 -2.28 -9.56 2.17
N ASP A 107 -1.16 -8.90 1.99
CA ASP A 107 -1.06 -7.51 2.33
C ASP A 107 -0.62 -6.86 1.05
N ALA A 108 -1.21 -5.71 0.73
CA ALA A 108 -0.90 -5.00 -0.49
C ALA A 108 0.56 -4.74 -0.82
N VAL A 109 1.41 -4.58 0.19
CA VAL A 109 2.80 -4.29 -0.09
C VAL A 109 3.75 -5.35 0.45
N TYR A 110 3.18 -6.52 0.73
CA TYR A 110 3.92 -7.64 1.31
C TYR A 110 5.19 -8.00 0.55
N ASP A 111 5.15 -7.93 -0.78
CA ASP A 111 6.31 -8.26 -1.60
C ASP A 111 7.11 -7.05 -2.04
N ARG A 112 6.94 -5.92 -1.34
CA ARG A 112 7.62 -4.70 -1.75
C ARG A 112 8.21 -3.83 -0.65
N VAL A 113 8.15 -4.30 0.58
CA VAL A 113 8.73 -3.57 1.69
C VAL A 113 9.58 -4.55 2.47
N GLY A 114 10.16 -4.04 3.55
CA GLY A 114 10.94 -4.87 4.43
C GLY A 114 12.10 -5.63 3.82
N ASN A 115 12.15 -6.91 4.17
CA ASN A 115 13.23 -7.78 3.73
C ASN A 115 13.38 -7.91 2.24
N ILE A 116 12.29 -8.23 1.53
CA ILE A 116 12.39 -8.43 0.10
C ILE A 116 12.77 -7.15 -0.64
N GLN A 117 12.31 -5.99 -0.15
CA GLN A 117 12.68 -4.73 -0.78
C GLN A 117 14.19 -4.61 -0.72
N MET A 118 14.76 -4.89 0.44
CA MET A 118 16.20 -4.78 0.59
C MET A 118 16.95 -5.74 -0.34
N SER A 119 16.46 -6.97 -0.47
CA SER A 119 17.15 -7.92 -1.35
C SER A 119 17.27 -7.37 -2.75
N ARG A 120 16.19 -6.80 -3.28
CA ARG A 120 16.21 -6.23 -4.63
C ARG A 120 17.21 -5.08 -4.74
N ILE A 121 17.17 -4.17 -3.76
CA ILE A 121 18.10 -3.05 -3.77
C ILE A 121 19.53 -3.60 -3.70
N LEU A 122 19.72 -4.65 -2.91
CA LEU A 122 21.05 -5.28 -2.79
C LEU A 122 21.53 -6.00 -4.07
N GLY A 123 20.70 -6.00 -5.11
CA GLY A 123 21.11 -6.61 -6.35
C GLY A 123 20.80 -8.09 -6.59
N ALA A 124 20.10 -8.74 -5.66
CA ALA A 124 19.77 -10.14 -5.86
C ALA A 124 18.73 -10.31 -6.97
N ASP A 125 18.74 -11.49 -7.59
CA ASP A 125 17.76 -11.84 -8.62
C ASP A 125 16.68 -12.47 -7.72
N VAL A 126 15.61 -11.71 -7.47
CA VAL A 126 14.55 -12.17 -6.59
C VAL A 126 13.43 -12.76 -7.42
N ARG A 127 13.38 -14.09 -7.42
CA ARG A 127 12.38 -14.85 -8.19
C ARG A 127 11.19 -15.30 -7.37
N LEU A 128 10.03 -14.77 -7.72
CA LEU A 128 8.81 -15.10 -7.02
C LEU A 128 8.11 -16.26 -7.73
N VAL A 129 7.91 -17.37 -7.02
CA VAL A 129 7.24 -18.53 -7.61
C VAL A 129 5.86 -18.08 -8.09
N PRO A 130 5.52 -18.38 -9.36
CA PRO A 130 4.26 -18.03 -10.03
C PRO A 130 3.25 -17.20 -9.25
N ASP A 131 2.00 -17.66 -9.23
CA ASP A 131 0.91 -17.01 -8.50
C ASP A 131 0.80 -15.50 -8.72
N ARG A 139 10.67 -27.16 -11.03
CA ARG A 139 11.03 -26.92 -9.63
C ARG A 139 11.92 -25.69 -9.49
N SER A 140 11.38 -24.67 -8.84
CA SER A 140 12.04 -23.38 -8.60
C SER A 140 13.50 -23.46 -8.13
N TRP A 141 13.75 -24.28 -7.11
CA TRP A 141 15.08 -24.41 -6.55
C TRP A 141 16.13 -24.90 -7.55
N GLU A 142 15.87 -26.04 -8.20
CA GLU A 142 16.85 -26.55 -9.14
C GLU A 142 16.96 -25.71 -10.40
N ASP A 143 15.87 -25.06 -10.80
CA ASP A 143 15.98 -24.22 -11.99
C ASP A 143 16.92 -23.06 -11.65
N ALA A 144 16.77 -22.54 -10.43
CA ALA A 144 17.59 -21.44 -9.95
C ALA A 144 19.07 -21.83 -10.03
N LEU A 145 19.43 -22.94 -9.37
CA LEU A 145 20.81 -23.41 -9.36
C LEU A 145 21.33 -23.65 -10.77
N GLU A 146 20.53 -24.32 -11.59
CA GLU A 146 20.95 -24.61 -12.95
C GLU A 146 21.08 -23.32 -13.77
N SER A 147 20.18 -22.37 -13.56
CA SER A 147 20.28 -21.14 -14.34
C SER A 147 21.67 -20.57 -14.15
N VAL A 148 22.20 -20.70 -12.93
CA VAL A 148 23.54 -20.20 -12.64
C VAL A 148 24.59 -20.99 -13.41
N ARG A 149 24.52 -22.31 -13.32
CA ARG A 149 25.48 -23.15 -14.05
C ARG A 149 25.39 -22.78 -15.53
N ALA A 150 24.17 -22.79 -16.06
CA ALA A 150 23.95 -22.45 -17.46
C ALA A 150 24.55 -21.09 -17.82
N ALA A 151 24.64 -20.20 -16.84
CA ALA A 151 25.19 -18.88 -17.09
C ALA A 151 26.72 -18.87 -16.98
N GLY A 152 27.29 -20.01 -16.63
CA GLY A 152 28.74 -20.08 -16.51
C GLY A 152 29.24 -19.87 -15.09
N GLY A 153 28.31 -19.67 -14.15
CA GLY A 153 28.72 -19.45 -12.77
C GLY A 153 28.72 -20.74 -11.98
N LYS A 154 28.96 -20.65 -10.68
CA LYS A 154 28.96 -21.82 -9.82
C LYS A 154 28.21 -21.40 -8.56
N PRO A 155 27.05 -22.00 -8.31
CA PRO A 155 26.24 -21.67 -7.14
C PRO A 155 26.59 -22.40 -5.86
N TYR A 156 26.41 -21.71 -4.74
CA TYR A 156 26.62 -22.31 -3.44
C TYR A 156 25.22 -22.36 -2.89
N ALA A 157 24.68 -23.56 -2.78
CA ALA A 157 23.31 -23.70 -2.30
C ALA A 157 23.16 -23.52 -0.81
N ILE A 158 22.35 -22.54 -0.41
CA ILE A 158 22.09 -22.31 0.99
C ILE A 158 20.62 -22.66 1.21
N PRO A 159 20.34 -23.76 1.92
CA PRO A 159 18.95 -24.19 2.18
C PRO A 159 18.19 -23.22 3.08
N ALA A 160 16.89 -23.41 3.19
CA ALA A 160 16.09 -22.53 4.04
C ALA A 160 16.69 -22.36 5.43
N GLY A 161 16.83 -21.11 5.85
CA GLY A 161 17.36 -20.75 7.14
C GLY A 161 18.79 -21.17 7.43
N CYS A 162 19.48 -21.72 6.42
CA CYS A 162 20.85 -22.19 6.61
C CYS A 162 20.84 -23.43 7.51
N SER A 163 19.65 -23.89 7.88
CA SER A 163 19.58 -24.99 8.81
C SER A 163 20.05 -26.37 8.36
N ASP A 164 19.27 -27.03 7.52
CA ASP A 164 19.57 -28.37 7.03
C ASP A 164 20.78 -28.39 6.09
N HIS A 165 21.95 -28.08 6.63
CA HIS A 165 23.19 -28.03 5.89
C HIS A 165 24.25 -28.50 6.87
N PRO A 166 25.30 -29.16 6.39
CA PRO A 166 26.34 -29.65 7.32
C PRO A 166 26.95 -28.62 8.28
N LEU A 167 27.10 -27.38 7.83
CA LEU A 167 27.69 -26.32 8.66
C LEU A 167 26.68 -25.40 9.34
N GLY A 168 25.40 -25.57 9.01
CA GLY A 168 24.38 -24.70 9.58
C GLY A 168 24.19 -24.66 11.08
N GLY A 169 24.78 -25.60 11.82
CA GLY A 169 24.61 -25.58 13.27
C GLY A 169 25.79 -25.01 14.03
N LEU A 170 26.87 -24.72 13.32
CA LEU A 170 28.09 -24.20 13.92
C LEU A 170 27.99 -22.80 14.50
N GLY A 171 27.35 -21.89 13.76
CA GLY A 171 27.20 -20.53 14.22
C GLY A 171 26.75 -20.50 15.65
N PHE A 172 25.63 -21.15 15.94
CA PHE A 172 25.14 -21.15 17.30
C PHE A 172 25.81 -22.02 18.33
N VAL A 173 26.83 -22.78 17.92
CA VAL A 173 27.57 -23.55 18.92
C VAL A 173 28.46 -22.45 19.51
N GLY A 174 29.03 -21.65 18.61
CA GLY A 174 29.86 -20.54 19.02
C GLY A 174 29.08 -19.54 19.88
N PHE A 175 27.79 -19.40 19.63
CA PHE A 175 26.97 -18.50 20.43
C PHE A 175 27.08 -18.90 21.91
N ALA A 176 27.06 -20.20 22.19
CA ALA A 176 27.17 -20.68 23.58
C ALA A 176 28.56 -20.38 24.12
N GLU A 177 29.53 -20.43 23.21
CA GLU A 177 30.93 -20.16 23.51
C GLU A 177 31.07 -18.70 23.94
N GLU A 178 30.30 -17.85 23.26
CA GLU A 178 30.32 -16.43 23.52
C GLU A 178 29.70 -16.19 24.86
N VAL A 179 28.54 -16.80 25.10
CA VAL A 179 27.85 -16.63 26.36
C VAL A 179 28.70 -17.06 27.56
N ARG A 180 29.55 -18.06 27.39
CA ARG A 180 30.41 -18.51 28.49
C ARG A 180 31.45 -17.44 28.80
N ALA A 181 32.06 -16.88 27.77
CA ALA A 181 33.06 -15.84 27.95
C ALA A 181 32.44 -14.61 28.60
N GLN A 182 31.17 -14.36 28.30
CA GLN A 182 30.49 -13.20 28.86
C GLN A 182 30.07 -13.48 30.28
N GLU A 183 29.71 -14.72 30.56
CA GLU A 183 29.33 -15.09 31.91
C GLU A 183 30.57 -15.00 32.81
N ALA A 184 31.74 -15.25 32.24
CA ALA A 184 32.99 -15.16 32.99
C ALA A 184 33.11 -13.73 33.52
N GLU A 185 32.90 -12.76 32.63
CA GLU A 185 32.97 -11.36 33.00
C GLU A 185 31.82 -10.97 33.91
N LEU A 186 30.68 -11.65 33.74
CA LEU A 186 29.50 -11.37 34.54
C LEU A 186 29.57 -11.98 35.92
N GLY A 187 30.41 -13.00 36.08
CA GLY A 187 30.51 -13.63 37.38
C GLY A 187 29.35 -14.57 37.68
N PHE A 188 28.49 -14.83 36.71
CA PHE A 188 27.39 -15.76 36.94
C PHE A 188 26.99 -16.39 35.63
N LYS A 189 26.18 -17.44 35.71
CA LYS A 189 25.71 -18.13 34.51
C LYS A 189 24.19 -18.01 34.38
N PHE A 190 23.73 -17.81 33.16
CA PHE A 190 22.29 -17.71 32.94
C PHE A 190 21.66 -19.06 33.23
N ASP A 191 20.49 -19.03 33.82
CA ASP A 191 19.78 -20.25 34.15
C ASP A 191 19.07 -20.83 32.92
N TYR A 192 18.69 -19.97 31.99
CA TYR A 192 18.00 -20.43 30.79
C TYR A 192 18.26 -19.52 29.60
N VAL A 193 17.96 -20.03 28.42
CA VAL A 193 18.08 -19.27 27.17
C VAL A 193 16.79 -19.50 26.41
N VAL A 194 16.18 -18.43 25.91
CA VAL A 194 14.93 -18.51 25.17
C VAL A 194 15.24 -18.14 23.71
N VAL A 195 14.88 -19.04 22.79
CA VAL A 195 15.17 -18.83 21.38
C VAL A 195 13.99 -19.25 20.50
N CYS A 196 13.71 -18.43 19.48
CA CYS A 196 12.62 -18.75 18.57
C CYS A 196 13.11 -19.81 17.60
N SER A 197 12.28 -20.82 17.34
CA SER A 197 12.72 -21.87 16.44
C SER A 197 11.76 -22.20 15.30
N VAL A 198 12.31 -22.27 14.09
CA VAL A 198 11.54 -22.61 12.92
C VAL A 198 12.27 -23.60 12.03
N THR A 199 13.38 -23.23 11.38
CA THR A 199 14.02 -24.25 10.59
C THR A 199 14.93 -25.10 11.50
N GLY A 200 15.27 -24.56 12.68
CA GLY A 200 16.02 -25.35 13.66
C GLY A 200 17.50 -25.31 13.97
N SER A 201 18.34 -24.90 13.03
CA SER A 201 19.75 -24.92 13.30
C SER A 201 20.25 -23.83 14.27
N THR A 202 19.37 -22.91 14.68
CA THR A 202 19.80 -21.90 15.63
C THR A 202 19.78 -22.61 16.99
N GLN A 203 18.63 -23.15 17.35
CA GLN A 203 18.50 -23.85 18.61
C GLN A 203 19.39 -25.10 18.63
N ALA A 204 19.69 -25.63 17.44
CA ALA A 204 20.54 -26.82 17.37
C ALA A 204 21.92 -26.51 17.90
N GLY A 205 22.52 -25.44 17.37
CA GLY A 205 23.85 -25.04 17.82
C GLY A 205 23.89 -24.70 19.30
N MET A 206 22.82 -24.10 19.79
CA MET A 206 22.74 -23.73 21.19
C MET A 206 22.64 -24.96 22.08
N VAL A 207 21.87 -25.95 21.65
CA VAL A 207 21.69 -27.18 22.41
C VAL A 207 23.06 -27.86 22.52
N VAL A 208 23.77 -27.96 21.39
CA VAL A 208 25.08 -28.57 21.36
C VAL A 208 26.04 -27.72 22.17
N GLY A 209 26.01 -26.41 21.94
CA GLY A 209 26.89 -25.49 22.65
C GLY A 209 26.74 -25.53 24.15
N PHE A 210 25.52 -25.64 24.65
CA PHE A 210 25.32 -25.67 26.10
C PHE A 210 25.31 -27.08 26.69
N ALA A 211 25.24 -28.09 25.82
CA ALA A 211 25.30 -29.47 26.30
C ALA A 211 26.70 -29.59 26.91
N ALA A 212 27.67 -28.93 26.27
CA ALA A 212 29.06 -28.92 26.73
C ALA A 212 29.14 -28.70 28.24
N ASP A 213 28.36 -27.77 28.78
CA ASP A 213 28.39 -27.57 30.22
C ASP A 213 27.08 -28.00 30.88
N GLY A 214 26.46 -29.04 30.32
CA GLY A 214 25.22 -29.58 30.85
C GLY A 214 23.98 -28.69 30.95
N ARG A 215 23.80 -27.82 29.96
CA ARG A 215 22.63 -26.94 29.99
C ARG A 215 21.78 -27.01 28.72
N ALA A 216 22.04 -28.02 27.89
CA ALA A 216 21.28 -28.19 26.65
C ALA A 216 19.79 -28.09 26.96
N ASP A 217 19.36 -28.67 28.06
CA ASP A 217 17.95 -28.66 28.47
C ASP A 217 17.51 -27.31 29.02
N ARG A 218 18.44 -26.38 29.17
CA ARG A 218 18.10 -25.05 29.68
C ARG A 218 17.77 -24.12 28.51
N VAL A 219 18.06 -24.57 27.29
CA VAL A 219 17.77 -23.80 26.08
C VAL A 219 16.29 -24.04 25.78
N ILE A 220 15.44 -23.09 26.15
CA ILE A 220 14.01 -23.24 25.90
C ILE A 220 13.57 -22.69 24.54
N GLY A 221 13.46 -23.56 23.55
CA GLY A 221 13.04 -23.15 22.23
C GLY A 221 11.54 -22.87 22.22
N VAL A 222 11.14 -21.85 21.46
CA VAL A 222 9.73 -21.48 21.32
C VAL A 222 9.42 -21.69 19.84
N ASP A 223 8.48 -22.60 19.59
CA ASP A 223 8.11 -22.89 18.22
C ASP A 223 7.36 -21.75 17.53
N ALA A 224 7.75 -21.43 16.31
CA ALA A 224 7.06 -20.40 15.53
C ALA A 224 6.63 -20.99 14.18
N SER A 225 6.93 -22.28 13.99
CA SER A 225 6.60 -22.98 12.76
C SER A 225 5.14 -23.46 12.72
N ALA A 226 4.58 -23.72 13.89
CA ALA A 226 3.22 -24.23 13.99
C ALA A 226 3.19 -25.70 13.52
N LYS A 227 4.37 -26.28 13.36
CA LYS A 227 4.52 -27.70 13.00
C LYS A 227 5.60 -28.23 13.97
N PRO A 228 5.29 -28.19 15.28
CA PRO A 228 6.11 -28.62 16.44
C PRO A 228 6.90 -29.89 16.21
N ALA A 229 6.17 -30.97 15.94
CA ALA A 229 6.77 -32.28 15.71
C ALA A 229 7.92 -32.22 14.72
N GLN A 230 7.66 -31.71 13.52
CA GLN A 230 8.69 -31.64 12.49
C GLN A 230 9.88 -30.82 12.92
N THR A 231 9.59 -29.64 13.46
CA THR A 231 10.62 -28.72 13.89
C THR A 231 11.47 -29.35 15.00
N ARG A 232 10.78 -29.85 16.03
CA ARG A 232 11.46 -30.52 17.14
C ARG A 232 12.41 -31.59 16.59
N GLU A 233 11.92 -32.37 15.62
CA GLU A 233 12.72 -33.43 15.02
C GLU A 233 13.92 -32.82 14.28
N GLN A 234 13.69 -31.78 13.49
CA GLN A 234 14.79 -31.16 12.75
C GLN A 234 15.87 -30.61 13.69
N ILE A 235 15.45 -30.09 14.84
CA ILE A 235 16.42 -29.56 15.79
C ILE A 235 17.23 -30.77 16.31
N THR A 236 16.51 -31.71 16.91
CA THR A 236 17.13 -32.92 17.45
C THR A 236 18.11 -33.51 16.44
N ARG A 237 17.70 -33.64 15.18
CA ARG A 237 18.56 -34.20 14.16
C ARG A 237 19.77 -33.34 13.87
N ILE A 238 19.54 -32.05 13.60
CA ILE A 238 20.64 -31.13 13.31
C ILE A 238 21.59 -31.05 14.52
N ALA A 239 21.03 -31.12 15.72
CA ALA A 239 21.86 -31.09 16.92
C ALA A 239 22.85 -32.27 16.89
N ARG A 240 22.33 -33.48 16.84
CA ARG A 240 23.16 -34.68 16.82
C ARG A 240 24.27 -34.62 15.76
N GLN A 241 23.92 -34.16 14.57
CA GLN A 241 24.88 -34.06 13.48
C GLN A 241 25.96 -33.05 13.79
N THR A 242 25.56 -31.92 14.38
CA THR A 242 26.52 -30.88 14.71
C THR A 242 27.39 -31.37 15.85
N ALA A 243 26.77 -32.06 16.79
CA ALA A 243 27.48 -32.59 17.95
C ALA A 243 28.63 -33.42 17.42
N GLU A 244 28.39 -34.21 16.38
CA GLU A 244 29.44 -35.03 15.81
C GLU A 244 30.50 -34.16 15.13
N LYS A 245 30.05 -33.16 14.37
CA LYS A 245 30.94 -32.27 13.64
C LYS A 245 31.96 -31.51 14.50
N VAL A 246 31.63 -31.18 15.75
CA VAL A 246 32.58 -30.44 16.56
C VAL A 246 33.39 -31.29 17.53
N GLY A 247 32.71 -32.19 18.23
CA GLY A 247 33.41 -33.06 19.16
C GLY A 247 32.73 -33.17 20.50
N LEU A 248 31.44 -32.89 20.52
CA LEU A 248 30.68 -32.95 21.76
C LEU A 248 30.99 -34.28 22.45
N GLU A 249 31.66 -34.19 23.58
CA GLU A 249 32.04 -35.37 24.35
C GLU A 249 30.84 -36.01 25.02
N ARG A 250 29.65 -35.72 24.49
CA ARG A 250 28.40 -36.26 25.04
C ARG A 250 27.38 -36.44 23.90
N ASP A 251 26.29 -37.12 24.20
CA ASP A 251 25.27 -37.32 23.19
C ASP A 251 24.01 -36.54 23.50
N ILE A 252 23.41 -35.97 22.45
CA ILE A 252 22.19 -35.20 22.58
C ILE A 252 21.00 -36.13 22.78
N MET A 253 20.37 -36.06 23.95
CA MET A 253 19.22 -36.89 24.25
C MET A 253 17.94 -36.18 23.83
N ARG A 254 16.86 -36.93 23.69
CA ARG A 254 15.59 -36.34 23.32
C ARG A 254 15.14 -35.36 24.41
N ALA A 255 15.69 -35.52 25.61
CA ALA A 255 15.34 -34.63 26.71
C ALA A 255 16.15 -33.34 26.66
N ASP A 256 17.15 -33.31 25.78
CA ASP A 256 18.00 -32.14 25.63
C ASP A 256 17.35 -31.08 24.73
N VAL A 257 16.35 -31.48 23.95
CA VAL A 257 15.69 -30.54 23.06
C VAL A 257 14.34 -30.12 23.62
N VAL A 258 14.26 -28.87 24.05
CA VAL A 258 13.03 -28.33 24.60
C VAL A 258 12.41 -27.39 23.54
N LEU A 259 11.11 -27.53 23.33
CA LEU A 259 10.41 -26.68 22.35
C LEU A 259 8.99 -26.45 22.80
N ASP A 260 8.70 -25.25 23.33
CA ASP A 260 7.35 -24.95 23.80
C ASP A 260 6.47 -24.68 22.58
N GLU A 261 5.38 -25.43 22.47
CA GLU A 261 4.47 -25.30 21.32
C GLU A 261 3.30 -24.36 21.57
N ARG A 262 3.25 -23.71 22.72
CA ARG A 262 2.11 -22.86 23.04
C ARG A 262 2.01 -21.48 22.37
N PHE A 263 3.08 -21.02 21.73
CA PHE A 263 3.06 -19.67 21.19
C PHE A 263 3.23 -19.51 19.69
N ALA A 264 3.07 -20.60 18.93
CA ALA A 264 3.22 -20.54 17.49
C ALA A 264 1.99 -20.16 16.70
N GLY A 265 0.81 -20.22 17.34
CA GLY A 265 -0.45 -19.94 16.65
C GLY A 265 -0.63 -18.59 16.00
N PRO A 266 -1.53 -18.49 15.00
CA PRO A 266 -2.34 -19.60 14.49
C PRO A 266 -1.64 -20.47 13.45
N GLU A 267 -0.70 -19.86 12.72
CA GLU A 267 0.05 -20.54 11.67
C GLU A 267 1.39 -19.83 11.51
N TYR A 268 2.30 -20.44 10.78
CA TYR A 268 3.58 -19.79 10.56
C TYR A 268 3.29 -18.45 9.86
N GLY A 269 3.99 -17.39 10.26
CA GLY A 269 3.81 -16.09 9.63
C GLY A 269 2.64 -15.25 10.06
N LEU A 270 1.79 -15.76 10.94
CA LEU A 270 0.65 -15.01 11.41
C LEU A 270 0.75 -14.88 12.91
N PRO A 271 0.61 -13.65 13.43
CA PRO A 271 0.69 -13.44 14.88
C PRO A 271 -0.67 -13.70 15.50
N ASN A 272 -0.72 -13.95 16.82
CA ASN A 272 -2.00 -14.11 17.51
C ASN A 272 -2.08 -12.87 18.40
N GLU A 273 -3.17 -12.70 19.15
CA GLU A 273 -3.28 -11.52 20.01
C GLU A 273 -2.16 -11.42 21.04
N GLY A 274 -1.72 -12.57 21.54
CA GLY A 274 -0.64 -12.60 22.53
C GLY A 274 0.64 -12.11 21.90
N THR A 275 0.88 -12.52 20.66
CA THR A 275 2.09 -12.09 19.95
C THR A 275 2.12 -10.54 19.93
N LEU A 276 1.01 -9.91 19.53
CA LEU A 276 0.94 -8.45 19.46
C LEU A 276 1.18 -7.76 20.81
N GLU A 277 0.52 -8.25 21.86
CA GLU A 277 0.67 -7.72 23.22
C GLU A 277 2.13 -7.77 23.62
N ALA A 278 2.75 -8.91 23.36
CA ALA A 278 4.15 -9.12 23.68
C ALA A 278 5.03 -8.11 22.98
N ILE A 279 4.81 -7.93 21.68
CA ILE A 279 5.62 -6.98 20.93
C ILE A 279 5.47 -5.60 21.54
N ARG A 280 4.24 -5.22 21.80
CA ARG A 280 4.01 -3.90 22.36
C ARG A 280 4.59 -3.74 23.76
N LEU A 281 4.36 -4.73 24.62
CA LEU A 281 4.85 -4.65 26.00
C LEU A 281 6.36 -4.45 26.05
N CYS A 282 7.06 -5.33 25.36
CA CYS A 282 8.52 -5.30 25.31
C CYS A 282 9.05 -4.04 24.65
N ALA A 283 8.41 -3.58 23.58
CA ALA A 283 8.87 -2.37 22.90
C ALA A 283 8.64 -1.16 23.79
N ARG A 284 7.54 -1.21 24.53
CA ARG A 284 7.17 -0.08 25.37
C ARG A 284 7.90 0.02 26.71
N THR A 285 8.42 -1.10 27.20
CA THR A 285 9.15 -1.11 28.46
C THR A 285 10.66 -1.11 28.25
N GLU A 286 11.10 -1.51 27.06
CA GLU A 286 12.55 -1.57 26.81
C GLU A 286 13.05 -0.90 25.56
N GLY A 287 12.12 -0.55 24.67
CA GLY A 287 12.53 0.11 23.44
C GLY A 287 13.17 -0.88 22.49
N MET A 288 12.87 -2.15 22.70
CA MET A 288 13.38 -3.23 21.86
C MET A 288 12.20 -3.81 21.07
N LEU A 289 12.29 -3.70 19.75
CA LEU A 289 11.24 -4.18 18.87
C LEU A 289 11.40 -5.65 18.52
N THR A 290 10.27 -6.35 18.33
CA THR A 290 10.27 -7.74 17.88
C THR A 290 9.23 -7.83 16.78
N ASP A 291 9.26 -8.90 15.97
CA ASP A 291 8.33 -9.02 14.85
C ASP A 291 7.15 -9.97 15.06
N PRO A 292 6.10 -9.85 14.23
CA PRO A 292 4.94 -10.73 14.38
C PRO A 292 5.08 -12.17 13.93
N VAL A 293 6.17 -12.49 13.23
CA VAL A 293 6.44 -13.85 12.71
C VAL A 293 7.29 -14.71 13.64
N TYR A 294 8.44 -14.17 14.03
CA TYR A 294 9.41 -14.88 14.87
C TYR A 294 9.61 -14.40 16.29
N GLU A 295 10.43 -13.36 16.45
CA GLU A 295 10.78 -12.88 17.78
C GLU A 295 9.62 -12.50 18.67
N GLY A 296 8.54 -12.02 18.08
CA GLY A 296 7.38 -11.65 18.87
C GLY A 296 6.79 -12.88 19.51
N LYS A 297 6.97 -14.01 18.84
CA LYS A 297 6.42 -15.25 19.36
C LYS A 297 7.29 -15.76 20.51
N SER A 298 8.61 -15.68 20.36
CA SER A 298 9.48 -16.13 21.44
C SER A 298 9.35 -15.17 22.63
N MET A 299 9.16 -13.89 22.37
CA MET A 299 9.00 -12.90 23.43
C MET A 299 7.70 -13.21 24.17
N HIS A 300 6.67 -13.54 23.42
CA HIS A 300 5.37 -13.86 24.01
C HIS A 300 5.58 -15.06 24.95
N GLY A 301 6.36 -16.02 24.49
CA GLY A 301 6.63 -17.21 25.27
C GLY A 301 7.27 -16.88 26.61
N MET A 302 8.36 -16.15 26.55
CA MET A 302 9.07 -15.76 27.77
C MET A 302 8.19 -15.00 28.77
N ILE A 303 7.42 -14.03 28.30
CA ILE A 303 6.58 -13.25 29.17
C ILE A 303 5.53 -14.12 29.88
N GLU A 304 4.92 -15.02 29.13
CA GLU A 304 3.91 -15.92 29.67
C GLU A 304 4.61 -16.88 30.66
N MET A 305 5.78 -17.36 30.26
CA MET A 305 6.53 -18.25 31.12
C MET A 305 6.74 -17.56 32.46
N VAL A 306 7.34 -16.38 32.43
CA VAL A 306 7.57 -15.62 33.65
C VAL A 306 6.26 -15.40 34.38
N ARG A 307 5.22 -14.96 33.65
CA ARG A 307 3.92 -14.67 34.26
C ARG A 307 3.25 -15.88 34.90
N ASN A 308 3.55 -17.07 34.39
CA ASN A 308 2.95 -18.28 34.95
C ASN A 308 3.76 -18.86 36.10
N GLY A 309 4.88 -18.20 36.43
CA GLY A 309 5.72 -18.69 37.50
C GLY A 309 6.36 -20.01 37.08
N GLU A 310 6.74 -20.08 35.81
CA GLU A 310 7.37 -21.29 35.29
C GLU A 310 8.87 -21.20 35.42
N PHE A 311 9.37 -20.00 35.67
CA PHE A 311 10.80 -19.81 35.86
C PHE A 311 10.99 -19.73 37.37
N PRO A 312 11.96 -20.48 37.91
CA PRO A 312 12.25 -20.49 39.36
C PRO A 312 12.61 -19.09 39.82
N GLU A 313 11.97 -18.61 40.87
CA GLU A 313 12.25 -17.24 41.35
C GLU A 313 13.74 -17.03 41.46
N GLY A 314 14.21 -15.91 40.93
CA GLY A 314 15.63 -15.63 40.98
C GLY A 314 16.36 -16.14 39.75
N SER A 315 15.68 -16.84 38.86
CA SER A 315 16.34 -17.33 37.64
C SER A 315 16.82 -16.16 36.77
N ARG A 316 17.84 -16.42 35.95
CA ARG A 316 18.34 -15.41 35.04
C ARG A 316 18.14 -15.99 33.64
N VAL A 317 17.23 -15.38 32.87
CA VAL A 317 16.89 -15.85 31.52
C VAL A 317 17.48 -15.01 30.39
N LEU A 318 18.20 -15.67 29.48
CA LEU A 318 18.78 -14.98 28.36
C LEU A 318 17.92 -15.13 27.10
N TYR A 319 17.23 -14.06 26.74
CA TYR A 319 16.39 -14.03 25.53
C TYR A 319 17.29 -13.74 24.35
N ALA A 320 17.35 -14.67 23.40
CA ALA A 320 18.17 -14.46 22.21
C ALA A 320 17.31 -13.67 21.23
N HIS A 321 17.74 -12.47 20.86
CA HIS A 321 16.96 -11.72 19.89
C HIS A 321 17.63 -12.00 18.58
N LEU A 322 16.95 -12.75 17.72
CA LEU A 322 17.51 -13.18 16.45
C LEU A 322 17.38 -12.24 15.25
N GLY A 323 16.64 -11.15 15.42
CA GLY A 323 16.44 -10.16 14.36
C GLY A 323 15.02 -10.15 13.85
N GLY A 324 14.84 -10.01 12.55
CA GLY A 324 13.50 -10.07 11.98
C GLY A 324 12.62 -8.83 11.98
N VAL A 325 13.09 -7.75 12.60
CA VAL A 325 12.30 -6.53 12.67
C VAL A 325 11.85 -5.92 11.34
N PRO A 326 12.69 -5.94 10.30
CA PRO A 326 12.16 -5.33 9.07
C PRO A 326 10.84 -5.92 8.55
N ALA A 327 10.50 -7.17 8.93
CA ALA A 327 9.25 -7.76 8.44
C ALA A 327 8.02 -7.04 8.98
N LEU A 328 8.22 -6.20 9.99
CA LEU A 328 7.14 -5.42 10.59
C LEU A 328 6.38 -4.62 9.49
N ASN A 329 7.13 -4.16 8.50
CA ASN A 329 6.58 -3.39 7.39
C ASN A 329 5.52 -4.12 6.58
N GLY A 330 5.53 -5.46 6.63
CA GLY A 330 4.55 -6.22 5.89
C GLY A 330 3.26 -6.42 6.66
N TYR A 331 3.20 -5.90 7.89
CA TYR A 331 2.01 -6.02 8.73
C TYR A 331 1.60 -4.63 9.21
N SER A 332 1.63 -3.67 8.31
CA SER A 332 1.31 -2.31 8.69
C SER A 332 -0.10 -2.06 9.24
N PHE A 333 -1.11 -2.71 8.69
CA PHE A 333 -2.49 -2.43 9.14
C PHE A 333 -2.69 -2.76 10.64
N ILE A 334 -2.13 -3.89 11.05
CA ILE A 334 -2.20 -4.37 12.42
C ILE A 334 -1.63 -3.37 13.41
N PHE A 335 -0.63 -2.60 13.00
CA PHE A 335 0.00 -1.65 13.91
C PHE A 335 -0.29 -0.18 13.59
N ARG A 336 -1.32 0.05 12.77
CA ARG A 336 -1.67 1.41 12.34
C ARG A 336 -1.90 2.38 13.49
N ASP A 337 -2.35 1.88 14.63
CA ASP A 337 -2.56 2.73 15.79
C ASP A 337 -1.65 2.25 16.92
N GLY A 338 -0.56 1.58 16.58
CA GLY A 338 0.35 1.09 17.60
C GLY A 338 0.22 -0.41 17.82
N MET B 1 39.92 22.67 24.29
CA MET B 1 38.48 22.41 24.62
C MET B 1 38.31 21.25 25.61
N ASN B 2 37.09 21.06 26.08
CA ASN B 2 36.81 20.00 27.03
C ASN B 2 35.33 19.59 27.04
N LEU B 3 35.06 18.47 26.38
CA LEU B 3 33.71 17.92 26.27
C LEU B 3 33.31 17.14 27.53
N GLN B 4 34.31 16.53 28.16
CA GLN B 4 34.12 15.72 29.37
C GLN B 4 33.37 16.45 30.48
N ARG B 5 33.31 17.77 30.41
CA ARG B 5 32.60 18.53 31.42
C ARG B 5 31.12 18.18 31.41
N PHE B 6 30.63 17.75 30.24
CA PHE B 6 29.22 17.41 30.11
C PHE B 6 28.92 15.93 30.22
N PRO B 7 27.95 15.58 31.07
CA PRO B 7 27.57 14.18 31.27
C PRO B 7 26.93 13.59 30.02
N ARG B 8 27.13 12.29 29.83
CA ARG B 8 26.58 11.57 28.68
C ARG B 8 25.84 10.34 29.16
N TYR B 9 24.60 10.18 28.70
CA TYR B 9 23.80 9.04 29.09
C TYR B 9 23.93 7.95 28.02
N PRO B 10 24.54 6.82 28.36
CA PRO B 10 24.74 5.70 27.43
C PRO B 10 23.46 5.21 26.73
N LEU B 11 23.35 5.50 25.44
CA LEU B 11 22.19 5.06 24.66
C LEU B 11 22.70 4.20 23.52
N THR B 12 24.02 4.04 23.46
CA THR B 12 24.64 3.28 22.40
C THR B 12 25.45 2.10 22.93
N PHE B 13 25.92 1.26 22.01
CA PHE B 13 26.73 0.10 22.38
C PHE B 13 28.15 0.54 22.71
N GLY B 14 28.52 1.73 22.25
CA GLY B 14 29.86 2.22 22.49
C GLY B 14 30.40 2.81 21.21
N PRO B 15 31.73 2.97 21.07
CA PRO B 15 32.23 3.55 19.82
C PRO B 15 31.79 2.81 18.59
N THR B 16 31.45 3.55 17.53
CA THR B 16 30.98 2.94 16.31
C THR B 16 32.13 2.47 15.43
N PRO B 17 31.96 1.28 14.83
CA PRO B 17 33.02 0.75 13.98
C PRO B 17 33.24 1.46 12.65
N ILE B 18 34.49 1.41 12.20
CA ILE B 18 34.86 1.97 10.90
C ILE B 18 35.15 0.76 9.99
N GLN B 19 34.59 0.78 8.78
CA GLN B 19 34.79 -0.33 7.86
C GLN B 19 35.34 0.15 6.54
N PRO B 20 36.17 -0.67 5.90
CA PRO B 20 36.73 -0.30 4.60
C PRO B 20 35.61 -0.54 3.57
N LEU B 21 35.56 0.28 2.52
CA LEU B 21 34.60 0.12 1.45
C LEU B 21 35.51 -0.17 0.25
N ALA B 22 36.22 -1.29 0.36
CA ALA B 22 37.17 -1.73 -0.65
C ALA B 22 36.55 -1.94 -2.03
N ARG B 23 35.49 -2.74 -2.07
CA ARG B 23 34.79 -3.05 -3.32
C ARG B 23 34.33 -1.77 -4.00
N LEU B 24 33.69 -0.88 -3.26
CA LEU B 24 33.25 0.38 -3.86
C LEU B 24 34.46 1.22 -4.29
N SER B 25 35.47 1.30 -3.43
CA SER B 25 36.66 2.08 -3.77
C SER B 25 37.27 1.56 -5.07
N LYS B 26 37.41 0.24 -5.18
CA LYS B 26 38.00 -0.37 -6.37
C LYS B 26 37.16 -0.12 -7.61
N HIS B 27 35.85 -0.18 -7.44
CA HIS B 27 34.91 0.03 -8.53
C HIS B 27 35.05 1.43 -9.12
N LEU B 28 35.32 2.40 -8.26
CA LEU B 28 35.45 3.79 -8.69
C LEU B 28 36.84 4.18 -9.21
N GLY B 29 37.78 3.25 -9.20
CA GLY B 29 39.10 3.56 -9.71
C GLY B 29 40.28 3.18 -8.84
N GLY B 30 40.04 2.96 -7.56
CA GLY B 30 41.12 2.58 -6.65
C GLY B 30 42.02 3.73 -6.22
N LYS B 31 41.75 4.92 -6.75
CA LYS B 31 42.58 6.07 -6.41
C LYS B 31 42.24 6.72 -5.07
N VAL B 32 41.04 6.45 -4.57
CA VAL B 32 40.61 7.03 -3.31
C VAL B 32 40.13 5.92 -2.38
N HIS B 33 40.65 5.90 -1.15
CA HIS B 33 40.27 4.87 -0.20
C HIS B 33 39.07 5.29 0.63
N LEU B 34 37.94 4.60 0.45
CA LEU B 34 36.70 4.93 1.17
C LEU B 34 36.40 4.03 2.36
N TYR B 35 35.93 4.65 3.45
CA TYR B 35 35.57 3.94 4.67
C TYR B 35 34.19 4.41 5.15
N ALA B 36 33.62 3.74 6.14
CA ALA B 36 32.33 4.15 6.65
C ALA B 36 32.33 3.95 8.14
N LYS B 37 31.95 4.99 8.89
CA LYS B 37 31.89 4.88 10.33
C LYS B 37 30.38 4.63 10.46
N ARG B 38 30.03 3.53 11.09
CA ARG B 38 28.63 3.13 11.17
C ARG B 38 27.83 3.68 12.33
N GLU B 39 27.37 4.91 12.20
CA GLU B 39 26.53 5.47 13.25
C GLU B 39 25.15 4.76 13.16
N ASP B 40 24.85 4.21 11.98
CA ASP B 40 23.58 3.51 11.79
C ASP B 40 23.48 2.19 12.55
N CYS B 41 24.59 1.75 13.14
CA CYS B 41 24.60 0.51 13.92
C CYS B 41 25.02 0.79 15.37
N ASN B 42 24.73 1.98 15.87
CA ASN B 42 25.18 2.34 17.22
C ASN B 42 24.31 1.96 18.39
N SER B 43 23.11 1.44 18.16
CA SER B 43 22.25 1.17 19.30
C SER B 43 21.23 0.03 19.14
N GLY B 44 20.79 -0.48 20.29
CA GLY B 44 19.79 -1.53 20.30
C GLY B 44 18.40 -0.93 20.31
N LEU B 45 18.35 0.40 20.40
CA LEU B 45 17.09 1.11 20.46
C LEU B 45 16.50 1.46 19.08
N ALA B 46 15.74 0.52 18.54
CA ALA B 46 15.08 0.67 17.25
C ALA B 46 15.97 1.21 16.13
N PHE B 47 17.13 0.59 15.97
CA PHE B 47 18.15 0.90 14.95
C PHE B 47 19.03 2.13 15.18
N GLY B 48 18.68 2.96 16.15
CA GLY B 48 19.48 4.15 16.44
C GLY B 48 19.86 5.00 15.26
N GLY B 49 21.11 5.46 15.24
CA GLY B 49 21.60 6.34 14.20
C GLY B 49 22.20 7.61 14.82
N ASN B 50 22.61 8.54 13.97
CA ASN B 50 23.23 9.79 14.40
C ASN B 50 22.46 10.54 15.49
N LYS B 51 21.13 10.53 15.41
CA LYS B 51 20.31 11.24 16.39
C LYS B 51 20.49 10.68 17.78
N THR B 52 20.73 9.38 17.85
CA THR B 52 20.94 8.72 19.11
C THR B 52 22.24 9.17 19.76
N ARG B 53 23.29 9.41 18.97
CA ARG B 53 24.54 9.86 19.56
C ARG B 53 24.27 11.24 20.19
N LYS B 54 23.44 12.05 19.51
CA LYS B 54 23.08 13.38 20.02
C LYS B 54 22.33 13.28 21.34
N LEU B 55 21.28 12.46 21.35
CA LEU B 55 20.47 12.31 22.55
C LEU B 55 21.19 11.95 23.84
N GLU B 56 22.37 11.35 23.72
CA GLU B 56 23.11 10.95 24.92
C GLU B 56 23.50 12.18 25.77
N TYR B 57 23.72 13.30 25.12
CA TYR B 57 24.10 14.51 25.85
C TYR B 57 22.89 15.32 26.32
N LEU B 58 21.72 15.07 25.75
CA LEU B 58 20.51 15.79 26.18
C LEU B 58 19.76 15.11 27.31
N ILE B 59 19.83 13.78 27.37
CA ILE B 59 19.08 13.04 28.39
C ILE B 59 19.43 13.41 29.83
N PRO B 60 20.72 13.56 30.16
CA PRO B 60 21.09 13.93 31.53
C PRO B 60 20.29 15.17 31.99
N GLU B 61 20.22 16.19 31.13
CA GLU B 61 19.49 17.42 31.43
C GLU B 61 18.01 17.11 31.67
N ALA B 62 17.43 16.29 30.80
CA ALA B 62 16.03 15.92 30.93
C ALA B 62 15.83 15.25 32.28
N LEU B 63 16.76 14.38 32.65
CA LEU B 63 16.65 13.66 33.91
C LEU B 63 16.86 14.57 35.12
N ALA B 64 17.87 15.42 35.04
CA ALA B 64 18.14 16.35 36.12
C ALA B 64 16.90 17.19 36.32
N GLN B 65 16.39 17.72 35.21
CA GLN B 65 15.19 18.55 35.24
C GLN B 65 13.96 17.80 35.74
N GLY B 66 14.09 16.50 36.00
CA GLY B 66 12.93 15.74 36.45
C GLY B 66 11.81 15.60 35.43
N CYS B 67 12.13 15.75 34.14
CA CYS B 67 11.12 15.63 33.10
C CYS B 67 10.59 14.19 33.02
N ASP B 68 9.34 14.02 32.61
CA ASP B 68 8.76 12.67 32.52
C ASP B 68 8.28 12.32 31.11
N THR B 69 8.35 13.28 30.20
CA THR B 69 7.88 13.05 28.84
C THR B 69 8.79 13.76 27.87
N LEU B 70 9.25 13.05 26.84
CA LEU B 70 10.11 13.65 25.82
C LEU B 70 9.20 14.06 24.67
N VAL B 71 9.31 15.31 24.24
CA VAL B 71 8.49 15.78 23.15
C VAL B 71 9.38 16.20 21.99
N SER B 72 9.11 15.66 20.80
CA SER B 72 9.91 16.06 19.65
C SER B 72 9.03 16.27 18.44
N ILE B 73 9.64 16.49 17.29
CA ILE B 73 8.89 16.82 16.10
C ILE B 73 9.70 16.42 14.86
N GLY B 74 9.01 16.23 13.75
CA GLY B 74 9.68 15.86 12.51
C GLY B 74 8.69 15.50 11.41
N GLY B 75 9.22 15.22 10.22
CA GLY B 75 8.38 14.81 9.11
C GLY B 75 7.76 13.43 9.38
N ILE B 76 6.92 12.96 8.46
CA ILE B 76 6.28 11.67 8.64
C ILE B 76 7.28 10.52 8.78
N GLN B 77 8.33 10.51 7.94
CA GLN B 77 9.32 9.43 8.01
C GLN B 77 10.57 9.85 8.75
N SER B 78 10.38 10.74 9.71
CA SER B 78 11.47 11.23 10.53
C SER B 78 12.20 10.11 11.29
N ASN B 79 13.54 10.13 11.26
CA ASN B 79 14.35 9.16 11.98
C ASN B 79 14.45 9.61 13.42
N GLN B 80 14.67 10.91 13.60
CA GLN B 80 14.77 11.52 14.91
C GLN B 80 13.60 11.13 15.81
N THR B 81 12.38 11.36 15.36
CA THR B 81 11.22 11.06 16.19
C THR B 81 11.15 9.59 16.61
N ARG B 82 11.51 8.69 15.70
CA ARG B 82 11.52 7.25 16.00
C ARG B 82 12.55 6.95 17.08
N GLN B 83 13.71 7.61 17.02
CA GLN B 83 14.74 7.39 18.03
C GLN B 83 14.30 7.93 19.38
N VAL B 84 13.66 9.10 19.39
CA VAL B 84 13.21 9.67 20.66
C VAL B 84 12.19 8.72 21.30
N ALA B 85 11.32 8.15 20.48
CA ALA B 85 10.32 7.21 20.99
C ALA B 85 11.00 6.00 21.65
N ALA B 86 12.07 5.52 21.03
CA ALA B 86 12.78 4.35 21.56
C ALA B 86 13.52 4.71 22.86
N VAL B 87 14.28 5.79 22.82
CA VAL B 87 15.00 6.26 24.00
C VAL B 87 13.96 6.44 25.13
N ALA B 88 12.87 7.13 24.82
CA ALA B 88 11.79 7.37 25.76
C ALA B 88 11.36 6.11 26.52
N ALA B 89 10.94 5.09 25.77
CA ALA B 89 10.49 3.83 26.36
C ALA B 89 11.55 3.23 27.23
N HIS B 90 12.78 3.26 26.73
CA HIS B 90 13.93 2.73 27.43
C HIS B 90 14.17 3.42 28.75
N LEU B 91 13.94 4.73 28.77
CA LEU B 91 14.11 5.52 29.99
C LEU B 91 12.85 5.46 30.85
N GLY B 92 11.80 4.86 30.32
CA GLY B 92 10.56 4.78 31.09
C GLY B 92 9.82 6.10 31.09
N MET B 93 10.07 6.90 30.05
CA MET B 93 9.42 8.20 29.89
C MET B 93 8.30 8.18 28.86
N LYS B 94 7.35 9.08 29.01
CA LYS B 94 6.25 9.21 28.06
C LYS B 94 6.88 9.85 26.82
N CYS B 95 6.14 9.87 25.71
CA CYS B 95 6.67 10.47 24.49
C CYS B 95 5.54 11.02 23.65
N VAL B 96 5.76 12.25 23.19
CA VAL B 96 4.81 12.92 22.34
C VAL B 96 5.57 13.42 21.10
N LEU B 97 5.05 13.05 19.94
CA LEU B 97 5.68 13.41 18.70
C LEU B 97 4.75 14.18 17.80
N VAL B 98 5.25 15.30 17.29
CA VAL B 98 4.48 16.11 16.38
C VAL B 98 5.02 15.73 15.01
N GLN B 99 4.26 14.93 14.24
CA GLN B 99 4.71 14.51 12.92
C GLN B 99 4.06 15.39 11.88
N GLU B 100 4.88 16.08 11.12
CA GLU B 100 4.37 16.98 10.10
C GLU B 100 4.54 16.41 8.70
N ASN B 101 3.76 16.92 7.76
CA ASN B 101 3.86 16.48 6.38
C ASN B 101 4.91 17.40 5.72
N TRP B 102 6.18 17.08 5.91
CA TRP B 102 7.27 17.89 5.39
C TRP B 102 7.76 17.54 4.00
N VAL B 103 7.11 16.61 3.34
CA VAL B 103 7.59 16.22 2.03
C VAL B 103 6.46 16.15 1.02
N ASN B 104 6.74 16.65 -0.18
CA ASN B 104 5.76 16.62 -1.24
C ASN B 104 5.83 15.25 -1.89
N TYR B 105 5.49 14.24 -1.10
CA TYR B 105 5.54 12.88 -1.60
C TYR B 105 4.22 12.21 -1.25
N SER B 106 3.68 11.43 -2.18
CA SER B 106 2.42 10.77 -1.95
C SER B 106 2.56 9.26 -2.06
N ASP B 107 2.52 8.59 -0.92
CA ASP B 107 2.60 7.14 -0.91
C ASP B 107 1.54 6.59 0.03
N ALA B 108 0.86 5.52 -0.42
CA ALA B 108 -0.23 4.92 0.32
C ALA B 108 0.09 4.43 1.73
N VAL B 109 1.33 4.06 2.01
CA VAL B 109 1.62 3.56 3.34
C VAL B 109 2.66 4.41 4.04
N TYR B 110 2.86 5.62 3.53
CA TYR B 110 3.88 6.53 4.05
C TYR B 110 3.80 6.82 5.55
N ASP B 111 2.59 6.85 6.08
CA ASP B 111 2.40 7.12 7.50
C ASP B 111 2.10 5.85 8.28
N ARG B 112 2.43 4.69 7.70
CA ARG B 112 2.17 3.41 8.36
C ARG B 112 3.27 2.38 8.34
N VAL B 113 4.44 2.74 7.80
CA VAL B 113 5.54 1.80 7.74
C VAL B 113 6.79 2.50 8.21
N GLY B 114 7.90 1.78 8.21
CA GLY B 114 9.15 2.42 8.56
C GLY B 114 9.27 3.06 9.92
N ASN B 115 9.78 4.31 9.94
CA ASN B 115 10.00 5.01 11.21
C ASN B 115 8.79 5.27 12.06
N ILE B 116 7.75 5.84 11.47
CA ILE B 116 6.56 6.16 12.22
C ILE B 116 5.86 4.90 12.74
N GLN B 117 5.92 3.81 11.97
CA GLN B 117 5.31 2.57 12.44
C GLN B 117 5.97 2.19 13.77
N MET B 118 7.30 2.26 13.80
CA MET B 118 8.03 1.92 15.00
C MET B 118 7.66 2.86 16.16
N SER B 119 7.60 4.16 15.92
CA SER B 119 7.21 5.07 16.99
C SER B 119 5.89 4.69 17.63
N ARG B 120 4.95 4.19 16.86
CA ARG B 120 3.66 3.81 17.44
C ARG B 120 3.81 2.52 18.22
N ILE B 121 4.55 1.57 17.68
CA ILE B 121 4.73 0.32 18.39
C ILE B 121 5.47 0.57 19.70
N LEU B 122 6.37 1.55 19.69
CA LEU B 122 7.15 1.91 20.88
C LEU B 122 6.34 2.67 21.94
N GLY B 123 5.05 2.90 21.66
CA GLY B 123 4.17 3.55 22.61
C GLY B 123 4.13 5.07 22.63
N ALA B 124 4.72 5.71 21.63
CA ALA B 124 4.71 7.16 21.55
C ALA B 124 3.34 7.66 21.06
N ASP B 125 2.97 8.85 21.52
CA ASP B 125 1.71 9.47 21.09
C ASP B 125 2.06 10.18 19.79
N VAL B 126 1.75 9.55 18.67
CA VAL B 126 2.09 10.14 17.38
C VAL B 126 0.96 11.00 16.82
N ARG B 127 1.19 12.32 16.80
CA ARG B 127 0.23 13.30 16.32
C ARG B 127 0.57 13.82 14.92
N LEU B 128 -0.37 13.61 14.00
CA LEU B 128 -0.20 14.02 12.62
C LEU B 128 -0.89 15.35 12.34
N VAL B 129 -0.12 16.32 11.84
CA VAL B 129 -0.68 17.65 11.56
C VAL B 129 -1.44 17.70 10.26
N SER B 140 2.15 23.79 16.02
CA SER B 140 1.72 22.61 16.77
C SER B 140 2.69 22.30 17.90
N TRP B 141 3.93 22.72 17.71
CA TRP B 141 4.98 22.49 18.68
C TRP B 141 4.54 22.93 20.08
N GLU B 142 4.26 24.22 20.20
CA GLU B 142 3.84 24.81 21.47
C GLU B 142 2.60 24.12 22.01
N ASP B 143 1.72 23.72 21.10
CA ASP B 143 0.48 23.05 21.47
C ASP B 143 0.71 21.73 22.20
N ALA B 144 1.60 20.91 21.65
CA ALA B 144 1.88 19.63 22.26
C ALA B 144 2.56 19.79 23.61
N LEU B 145 3.49 20.73 23.69
CA LEU B 145 4.21 20.97 24.94
C LEU B 145 3.22 21.34 26.04
N GLU B 146 2.40 22.35 25.77
CA GLU B 146 1.40 22.80 26.72
C GLU B 146 0.49 21.62 27.06
N SER B 147 0.11 20.89 26.02
CA SER B 147 -0.77 19.73 26.20
C SER B 147 -0.20 18.81 27.28
N VAL B 148 1.12 18.65 27.29
CA VAL B 148 1.79 17.80 28.25
C VAL B 148 1.70 18.35 29.67
N ARG B 149 2.05 19.63 29.83
CA ARG B 149 1.99 20.26 31.13
C ARG B 149 0.57 20.13 31.66
N ALA B 150 -0.37 20.70 30.92
CA ALA B 150 -1.78 20.67 31.28
C ALA B 150 -2.23 19.28 31.71
N ALA B 151 -1.52 18.25 31.22
CA ALA B 151 -1.85 16.88 31.55
C ALA B 151 -1.26 16.43 32.90
N GLY B 152 -0.39 17.27 33.46
CA GLY B 152 0.23 16.95 34.74
C GLY B 152 1.61 16.32 34.65
N GLY B 153 2.21 16.37 33.46
CA GLY B 153 3.53 15.80 33.27
C GLY B 153 4.51 16.92 32.96
N LYS B 154 5.81 16.64 33.03
CA LYS B 154 6.81 17.66 32.75
C LYS B 154 7.57 17.26 31.49
N PRO B 155 7.33 17.98 30.39
CA PRO B 155 7.96 17.72 29.10
C PRO B 155 9.36 18.25 28.89
N TYR B 156 10.21 17.45 28.24
CA TYR B 156 11.56 17.88 27.90
C TYR B 156 11.49 18.10 26.38
N ALA B 157 11.64 19.36 25.96
CA ALA B 157 11.55 19.71 24.56
C ALA B 157 12.77 19.37 23.71
N ILE B 158 12.57 18.57 22.66
CA ILE B 158 13.67 18.20 21.77
C ILE B 158 13.32 18.73 20.39
N PRO B 159 14.03 19.78 19.94
CA PRO B 159 13.73 20.34 18.62
C PRO B 159 14.04 19.36 17.49
N ALA B 160 13.62 19.71 16.28
CA ALA B 160 13.84 18.86 15.12
C ALA B 160 15.31 18.49 15.03
N GLY B 161 15.56 17.19 14.87
CA GLY B 161 16.92 16.72 14.75
C GLY B 161 17.82 16.95 15.94
N CYS B 162 17.25 17.38 17.07
CA CYS B 162 18.06 17.66 18.25
C CYS B 162 19.02 18.81 17.99
N SER B 163 19.01 19.36 16.78
CA SER B 163 19.96 20.39 16.40
C SER B 163 20.04 21.75 17.08
N ASP B 164 19.01 22.57 16.95
CA ASP B 164 19.03 23.89 17.58
C ASP B 164 18.75 23.78 19.08
N HIS B 165 19.70 23.23 19.81
CA HIS B 165 19.57 23.04 21.23
C HIS B 165 20.97 23.17 21.81
N PRO B 166 21.09 23.77 23.01
CA PRO B 166 22.36 24.00 23.69
C PRO B 166 23.29 22.81 23.77
N LEU B 167 22.73 21.61 23.84
CA LEU B 167 23.54 20.40 23.95
C LEU B 167 23.55 19.61 22.65
N GLY B 168 22.72 20.07 21.71
CA GLY B 168 22.58 19.42 20.43
C GLY B 168 23.82 19.22 19.60
N GLY B 169 24.89 19.94 19.90
CA GLY B 169 26.11 19.79 19.13
C GLY B 169 27.14 18.93 19.81
N LEU B 170 26.95 18.65 21.10
CA LEU B 170 27.91 17.87 21.88
C LEU B 170 28.22 16.47 21.36
N GLY B 171 27.16 15.74 20.97
CA GLY B 171 27.32 14.39 20.46
C GLY B 171 28.39 14.23 19.41
N PHE B 172 28.35 15.08 18.39
CA PHE B 172 29.35 14.94 17.36
C PHE B 172 30.69 15.56 17.59
N VAL B 173 30.83 16.32 18.69
CA VAL B 173 32.16 16.83 19.01
C VAL B 173 32.78 15.49 19.45
N GLY B 174 32.03 14.76 20.26
CA GLY B 174 32.46 13.46 20.75
C GLY B 174 32.84 12.52 19.62
N PHE B 175 32.15 12.61 18.48
CA PHE B 175 32.43 11.78 17.31
C PHE B 175 33.88 12.01 16.81
N ALA B 176 34.29 13.28 16.76
CA ALA B 176 35.63 13.64 16.31
C ALA B 176 36.65 13.09 17.30
N GLU B 177 36.27 13.05 18.56
CA GLU B 177 37.11 12.52 19.63
C GLU B 177 37.35 11.05 19.34
N GLU B 178 36.24 10.34 19.14
CA GLU B 178 36.22 8.92 18.85
C GLU B 178 37.07 8.62 17.62
N VAL B 179 36.87 9.39 16.56
CA VAL B 179 37.66 9.18 15.36
C VAL B 179 39.16 9.34 15.63
N ARG B 180 39.52 10.34 16.46
CA ARG B 180 40.94 10.54 16.77
C ARG B 180 41.46 9.28 17.43
N ALA B 181 40.77 8.83 18.48
CA ALA B 181 41.18 7.63 19.20
C ALA B 181 41.32 6.41 18.29
N GLN B 182 40.44 6.29 17.29
CA GLN B 182 40.49 5.17 16.34
C GLN B 182 41.60 5.33 15.30
N GLU B 183 41.88 6.57 14.91
CA GLU B 183 42.95 6.81 13.94
C GLU B 183 44.27 6.42 14.63
N ALA B 184 44.30 6.57 15.94
CA ALA B 184 45.47 6.23 16.73
C ALA B 184 45.67 4.73 16.65
N GLU B 185 44.61 3.98 16.91
CA GLU B 185 44.68 2.53 16.87
C GLU B 185 44.98 2.03 15.46
N LEU B 186 44.44 2.70 14.45
CA LEU B 186 44.68 2.30 13.07
C LEU B 186 46.08 2.66 12.58
N GLY B 187 46.66 3.70 13.16
CA GLY B 187 47.99 4.10 12.76
C GLY B 187 48.01 5.01 11.56
N PHE B 188 46.85 5.55 11.20
CA PHE B 188 46.74 6.47 10.08
C PHE B 188 45.56 7.39 10.35
N LYS B 189 45.50 8.53 9.65
CA LYS B 189 44.41 9.48 9.83
C LYS B 189 43.63 9.64 8.54
N PHE B 190 42.36 10.00 8.65
CA PHE B 190 41.54 10.22 7.47
C PHE B 190 41.76 11.64 7.00
N ASP B 191 41.75 11.83 5.68
CA ASP B 191 41.94 13.16 5.14
C ASP B 191 40.62 13.93 5.07
N TYR B 192 39.49 13.23 4.94
CA TYR B 192 38.19 13.91 4.89
C TYR B 192 37.08 13.06 5.51
N VAL B 193 35.95 13.70 5.79
CA VAL B 193 34.77 13.05 6.33
C VAL B 193 33.63 13.55 5.45
N VAL B 194 32.74 12.66 5.02
CA VAL B 194 31.60 13.07 4.22
C VAL B 194 30.39 12.86 5.13
N VAL B 195 29.55 13.87 5.27
CA VAL B 195 28.39 13.73 6.14
C VAL B 195 27.19 14.47 5.57
N CYS B 196 26.02 13.84 5.66
CA CYS B 196 24.78 14.43 5.14
C CYS B 196 24.28 15.45 6.15
N SER B 197 23.86 16.61 5.65
CA SER B 197 23.35 17.65 6.53
C SER B 197 21.98 18.20 6.21
N VAL B 198 21.15 18.29 7.24
CA VAL B 198 19.84 18.88 7.09
C VAL B 198 19.54 19.86 8.24
N THR B 199 19.39 19.38 9.48
CA THR B 199 19.09 20.32 10.55
C THR B 199 20.36 20.93 11.12
N GLY B 200 21.50 20.32 10.85
CA GLY B 200 22.76 20.92 11.24
C GLY B 200 23.68 20.58 12.41
N SER B 201 23.18 20.06 13.51
CA SER B 201 24.09 19.82 14.61
C SER B 201 25.03 18.65 14.46
N THR B 202 24.74 17.76 13.51
CA THR B 202 25.63 16.63 13.26
C THR B 202 26.95 17.15 12.71
N GLN B 203 26.89 17.90 11.62
CA GLN B 203 28.09 18.46 11.02
C GLN B 203 28.71 19.54 11.93
N ALA B 204 27.86 20.25 12.67
CA ALA B 204 28.34 21.29 13.57
C ALA B 204 29.28 20.70 14.62
N GLY B 205 28.85 19.62 15.26
CA GLY B 205 29.66 18.99 16.27
C GLY B 205 30.97 18.54 15.66
N MET B 206 30.89 18.00 14.45
CA MET B 206 32.07 17.53 13.75
C MET B 206 33.07 18.66 13.48
N VAL B 207 32.54 19.80 13.05
CA VAL B 207 33.33 20.98 12.73
C VAL B 207 34.07 21.45 13.96
N VAL B 208 33.38 21.49 15.10
CA VAL B 208 33.99 21.90 16.35
C VAL B 208 35.00 20.82 16.78
N GLY B 209 34.58 19.56 16.69
CA GLY B 209 35.45 18.46 17.07
C GLY B 209 36.75 18.40 16.32
N PHE B 210 36.67 18.63 15.01
CA PHE B 210 37.83 18.57 14.13
C PHE B 210 38.53 19.92 13.98
N ALA B 211 37.89 20.98 14.46
CA ALA B 211 38.53 22.30 14.41
C ALA B 211 39.66 22.16 15.42
N ALA B 212 39.41 21.37 16.46
CA ALA B 212 40.39 21.11 17.49
C ALA B 212 41.74 20.67 16.90
N ASP B 213 41.73 19.84 15.86
CA ASP B 213 43.01 19.44 15.28
C ASP B 213 43.32 19.93 13.86
N GLY B 214 42.68 21.02 13.45
CA GLY B 214 42.94 21.61 12.15
C GLY B 214 42.33 20.95 10.93
N ARG B 215 41.22 20.24 11.11
CA ARG B 215 40.60 19.58 9.98
C ARG B 215 39.12 19.89 9.84
N ALA B 216 38.68 21.01 10.42
CA ALA B 216 37.27 21.36 10.31
C ALA B 216 36.88 21.46 8.85
N ASP B 217 37.78 21.99 8.03
CA ASP B 217 37.44 22.14 6.63
C ASP B 217 37.56 20.84 5.80
N ARG B 218 37.89 19.73 6.46
CA ARG B 218 37.98 18.45 5.79
C ARG B 218 36.65 17.70 6.00
N VAL B 219 35.78 18.28 6.83
CA VAL B 219 34.46 17.70 7.09
C VAL B 219 33.60 18.19 5.95
N ILE B 220 33.34 17.32 4.99
CA ILE B 220 32.54 17.70 3.84
C ILE B 220 31.07 17.33 3.96
N GLY B 221 30.26 18.33 4.27
CA GLY B 221 28.83 18.12 4.41
C GLY B 221 28.17 18.15 3.05
N VAL B 222 27.17 17.30 2.88
CA VAL B 222 26.42 17.25 1.63
C VAL B 222 25.01 17.63 2.04
N ASP B 223 24.50 18.72 1.47
CA ASP B 223 23.16 19.16 1.80
C ASP B 223 22.07 18.25 1.27
N ALA B 224 21.10 17.91 2.10
CA ALA B 224 19.96 17.09 1.66
C ALA B 224 18.67 17.88 1.94
N SER B 225 18.79 19.13 2.37
CA SER B 225 17.62 19.94 2.66
C SER B 225 17.07 20.61 1.39
N ALA B 226 17.94 20.89 0.42
CA ALA B 226 17.56 21.60 -0.81
C ALA B 226 17.33 23.09 -0.49
N LYS B 227 17.86 23.55 0.65
CA LYS B 227 17.78 24.96 1.07
C LYS B 227 19.17 25.17 1.67
N PRO B 228 20.23 24.99 0.86
CA PRO B 228 21.62 25.14 1.32
C PRO B 228 21.94 26.37 2.15
N ALA B 229 21.24 27.47 1.85
CA ALA B 229 21.45 28.73 2.55
C ALA B 229 21.17 28.62 4.03
N GLN B 230 19.94 28.23 4.38
CA GLN B 230 19.53 28.09 5.77
C GLN B 230 20.30 26.99 6.48
N THR B 231 20.53 25.89 5.78
CA THR B 231 21.25 24.78 6.38
C THR B 231 22.68 25.19 6.73
N ARG B 232 23.34 25.88 5.81
CA ARG B 232 24.70 26.33 6.03
C ARG B 232 24.77 27.29 7.21
N GLU B 233 23.75 28.12 7.36
CA GLU B 233 23.70 29.08 8.43
C GLU B 233 23.41 28.39 9.77
N GLN B 234 22.58 27.35 9.73
CA GLN B 234 22.27 26.65 10.96
C GLN B 234 23.48 25.86 11.46
N ILE B 235 24.22 25.25 10.53
CA ILE B 235 25.43 24.50 10.90
C ILE B 235 26.45 25.49 11.53
N THR B 236 26.62 26.63 10.87
CA THR B 236 27.56 27.65 11.34
C THR B 236 27.21 28.16 12.72
N ARG B 237 25.97 28.61 12.89
CA ARG B 237 25.51 29.11 14.17
C ARG B 237 25.65 28.06 15.28
N ILE B 238 25.26 26.82 15.01
CA ILE B 238 25.34 25.76 16.01
C ILE B 238 26.79 25.44 16.33
N ALA B 239 27.66 25.53 15.32
CA ALA B 239 29.08 25.26 15.53
C ALA B 239 29.69 26.32 16.45
N ARG B 240 29.24 27.56 16.30
CA ARG B 240 29.74 28.65 17.13
C ARG B 240 29.28 28.49 18.57
N GLN B 241 27.99 28.25 18.78
CA GLN B 241 27.48 28.07 20.14
C GLN B 241 28.16 26.86 20.75
N THR B 242 28.29 25.79 19.98
CA THR B 242 28.91 24.59 20.50
C THR B 242 30.41 24.77 20.75
N ALA B 243 31.10 25.58 19.94
CA ALA B 243 32.53 25.77 20.16
C ALA B 243 32.73 26.48 21.49
N GLU B 244 31.82 27.41 21.77
CA GLU B 244 31.83 28.17 23.01
C GLU B 244 31.61 27.24 24.20
N LYS B 245 30.58 26.39 24.09
CA LYS B 245 30.24 25.43 25.14
C LYS B 245 31.39 24.51 25.53
N VAL B 246 32.17 24.08 24.54
CA VAL B 246 33.27 23.16 24.81
C VAL B 246 34.61 23.81 25.06
N GLY B 247 34.65 25.13 24.94
CA GLY B 247 35.89 25.83 25.19
C GLY B 247 36.83 25.82 24.03
N LEU B 248 36.31 25.63 22.82
CA LEU B 248 37.17 25.64 21.65
C LEU B 248 37.88 26.99 21.75
N GLU B 249 39.19 26.99 21.60
CA GLU B 249 39.92 28.24 21.73
C GLU B 249 40.06 28.97 20.39
N ARG B 250 39.07 28.83 19.53
CA ARG B 250 39.10 29.48 18.23
C ARG B 250 37.71 29.81 17.77
N ASP B 251 37.62 30.72 16.82
CA ASP B 251 36.33 31.12 16.26
C ASP B 251 36.04 30.24 15.04
N ILE B 252 34.77 29.95 14.82
CA ILE B 252 34.39 29.16 13.66
C ILE B 252 34.25 30.14 12.51
N MET B 253 35.00 29.91 11.44
CA MET B 253 34.97 30.77 10.25
C MET B 253 34.14 30.09 9.17
N ARG B 254 33.63 30.88 8.21
CA ARG B 254 32.83 30.33 7.11
C ARG B 254 33.63 29.30 6.32
N ALA B 255 34.95 29.42 6.37
CA ALA B 255 35.81 28.49 5.66
C ALA B 255 35.79 27.13 6.37
N ASP B 256 35.32 27.11 7.62
CA ASP B 256 35.27 25.87 8.39
C ASP B 256 34.03 25.05 8.09
N VAL B 257 33.08 25.66 7.40
CA VAL B 257 31.84 25.00 7.07
C VAL B 257 31.72 24.72 5.58
N VAL B 258 31.97 23.47 5.20
CA VAL B 258 31.86 23.06 3.81
C VAL B 258 30.53 22.33 3.62
N LEU B 259 29.68 22.84 2.75
CA LEU B 259 28.40 22.20 2.48
C LEU B 259 28.15 22.13 0.99
N ASP B 260 28.28 20.94 0.41
CA ASP B 260 28.07 20.77 -1.03
C ASP B 260 26.58 20.79 -1.31
N GLU B 261 26.16 21.60 -2.28
CA GLU B 261 24.75 21.76 -2.61
C GLU B 261 24.27 20.96 -3.82
N ARG B 262 25.21 20.35 -4.52
CA ARG B 262 24.90 19.62 -5.76
C ARG B 262 24.05 18.36 -5.73
N PHE B 263 23.84 17.74 -4.58
CA PHE B 263 23.12 16.46 -4.55
C PHE B 263 21.83 16.39 -3.74
N ALA B 264 21.28 17.55 -3.40
CA ALA B 264 20.08 17.63 -2.58
C ALA B 264 18.77 17.52 -3.34
N GLY B 265 18.85 17.76 -4.64
CA GLY B 265 17.66 17.75 -5.46
C GLY B 265 16.82 16.50 -5.51
N PRO B 266 15.55 16.64 -5.92
CA PRO B 266 14.92 17.91 -6.30
C PRO B 266 14.36 18.69 -5.11
N GLU B 267 14.11 17.98 -4.01
CA GLU B 267 13.58 18.59 -2.80
C GLU B 267 13.96 17.74 -1.61
N TYR B 268 13.72 18.27 -0.43
CA TYR B 268 13.96 17.50 0.77
C TYR B 268 12.97 16.33 0.69
N GLY B 269 13.42 15.13 1.07
CA GLY B 269 12.54 13.96 1.04
C GLY B 269 12.32 13.30 -0.32
N LEU B 270 12.89 13.85 -1.38
CA LEU B 270 12.69 13.25 -2.70
C LEU B 270 14.03 12.94 -3.35
N PRO B 271 14.20 11.70 -3.82
CA PRO B 271 15.48 11.38 -4.45
C PRO B 271 15.54 11.76 -5.93
N ASN B 272 16.75 11.92 -6.46
CA ASN B 272 16.86 12.14 -7.89
C ASN B 272 17.41 10.79 -8.39
N GLU B 273 17.64 10.67 -9.70
CA GLU B 273 18.14 9.43 -10.28
C GLU B 273 19.54 9.12 -9.81
N GLY B 274 20.31 10.17 -9.51
CA GLY B 274 21.67 9.98 -9.04
C GLY B 274 21.58 9.39 -7.65
N THR B 275 20.61 9.88 -6.87
CA THR B 275 20.41 9.37 -5.52
C THR B 275 20.21 7.84 -5.62
N LEU B 276 19.26 7.44 -6.47
CA LEU B 276 18.92 6.03 -6.63
C LEU B 276 20.10 5.20 -7.12
N GLU B 277 20.82 5.72 -8.12
CA GLU B 277 21.98 5.04 -8.66
C GLU B 277 23.00 4.85 -7.55
N ALA B 278 23.18 5.87 -6.73
CA ALA B 278 24.12 5.79 -5.63
C ALA B 278 23.72 4.73 -4.61
N ILE B 279 22.43 4.69 -4.27
CA ILE B 279 21.98 3.73 -3.29
C ILE B 279 22.22 2.30 -3.81
N ARG B 280 21.90 2.08 -5.08
CA ARG B 280 22.07 0.76 -5.69
C ARG B 280 23.54 0.35 -5.72
N LEU B 281 24.39 1.24 -6.22
CA LEU B 281 25.81 0.95 -6.33
C LEU B 281 26.45 0.58 -5.00
N CYS B 282 26.17 1.38 -3.98
CA CYS B 282 26.74 1.12 -2.68
C CYS B 282 26.20 -0.18 -2.11
N ALA B 283 24.90 -0.40 -2.25
CA ALA B 283 24.32 -1.61 -1.71
C ALA B 283 24.86 -2.85 -2.41
N ARG B 284 25.06 -2.73 -3.72
CA ARG B 284 25.51 -3.85 -4.53
C ARG B 284 27.00 -4.12 -4.49
N THR B 285 27.79 -3.16 -4.01
CA THR B 285 29.23 -3.39 -3.91
C THR B 285 29.69 -3.70 -2.49
N GLU B 286 28.94 -3.22 -1.51
CA GLU B 286 29.29 -3.40 -0.11
C GLU B 286 28.25 -4.06 0.77
N GLY B 287 27.01 -4.15 0.29
CA GLY B 287 25.97 -4.73 1.11
C GLY B 287 25.51 -3.75 2.16
N MET B 288 25.89 -2.48 2.00
CA MET B 288 25.53 -1.40 2.94
C MET B 288 24.38 -0.57 2.32
N LEU B 289 23.23 -0.56 2.98
CA LEU B 289 22.07 0.17 2.46
C LEU B 289 22.07 1.63 2.88
N THR B 290 21.50 2.51 2.03
CA THR B 290 21.36 3.93 2.34
C THR B 290 19.97 4.29 1.88
N ASP B 291 19.42 5.43 2.36
CA ASP B 291 18.05 5.82 2.05
C ASP B 291 17.92 6.97 1.03
N PRO B 292 16.73 7.13 0.44
CA PRO B 292 16.54 8.19 -0.55
C PRO B 292 16.35 9.62 -0.04
N VAL B 293 16.31 9.81 1.27
CA VAL B 293 16.15 11.16 1.84
C VAL B 293 17.48 11.74 2.29
N TYR B 294 18.24 10.96 3.05
CA TYR B 294 19.50 11.45 3.60
C TYR B 294 20.80 10.86 3.08
N GLU B 295 21.13 9.68 3.59
CA GLU B 295 22.38 9.00 3.27
C GLU B 295 22.59 8.72 1.81
N GLY B 296 21.54 8.36 1.10
CA GLY B 296 21.68 8.11 -0.33
C GLY B 296 22.23 9.35 -0.99
N LYS B 297 21.83 10.52 -0.48
CA LYS B 297 22.29 11.78 -1.06
C LYS B 297 23.75 12.06 -0.72
N SER B 298 24.16 11.73 0.51
CA SER B 298 25.55 11.92 0.88
C SER B 298 26.40 10.86 0.17
N MET B 299 25.85 9.65 0.01
CA MET B 299 26.56 8.58 -0.69
C MET B 299 26.74 9.04 -2.14
N HIS B 300 25.68 9.57 -2.71
CA HIS B 300 25.75 10.06 -4.08
C HIS B 300 26.88 11.08 -4.18
N GLY B 301 26.90 12.02 -3.24
CA GLY B 301 27.92 13.05 -3.25
C GLY B 301 29.32 12.50 -3.21
N MET B 302 29.59 11.59 -2.26
CA MET B 302 30.91 11.03 -2.14
C MET B 302 31.34 10.32 -3.41
N ILE B 303 30.44 9.50 -3.97
CA ILE B 303 30.77 8.76 -5.19
C ILE B 303 31.11 9.70 -6.34
N GLU B 304 30.31 10.75 -6.49
CA GLU B 304 30.52 11.69 -7.56
C GLU B 304 31.84 12.44 -7.38
N MET B 305 32.12 12.85 -6.14
CA MET B 305 33.35 13.57 -5.83
C MET B 305 34.54 12.71 -6.27
N VAL B 306 34.52 11.45 -5.88
CA VAL B 306 35.57 10.51 -6.25
C VAL B 306 35.64 10.44 -7.77
N ARG B 307 34.51 10.16 -8.39
CA ARG B 307 34.42 10.05 -9.84
C ARG B 307 34.97 11.28 -10.57
N ASN B 308 34.82 12.46 -9.98
CA ASN B 308 35.31 13.70 -10.59
C ASN B 308 36.76 14.02 -10.26
N GLY B 309 37.38 13.17 -9.45
CA GLY B 309 38.77 13.39 -9.05
C GLY B 309 38.91 14.54 -8.06
N GLU B 310 37.80 14.94 -7.44
CA GLU B 310 37.83 16.04 -6.47
C GLU B 310 38.62 15.66 -5.22
N PHE B 311 38.85 14.36 -5.03
CA PHE B 311 39.63 13.93 -3.88
C PHE B 311 41.05 13.68 -4.35
N PRO B 312 42.05 14.19 -3.61
CA PRO B 312 43.43 13.97 -4.06
C PRO B 312 43.75 12.48 -4.07
N GLU B 313 44.49 12.04 -5.08
CA GLU B 313 44.86 10.64 -5.17
C GLU B 313 45.45 10.22 -3.82
N GLY B 314 45.06 9.05 -3.32
CA GLY B 314 45.57 8.56 -2.06
C GLY B 314 44.80 8.95 -0.81
N SER B 315 43.85 9.87 -0.92
CA SER B 315 43.11 10.29 0.25
C SER B 315 42.28 9.17 0.86
N ARG B 316 42.11 9.23 2.17
CA ARG B 316 41.28 8.26 2.87
C ARG B 316 40.07 9.09 3.24
N VAL B 317 38.90 8.65 2.82
CA VAL B 317 37.65 9.36 3.08
C VAL B 317 36.75 8.54 4.01
N LEU B 318 36.39 9.12 5.16
CA LEU B 318 35.53 8.45 6.10
C LEU B 318 34.10 8.94 5.88
N TYR B 319 33.28 8.07 5.30
CA TYR B 319 31.88 8.38 5.04
C TYR B 319 31.20 8.14 6.38
N ALA B 320 30.35 9.07 6.83
CA ALA B 320 29.65 8.87 8.10
C ALA B 320 28.23 8.41 7.77
N HIS B 321 27.90 7.16 8.10
CA HIS B 321 26.56 6.67 7.80
C HIS B 321 25.70 6.93 9.00
N LEU B 322 24.89 7.98 8.87
CA LEU B 322 24.04 8.45 9.94
C LEU B 322 22.81 7.65 10.30
N GLY B 323 22.46 6.65 9.46
CA GLY B 323 21.29 5.82 9.71
C GLY B 323 20.23 6.09 8.65
N GLY B 324 18.96 6.02 9.02
CA GLY B 324 17.91 6.33 8.05
C GLY B 324 17.33 5.25 7.14
N VAL B 325 17.92 4.06 7.14
CA VAL B 325 17.43 3.00 6.25
C VAL B 325 15.93 2.65 6.34
N PRO B 326 15.36 2.60 7.56
CA PRO B 326 13.94 2.25 7.61
C PRO B 326 13.04 3.12 6.74
N ALA B 327 13.44 4.34 6.43
CA ALA B 327 12.58 5.17 5.59
C ALA B 327 12.39 4.57 4.20
N LEU B 328 13.26 3.64 3.83
CA LEU B 328 13.14 2.96 2.53
C LEU B 328 11.70 2.40 2.33
N ASN B 329 11.08 1.93 3.40
CA ASN B 329 9.75 1.37 3.29
C ASN B 329 8.67 2.32 2.75
N GLY B 330 8.90 3.64 2.86
CA GLY B 330 7.94 4.61 2.34
C GLY B 330 8.11 4.91 0.86
N TYR B 331 9.18 4.38 0.24
CA TYR B 331 9.44 4.59 -1.19
C TYR B 331 9.48 3.21 -1.90
N SER B 332 8.55 2.34 -1.52
CA SER B 332 8.50 0.99 -2.07
C SER B 332 8.35 0.92 -3.59
N PHE B 333 7.47 1.73 -4.17
CA PHE B 333 7.26 1.65 -5.60
C PHE B 333 8.54 1.88 -6.45
N ILE B 334 9.30 2.90 -6.09
CA ILE B 334 10.54 3.25 -6.77
C ILE B 334 11.53 2.09 -6.83
N PHE B 335 11.53 1.26 -5.79
CA PHE B 335 12.46 0.13 -5.73
C PHE B 335 11.83 -1.22 -6.04
N ARG B 336 10.62 -1.21 -6.57
CA ARG B 336 9.91 -2.46 -6.82
C ARG B 336 10.67 -3.48 -7.67
N ASP B 337 11.52 -3.00 -8.57
CA ASP B 337 12.31 -3.90 -9.44
C ASP B 337 13.80 -3.77 -9.12
N GLY B 338 14.12 -3.30 -7.91
CA GLY B 338 15.51 -3.10 -7.53
C GLY B 338 15.83 -1.61 -7.39
N MET C 1 -23.46 16.01 -43.37
CA MET C 1 -22.80 15.00 -42.49
C MET C 1 -23.58 13.69 -42.50
N ASN C 2 -22.88 12.59 -42.22
CA ASN C 2 -23.53 11.28 -42.20
C ASN C 2 -22.75 10.20 -41.46
N LEU C 3 -22.90 10.20 -40.14
CA LEU C 3 -22.24 9.23 -39.29
C LEU C 3 -22.80 7.83 -39.49
N GLN C 4 -24.10 7.77 -39.80
CA GLN C 4 -24.81 6.51 -39.98
C GLN C 4 -24.19 5.53 -40.97
N ARG C 5 -23.27 6.03 -41.79
CA ARG C 5 -22.61 5.19 -42.77
C ARG C 5 -21.72 4.15 -42.08
N PHE C 6 -21.22 4.51 -40.91
CA PHE C 6 -20.34 3.64 -40.12
C PHE C 6 -21.07 2.81 -39.07
N PRO C 7 -20.95 1.47 -39.14
CA PRO C 7 -21.61 0.57 -38.18
C PRO C 7 -21.10 0.77 -36.76
N ARG C 8 -22.01 0.64 -35.80
CA ARG C 8 -21.69 0.82 -34.38
C ARG C 8 -22.09 -0.40 -33.56
N TYR C 9 -21.11 -1.06 -32.95
CA TYR C 9 -21.36 -2.24 -32.15
C TYR C 9 -21.78 -1.79 -30.74
N PRO C 10 -22.91 -2.30 -30.24
CA PRO C 10 -23.34 -1.89 -28.91
C PRO C 10 -22.46 -2.34 -27.75
N LEU C 11 -21.91 -1.37 -27.03
CA LEU C 11 -21.06 -1.67 -25.87
C LEU C 11 -21.59 -0.88 -24.66
N THR C 12 -22.63 -0.11 -24.90
CA THR C 12 -23.22 0.73 -23.88
C THR C 12 -24.69 0.39 -23.66
N PHE C 13 -25.28 1.00 -22.64
CA PHE C 13 -26.69 0.75 -22.32
C PHE C 13 -27.61 1.51 -23.28
N GLY C 14 -27.02 2.44 -24.01
CA GLY C 14 -27.76 3.25 -24.95
C GLY C 14 -27.38 4.67 -24.60
N PRO C 15 -28.18 5.68 -24.98
CA PRO C 15 -27.88 7.09 -24.70
C PRO C 15 -27.58 7.29 -23.24
N THR C 16 -26.61 8.17 -22.96
CA THR C 16 -26.22 8.45 -21.59
C THR C 16 -27.03 9.60 -21.03
N PRO C 17 -27.45 9.49 -19.75
CA PRO C 17 -28.24 10.53 -19.09
C PRO C 17 -27.58 11.88 -18.85
N ILE C 18 -28.41 12.93 -18.81
CA ILE C 18 -27.95 14.26 -18.49
C ILE C 18 -28.66 14.58 -17.19
N GLN C 19 -27.94 15.17 -16.24
CA GLN C 19 -28.51 15.49 -14.94
C GLN C 19 -28.13 16.90 -14.57
N PRO C 20 -29.04 17.62 -13.89
CA PRO C 20 -28.67 18.98 -13.50
C PRO C 20 -27.74 18.92 -12.27
N LEU C 21 -26.82 19.87 -12.19
CA LEU C 21 -25.90 19.97 -11.07
C LEU C 21 -26.41 21.18 -10.30
N ALA C 22 -27.66 21.05 -9.85
CA ALA C 22 -28.34 22.13 -9.15
C ALA C 22 -27.65 22.64 -7.90
N ARG C 23 -27.16 21.73 -7.07
CA ARG C 23 -26.52 22.13 -5.85
C ARG C 23 -25.23 22.85 -6.14
N LEU C 24 -24.42 22.30 -7.05
CA LEU C 24 -23.17 22.96 -7.40
C LEU C 24 -23.49 24.27 -8.12
N SER C 25 -24.45 24.24 -9.03
CA SER C 25 -24.82 25.47 -9.74
C SER C 25 -25.18 26.53 -8.71
N LYS C 26 -25.96 26.16 -7.70
CA LYS C 26 -26.37 27.11 -6.67
C LYS C 26 -25.19 27.59 -5.84
N HIS C 27 -24.35 26.66 -5.41
CA HIS C 27 -23.17 26.99 -4.60
C HIS C 27 -22.28 28.02 -5.27
N LEU C 28 -22.20 27.99 -6.59
CA LEU C 28 -21.35 28.93 -7.31
C LEU C 28 -22.00 30.30 -7.57
N GLY C 29 -23.26 30.45 -7.16
CA GLY C 29 -23.93 31.73 -7.36
C GLY C 29 -25.25 31.66 -8.11
N GLY C 30 -25.58 30.51 -8.67
CA GLY C 30 -26.83 30.37 -9.38
C GLY C 30 -26.92 31.10 -10.70
N LYS C 31 -25.83 31.73 -11.14
CA LYS C 31 -25.84 32.48 -12.40
C LYS C 31 -25.72 31.59 -13.63
N VAL C 32 -25.09 30.43 -13.49
CA VAL C 32 -24.90 29.51 -14.60
C VAL C 32 -25.50 28.15 -14.26
N HIS C 33 -26.22 27.57 -15.19
CA HIS C 33 -26.83 26.27 -14.92
C HIS C 33 -25.96 25.14 -15.46
N LEU C 34 -25.41 24.37 -14.52
CA LEU C 34 -24.52 23.26 -14.85
C LEU C 34 -25.26 21.94 -14.85
N TYR C 35 -24.90 21.10 -15.81
CA TYR C 35 -25.46 19.76 -15.95
C TYR C 35 -24.28 18.84 -16.28
N ALA C 36 -24.51 17.55 -16.19
CA ALA C 36 -23.46 16.60 -16.52
C ALA C 36 -24.05 15.51 -17.37
N LYS C 37 -23.38 15.16 -18.46
CA LYS C 37 -23.85 14.05 -19.29
C LYS C 37 -22.94 12.93 -18.80
N ARG C 38 -23.54 11.90 -18.24
CA ARG C 38 -22.80 10.78 -17.63
C ARG C 38 -22.20 9.68 -18.52
N GLU C 39 -21.16 10.02 -19.29
CA GLU C 39 -20.47 9.03 -20.11
C GLU C 39 -19.84 8.01 -19.14
N ASP C 40 -19.54 8.46 -17.93
CA ASP C 40 -18.96 7.58 -16.90
C ASP C 40 -19.90 6.44 -16.49
N CYS C 41 -21.19 6.54 -16.84
CA CYS C 41 -22.12 5.47 -16.49
C CYS C 41 -22.74 4.82 -17.74
N ASN C 42 -22.00 4.75 -18.85
CA ASN C 42 -22.53 4.24 -20.11
C ASN C 42 -22.45 2.75 -20.32
N SER C 43 -21.81 2.02 -19.41
CA SER C 43 -21.63 0.60 -19.66
C SER C 43 -21.54 -0.34 -18.48
N GLY C 44 -21.91 -1.60 -18.73
CA GLY C 44 -21.82 -2.63 -17.68
C GLY C 44 -20.43 -3.27 -17.74
N LEU C 45 -19.67 -2.86 -18.77
CA LEU C 45 -18.32 -3.38 -18.98
C LEU C 45 -17.30 -2.56 -18.18
N ALA C 46 -16.99 -3.07 -16.98
CA ALA C 46 -16.02 -2.49 -16.04
C ALA C 46 -16.05 -0.96 -15.89
N PHE C 47 -17.24 -0.42 -15.63
CA PHE C 47 -17.51 1.01 -15.43
C PHE C 47 -17.48 1.84 -16.68
N GLY C 48 -17.04 1.25 -17.79
CA GLY C 48 -16.99 2.00 -19.06
C GLY C 48 -16.45 3.43 -18.99
N GLY C 49 -17.05 4.32 -19.75
CA GLY C 49 -16.59 5.71 -19.79
C GLY C 49 -16.40 6.16 -21.25
N ASN C 50 -15.85 7.35 -21.47
CA ASN C 50 -15.70 7.86 -22.85
C ASN C 50 -15.04 6.92 -23.85
N LYS C 51 -13.96 6.25 -23.44
CA LYS C 51 -13.27 5.34 -24.34
C LYS C 51 -14.19 4.27 -24.91
N THR C 52 -15.20 3.87 -24.13
CA THR C 52 -16.14 2.86 -24.56
C THR C 52 -17.02 3.41 -25.68
N ARG C 53 -17.34 4.71 -25.62
CA ARG C 53 -18.17 5.30 -26.68
C ARG C 53 -17.36 5.24 -27.98
N LYS C 54 -16.05 5.47 -27.88
CA LYS C 54 -15.18 5.42 -29.05
C LYS C 54 -15.12 4.00 -29.62
N LEU C 55 -14.94 3.00 -28.75
CA LEU C 55 -14.80 1.61 -29.20
C LEU C 55 -15.96 1.08 -30.02
N GLU C 56 -17.16 1.59 -29.79
CA GLU C 56 -18.31 1.09 -30.54
C GLU C 56 -18.10 1.17 -32.05
N TYR C 57 -17.37 2.19 -32.50
CA TYR C 57 -17.11 2.30 -33.95
C TYR C 57 -15.86 1.57 -34.46
N LEU C 58 -15.00 1.11 -33.55
CA LEU C 58 -13.82 0.39 -34.01
C LEU C 58 -14.06 -1.12 -34.08
N ILE C 59 -14.84 -1.63 -33.12
CA ILE C 59 -15.11 -3.06 -33.06
C ILE C 59 -15.70 -3.69 -34.32
N PRO C 60 -16.58 -2.99 -35.04
CA PRO C 60 -17.12 -3.62 -36.24
C PRO C 60 -15.97 -3.96 -37.22
N GLU C 61 -15.00 -3.07 -37.29
CA GLU C 61 -13.86 -3.29 -38.19
C GLU C 61 -13.02 -4.45 -37.67
N ALA C 62 -12.74 -4.44 -36.38
CA ALA C 62 -11.95 -5.52 -35.80
C ALA C 62 -12.62 -6.85 -36.13
N LEU C 63 -13.95 -6.87 -36.05
CA LEU C 63 -14.73 -8.09 -36.32
C LEU C 63 -14.76 -8.48 -37.79
N ALA C 64 -14.94 -7.49 -38.66
CA ALA C 64 -14.96 -7.75 -40.10
C ALA C 64 -13.60 -8.31 -40.55
N GLN C 65 -12.52 -7.86 -39.90
CA GLN C 65 -11.18 -8.31 -40.27
C GLN C 65 -10.85 -9.69 -39.68
N GLY C 66 -11.76 -10.22 -38.88
CA GLY C 66 -11.52 -11.53 -38.30
C GLY C 66 -10.44 -11.54 -37.22
N CYS C 67 -10.28 -10.42 -36.53
CA CYS C 67 -9.29 -10.34 -35.46
C CYS C 67 -9.80 -11.10 -34.24
N ASP C 68 -8.89 -11.77 -33.54
CA ASP C 68 -9.23 -12.53 -32.35
C ASP C 68 -8.58 -11.94 -31.09
N THR C 69 -7.87 -10.83 -31.24
CA THR C 69 -7.17 -10.21 -30.11
C THR C 69 -7.17 -8.68 -30.18
N LEU C 70 -7.45 -8.00 -29.07
CA LEU C 70 -7.40 -6.53 -29.10
C LEU C 70 -6.11 -6.15 -28.40
N VAL C 71 -5.29 -5.33 -29.07
CA VAL C 71 -4.00 -4.91 -28.51
C VAL C 71 -3.99 -3.39 -28.27
N SER C 72 -3.74 -2.95 -27.04
CA SER C 72 -3.71 -1.51 -26.80
C SER C 72 -2.57 -1.04 -25.90
N ILE C 73 -2.60 0.21 -25.50
CA ILE C 73 -1.47 0.73 -24.75
C ILE C 73 -1.88 1.89 -23.87
N GLY C 74 -1.15 2.10 -22.78
CA GLY C 74 -1.42 3.22 -21.89
C GLY C 74 -0.61 3.20 -20.60
N GLY C 75 -0.69 4.29 -19.85
CA GLY C 75 0.01 4.39 -18.58
C GLY C 75 -0.56 3.41 -17.57
N ILE C 76 0.05 3.34 -16.39
CA ILE C 76 -0.39 2.39 -15.36
C ILE C 76 -1.86 2.53 -14.97
N GLN C 77 -2.37 3.74 -14.81
CA GLN C 77 -3.79 3.85 -14.47
C GLN C 77 -4.63 4.27 -15.67
N SER C 78 -4.21 3.84 -16.86
CA SER C 78 -4.95 4.14 -18.07
C SER C 78 -6.40 3.61 -17.96
N ASN C 79 -7.35 4.45 -18.31
CA ASN C 79 -8.76 4.06 -18.29
C ASN C 79 -9.07 3.30 -19.57
N GLN C 80 -8.37 3.68 -20.65
CA GLN C 80 -8.55 3.09 -21.96
C GLN C 80 -8.25 1.60 -21.98
N THR C 81 -7.09 1.22 -21.46
CA THR C 81 -6.72 -0.17 -21.47
C THR C 81 -7.69 -1.02 -20.65
N ARG C 82 -8.21 -0.45 -19.57
CA ARG C 82 -9.18 -1.19 -18.74
C ARG C 82 -10.45 -1.41 -19.55
N GLN C 83 -10.87 -0.40 -20.31
CA GLN C 83 -12.07 -0.58 -21.12
C GLN C 83 -11.83 -1.57 -22.25
N VAL C 84 -10.64 -1.52 -22.84
CA VAL C 84 -10.32 -2.42 -23.91
C VAL C 84 -10.34 -3.84 -23.42
N ALA C 85 -9.84 -4.04 -22.22
CA ALA C 85 -9.80 -5.36 -21.64
C ALA C 85 -11.24 -5.92 -21.40
N ALA C 86 -12.14 -5.08 -20.93
CA ALA C 86 -13.52 -5.58 -20.67
C ALA C 86 -14.27 -5.84 -21.99
N VAL C 87 -14.10 -4.95 -22.97
CA VAL C 87 -14.73 -5.13 -24.27
C VAL C 87 -14.21 -6.41 -24.89
N ALA C 88 -12.90 -6.65 -24.78
CA ALA C 88 -12.32 -7.89 -25.34
C ALA C 88 -12.98 -9.13 -24.74
N ALA C 89 -12.98 -9.23 -23.41
CA ALA C 89 -13.60 -10.38 -22.73
C ALA C 89 -15.04 -10.55 -23.21
N HIS C 90 -15.80 -9.47 -23.20
CA HIS C 90 -17.19 -9.52 -23.62
C HIS C 90 -17.38 -10.07 -25.04
N LEU C 91 -16.46 -9.74 -25.95
CA LEU C 91 -16.55 -10.17 -27.34
C LEU C 91 -15.97 -11.55 -27.60
N GLY C 92 -15.28 -12.09 -26.60
CA GLY C 92 -14.68 -13.39 -26.77
C GLY C 92 -13.33 -13.25 -27.45
N MET C 93 -12.71 -12.09 -27.27
CA MET C 93 -11.40 -11.81 -27.82
C MET C 93 -10.31 -11.74 -26.78
N LYS C 94 -9.10 -12.12 -27.17
CA LYS C 94 -7.98 -12.05 -26.25
C LYS C 94 -7.60 -10.58 -26.17
N CYS C 95 -6.71 -10.25 -25.24
CA CYS C 95 -6.29 -8.87 -25.11
C CYS C 95 -4.88 -8.75 -24.56
N VAL C 96 -4.08 -7.95 -25.25
CA VAL C 96 -2.73 -7.71 -24.80
C VAL C 96 -2.63 -6.20 -24.55
N LEU C 97 -2.12 -5.82 -23.40
CA LEU C 97 -1.98 -4.39 -23.08
C LEU C 97 -0.52 -4.06 -22.77
N VAL C 98 0.02 -3.06 -23.47
CA VAL C 98 1.39 -2.61 -23.27
C VAL C 98 1.31 -1.41 -22.32
N GLN C 99 1.92 -1.51 -21.13
CA GLN C 99 1.85 -0.42 -20.19
C GLN C 99 3.17 -0.02 -19.54
N GLU C 100 3.22 1.22 -19.09
CA GLU C 100 4.42 1.74 -18.47
C GLU C 100 4.00 2.90 -17.62
N ASN C 101 4.82 3.27 -16.64
CA ASN C 101 4.46 4.42 -15.83
C ASN C 101 4.69 5.66 -16.68
N TRP C 102 3.60 6.36 -17.02
CA TRP C 102 3.68 7.56 -17.80
C TRP C 102 3.54 8.78 -16.93
N VAL C 103 3.67 8.58 -15.63
CA VAL C 103 3.54 9.70 -14.73
C VAL C 103 4.72 9.78 -13.80
N ASN C 104 5.11 10.99 -13.40
CA ASN C 104 6.21 11.12 -12.44
C ASN C 104 5.49 11.02 -11.09
N TYR C 105 5.19 9.78 -10.74
CA TYR C 105 4.44 9.48 -9.53
C TYR C 105 4.81 8.05 -9.12
N SER C 106 4.70 7.72 -7.83
CA SER C 106 5.10 6.37 -7.43
C SER C 106 4.47 5.80 -6.17
N ASP C 107 3.15 5.83 -6.12
CA ASP C 107 2.42 5.31 -5.00
C ASP C 107 2.65 3.80 -4.80
N ALA C 108 2.75 3.37 -3.54
CA ALA C 108 3.00 1.97 -3.24
C ALA C 108 2.12 0.93 -3.94
N VAL C 109 0.85 1.25 -4.21
CA VAL C 109 -0.04 0.28 -4.83
C VAL C 109 -0.52 0.69 -6.23
N TYR C 110 0.18 1.66 -6.82
CA TYR C 110 -0.19 2.22 -8.13
C TYR C 110 -0.49 1.19 -9.25
N ASP C 111 0.30 0.13 -9.31
CA ASP C 111 0.12 -0.90 -10.33
C ASP C 111 -0.69 -2.12 -9.89
N ARG C 112 -1.47 -1.99 -8.81
CA ARG C 112 -2.23 -3.14 -8.34
C ARG C 112 -3.64 -2.80 -7.83
N VAL C 113 -4.06 -1.59 -8.11
CA VAL C 113 -5.40 -1.14 -7.72
C VAL C 113 -6.04 -0.43 -8.93
N GLY C 114 -7.31 -0.06 -8.77
CA GLY C 114 -7.97 0.64 -9.87
C GLY C 114 -8.04 0.00 -11.24
N ASN C 115 -7.69 0.77 -12.25
CA ASN C 115 -7.79 0.29 -13.61
C ASN C 115 -6.98 -0.92 -13.95
N ILE C 116 -5.70 -0.91 -13.62
CA ILE C 116 -4.87 -2.04 -13.98
C ILE C 116 -5.28 -3.32 -13.26
N GLN C 117 -5.74 -3.20 -12.03
CA GLN C 117 -6.20 -4.39 -11.31
C GLN C 117 -7.34 -5.04 -12.10
N MET C 118 -8.28 -4.23 -12.58
CA MET C 118 -9.41 -4.76 -13.35
C MET C 118 -8.96 -5.42 -14.65
N SER C 119 -8.02 -4.78 -15.35
CA SER C 119 -7.55 -5.36 -16.59
C SER C 119 -6.99 -6.78 -16.35
N ARG C 120 -6.26 -6.97 -15.26
CA ARG C 120 -5.75 -8.31 -14.97
C ARG C 120 -6.89 -9.28 -14.64
N ILE C 121 -7.85 -8.83 -13.83
CA ILE C 121 -8.98 -9.72 -13.49
C ILE C 121 -9.76 -10.06 -14.75
N LEU C 122 -9.89 -9.08 -15.65
CA LEU C 122 -10.60 -9.28 -16.92
C LEU C 122 -9.88 -10.24 -17.89
N GLY C 123 -8.71 -10.71 -17.49
CA GLY C 123 -7.99 -11.65 -18.33
C GLY C 123 -7.02 -11.09 -19.37
N ALA C 124 -6.72 -9.80 -19.35
CA ALA C 124 -5.77 -9.26 -20.33
C ALA C 124 -4.35 -9.65 -19.97
N ASP C 125 -3.49 -9.65 -20.97
CA ASP C 125 -2.09 -9.95 -20.78
C ASP C 125 -1.54 -8.56 -20.58
N VAL C 126 -1.36 -8.19 -19.32
CA VAL C 126 -0.87 -6.88 -18.95
C VAL C 126 0.66 -6.89 -18.90
N ARG C 127 1.28 -6.37 -19.95
CA ARG C 127 2.75 -6.33 -20.03
C ARG C 127 3.20 -4.97 -19.54
N LEU C 128 3.41 -4.88 -18.23
CA LEU C 128 3.82 -3.66 -17.56
C LEU C 128 5.33 -3.71 -17.46
N VAL C 129 6.01 -2.75 -18.07
CA VAL C 129 7.46 -2.73 -18.07
C VAL C 129 8.03 -1.89 -16.92
N PRO C 130 9.27 -2.21 -16.48
CA PRO C 130 9.95 -1.49 -15.39
C PRO C 130 10.24 -0.05 -15.80
N ASP C 131 10.51 0.82 -14.84
CA ASP C 131 10.81 2.21 -15.18
C ASP C 131 12.06 2.24 -16.05
N GLY C 132 12.15 3.27 -16.89
CA GLY C 132 13.30 3.42 -17.75
C GLY C 132 13.34 2.55 -18.99
N PHE C 133 12.36 1.65 -19.10
CA PHE C 133 12.28 0.75 -20.24
C PHE C 133 12.00 1.56 -21.50
N ASP C 134 10.99 2.42 -21.40
CA ASP C 134 10.56 3.30 -22.49
C ASP C 134 9.95 2.51 -23.67
N ILE C 135 8.69 2.12 -23.49
CA ILE C 135 7.98 1.38 -24.52
C ILE C 135 7.83 2.20 -25.79
N GLY C 136 7.42 3.45 -25.64
CA GLY C 136 7.22 4.32 -26.78
C GLY C 136 8.45 4.49 -27.64
N PHE C 137 9.63 4.30 -27.04
CA PHE C 137 10.89 4.43 -27.76
C PHE C 137 11.26 3.12 -28.43
N ARG C 138 11.18 2.02 -27.70
CA ARG C 138 11.51 0.71 -28.27
C ARG C 138 10.40 0.25 -29.20
N ARG C 139 9.31 1.01 -29.23
CA ARG C 139 8.17 0.64 -30.06
C ARG C 139 7.69 -0.76 -29.59
N SER C 140 7.47 -0.91 -28.30
CA SER C 140 6.99 -2.17 -27.77
C SER C 140 5.59 -2.43 -28.34
N TRP C 141 4.93 -1.35 -28.71
CA TRP C 141 3.59 -1.40 -29.31
C TRP C 141 3.61 -2.44 -30.45
N GLU C 142 4.48 -2.22 -31.43
CA GLU C 142 4.62 -3.13 -32.57
C GLU C 142 5.05 -4.54 -32.19
N ASP C 143 5.97 -4.67 -31.23
CA ASP C 143 6.41 -6.00 -30.82
C ASP C 143 5.24 -6.82 -30.29
N ALA C 144 4.34 -6.16 -29.56
CA ALA C 144 3.16 -6.84 -29.03
C ALA C 144 2.30 -7.29 -30.21
N LEU C 145 2.07 -6.40 -31.18
CA LEU C 145 1.28 -6.79 -32.33
C LEU C 145 1.94 -7.99 -33.03
N GLU C 146 3.26 -7.94 -33.20
CA GLU C 146 3.96 -9.06 -33.84
C GLU C 146 3.82 -10.35 -33.05
N SER C 147 3.99 -10.28 -31.73
CA SER C 147 3.90 -11.48 -30.90
C SER C 147 2.54 -12.15 -30.97
N VAL C 148 1.49 -11.38 -31.24
CA VAL C 148 0.18 -11.96 -31.36
C VAL C 148 0.16 -12.81 -32.62
N ARG C 149 0.61 -12.22 -33.73
CA ARG C 149 0.64 -12.93 -35.01
C ARG C 149 1.53 -14.15 -34.86
N ALA C 150 2.73 -13.91 -34.34
CA ALA C 150 3.72 -14.94 -34.10
C ALA C 150 3.06 -16.12 -33.39
N ALA C 151 2.14 -15.83 -32.49
CA ALA C 151 1.46 -16.88 -31.74
C ALA C 151 0.20 -17.37 -32.44
N GLY C 152 0.08 -17.06 -33.72
CA GLY C 152 -1.07 -17.52 -34.47
C GLY C 152 -2.39 -16.79 -34.28
N GLY C 153 -2.31 -15.57 -33.78
CA GLY C 153 -3.53 -14.81 -33.60
C GLY C 153 -3.55 -13.67 -34.58
N LYS C 154 -4.64 -12.92 -34.61
CA LYS C 154 -4.73 -11.77 -35.51
C LYS C 154 -5.12 -10.58 -34.65
N PRO C 155 -4.16 -9.69 -34.38
CA PRO C 155 -4.42 -8.51 -33.54
C PRO C 155 -5.11 -7.34 -34.22
N TYR C 156 -5.90 -6.62 -33.42
CA TYR C 156 -6.55 -5.42 -33.90
C TYR C 156 -5.86 -4.32 -33.09
N ALA C 157 -5.14 -3.44 -33.78
CA ALA C 157 -4.40 -2.39 -33.11
C ALA C 157 -5.21 -1.19 -32.67
N ILE C 158 -5.17 -0.89 -31.37
CA ILE C 158 -5.89 0.26 -30.82
C ILE C 158 -4.87 1.20 -30.16
N PRO C 159 -4.59 2.36 -30.79
CA PRO C 159 -3.63 3.35 -30.27
C PRO C 159 -4.03 3.98 -28.96
N ALA C 160 -3.09 4.70 -28.35
CA ALA C 160 -3.34 5.39 -27.09
C ALA C 160 -4.64 6.18 -27.12
N GLY C 161 -5.50 5.94 -26.13
CA GLY C 161 -6.76 6.65 -26.06
C GLY C 161 -7.71 6.42 -27.21
N CYS C 162 -7.37 5.53 -28.13
CA CYS C 162 -8.24 5.28 -29.29
C CYS C 162 -8.22 6.44 -30.27
N SER C 163 -7.65 7.56 -29.88
CA SER C 163 -7.68 8.76 -30.71
C SER C 163 -7.10 8.74 -32.12
N ASP C 164 -5.77 8.69 -32.22
CA ASP C 164 -5.12 8.71 -33.52
C ASP C 164 -5.36 7.42 -34.28
N HIS C 165 -6.61 7.24 -34.65
CA HIS C 165 -7.07 6.06 -35.38
C HIS C 165 -8.15 6.61 -36.29
N PRO C 166 -8.23 6.11 -37.53
CA PRO C 166 -9.22 6.54 -38.53
C PRO C 166 -10.67 6.56 -38.03
N LEU C 167 -11.01 5.63 -37.13
CA LEU C 167 -12.38 5.56 -36.63
C LEU C 167 -12.52 6.15 -35.21
N GLY C 168 -11.40 6.58 -34.65
CA GLY C 168 -11.36 7.10 -33.31
C GLY C 168 -12.19 8.31 -32.95
N GLY C 169 -12.60 9.11 -33.94
CA GLY C 169 -13.39 10.29 -33.62
C GLY C 169 -14.88 10.16 -33.88
N LEU C 170 -15.31 9.03 -34.42
CA LEU C 170 -16.71 8.82 -34.74
C LEU C 170 -17.63 8.73 -33.52
N GLY C 171 -17.17 8.08 -32.46
CA GLY C 171 -18.02 7.94 -31.30
C GLY C 171 -18.52 9.28 -30.81
N PHE C 172 -17.63 10.25 -30.69
CA PHE C 172 -18.08 11.52 -30.18
C PHE C 172 -18.77 12.46 -31.17
N VAL C 173 -18.83 12.06 -32.44
CA VAL C 173 -19.61 12.86 -33.37
C VAL C 173 -21.01 12.34 -32.95
N GLY C 174 -21.10 11.04 -32.70
CA GLY C 174 -22.36 10.44 -32.28
C GLY C 174 -22.87 11.13 -31.03
N PHE C 175 -21.94 11.53 -30.17
CA PHE C 175 -22.25 12.23 -28.93
C PHE C 175 -23.04 13.50 -29.25
N ALA C 176 -22.54 14.33 -30.17
CA ALA C 176 -23.21 15.59 -30.51
C ALA C 176 -24.64 15.38 -31.00
N GLU C 177 -24.82 14.34 -31.80
CA GLU C 177 -26.11 13.96 -32.36
C GLU C 177 -27.04 13.56 -31.21
N GLU C 178 -26.55 12.65 -30.37
CA GLU C 178 -27.30 12.17 -29.23
C GLU C 178 -27.75 13.37 -28.42
N VAL C 179 -26.84 14.29 -28.20
CA VAL C 179 -27.14 15.52 -27.46
C VAL C 179 -28.23 16.31 -28.18
N ARG C 180 -28.22 16.30 -29.51
CA ARG C 180 -29.27 17.04 -30.24
C ARG C 180 -30.62 16.39 -29.95
N ALA C 181 -30.67 15.07 -30.03
CA ALA C 181 -31.91 14.32 -29.78
C ALA C 181 -32.42 14.52 -28.37
N GLN C 182 -31.52 14.62 -27.39
CA GLN C 182 -31.95 14.83 -26.02
C GLN C 182 -32.39 16.30 -25.84
N GLU C 183 -31.73 17.22 -26.53
CA GLU C 183 -32.09 18.62 -26.42
C GLU C 183 -33.50 18.82 -26.97
N ALA C 184 -33.93 17.90 -27.83
CA ALA C 184 -35.25 17.94 -28.44
C ALA C 184 -36.28 17.30 -27.50
N GLU C 185 -35.93 16.18 -26.88
CA GLU C 185 -36.82 15.50 -25.95
C GLU C 185 -37.05 16.44 -24.78
N LEU C 186 -36.04 17.23 -24.44
CA LEU C 186 -36.11 18.17 -23.31
C LEU C 186 -36.83 19.46 -23.63
N GLY C 187 -36.66 19.94 -24.86
CA GLY C 187 -37.31 21.18 -25.24
C GLY C 187 -36.39 22.40 -25.15
N PHE C 188 -35.12 22.18 -24.82
CA PHE C 188 -34.19 23.30 -24.75
C PHE C 188 -32.79 22.89 -25.19
N LYS C 189 -31.91 23.88 -25.31
CA LYS C 189 -30.54 23.66 -25.80
C LYS C 189 -29.46 23.91 -24.78
N PHE C 190 -28.32 23.24 -24.96
CA PHE C 190 -27.20 23.48 -24.08
C PHE C 190 -26.34 24.50 -24.81
N ASP C 191 -25.84 25.48 -24.07
CA ASP C 191 -25.03 26.55 -24.64
C ASP C 191 -23.54 26.24 -24.79
N TYR C 192 -23.02 25.38 -23.92
CA TYR C 192 -21.62 24.99 -23.97
C TYR C 192 -21.46 23.58 -23.45
N VAL C 193 -20.30 23.01 -23.74
CA VAL C 193 -19.94 21.70 -23.25
C VAL C 193 -18.55 21.86 -22.68
N VAL C 194 -18.27 21.18 -21.57
CA VAL C 194 -16.93 21.23 -21.00
C VAL C 194 -16.44 19.80 -21.04
N VAL C 195 -15.26 19.60 -21.64
CA VAL C 195 -14.72 18.26 -21.77
C VAL C 195 -13.21 18.23 -21.53
N CYS C 196 -12.75 17.21 -20.82
CA CYS C 196 -11.33 17.07 -20.53
C CYS C 196 -10.65 16.55 -21.77
N SER C 197 -9.47 17.05 -22.10
CA SER C 197 -8.80 16.54 -23.31
C SER C 197 -7.34 16.11 -23.14
N VAL C 198 -6.97 14.93 -23.64
CA VAL C 198 -5.56 14.55 -23.55
C VAL C 198 -5.09 14.02 -24.88
N THR C 199 -5.61 12.87 -25.30
CA THR C 199 -5.19 12.31 -26.56
C THR C 199 -6.01 12.89 -27.68
N GLY C 200 -7.14 13.51 -27.34
CA GLY C 200 -7.90 14.23 -28.34
C GLY C 200 -9.09 13.84 -29.20
N SER C 201 -9.38 12.56 -29.41
CA SER C 201 -10.49 12.24 -30.28
C SER C 201 -11.85 12.42 -29.60
N THR C 202 -11.87 12.55 -28.27
CA THR C 202 -13.16 12.80 -27.61
C THR C 202 -13.57 14.21 -28.05
N GLN C 203 -12.76 15.20 -27.70
CA GLN C 203 -13.10 16.58 -28.07
C GLN C 203 -13.19 16.76 -29.59
N ALA C 204 -12.32 16.06 -30.34
CA ALA C 204 -12.36 16.15 -31.81
C ALA C 204 -13.72 15.71 -32.34
N GLY C 205 -14.19 14.57 -31.86
CA GLY C 205 -15.49 14.07 -32.31
C GLY C 205 -16.57 15.10 -32.02
N MET C 206 -16.49 15.69 -30.83
CA MET C 206 -17.46 16.69 -30.43
C MET C 206 -17.41 17.88 -31.38
N VAL C 207 -16.21 18.33 -31.70
CA VAL C 207 -16.03 19.46 -32.60
C VAL C 207 -16.71 19.17 -33.93
N VAL C 208 -16.43 18.02 -34.54
CA VAL C 208 -17.04 17.68 -35.81
C VAL C 208 -18.58 17.57 -35.66
N GLY C 209 -19.01 16.91 -34.60
CA GLY C 209 -20.43 16.74 -34.36
C GLY C 209 -21.17 18.03 -34.15
N PHE C 210 -20.58 18.96 -33.40
CA PHE C 210 -21.23 20.23 -33.14
C PHE C 210 -21.01 21.31 -34.19
N ALA C 211 -20.04 21.11 -35.08
CA ALA C 211 -19.83 22.08 -36.14
C ALA C 211 -21.07 21.94 -37.04
N ALA C 212 -21.56 20.71 -37.16
CA ALA C 212 -22.72 20.44 -37.99
C ALA C 212 -23.93 21.31 -37.68
N ASP C 213 -23.93 21.99 -36.53
CA ASP C 213 -25.04 22.87 -36.21
C ASP C 213 -24.52 24.20 -35.69
N GLY C 214 -23.29 24.51 -36.11
CA GLY C 214 -22.66 25.76 -35.75
C GLY C 214 -22.24 25.95 -34.32
N ARG C 215 -22.02 24.85 -33.60
CA ARG C 215 -21.65 24.96 -32.19
C ARG C 215 -20.29 24.37 -31.84
N ALA C 216 -19.38 24.28 -32.81
CA ALA C 216 -18.06 23.72 -32.53
C ALA C 216 -17.28 24.53 -31.51
N ASP C 217 -17.33 25.85 -31.63
CA ASP C 217 -16.58 26.67 -30.70
C ASP C 217 -17.25 26.76 -29.33
N ARG C 218 -18.34 26.01 -29.16
CA ARG C 218 -19.04 25.97 -27.88
C ARG C 218 -18.53 24.77 -27.03
N VAL C 219 -17.68 23.94 -27.63
CA VAL C 219 -17.09 22.81 -26.93
C VAL C 219 -15.84 23.36 -26.27
N ILE C 220 -15.89 23.56 -24.96
CA ILE C 220 -14.77 24.11 -24.22
C ILE C 220 -13.89 22.97 -23.69
N GLY C 221 -12.76 22.76 -24.36
CA GLY C 221 -11.83 21.73 -23.98
C GLY C 221 -10.97 22.20 -22.84
N VAL C 222 -10.64 21.29 -21.92
CA VAL C 222 -9.79 21.61 -20.79
C VAL C 222 -8.66 20.58 -20.86
N ASP C 223 -7.47 21.08 -21.17
CA ASP C 223 -6.29 20.26 -21.29
C ASP C 223 -5.94 19.56 -19.99
N ALA C 224 -5.68 18.26 -20.06
CA ALA C 224 -5.22 17.53 -18.85
C ALA C 224 -3.83 16.97 -19.14
N SER C 225 -3.27 17.32 -20.29
CA SER C 225 -1.95 16.84 -20.68
C SER C 225 -0.78 17.65 -20.15
N ALA C 226 -0.99 18.94 -19.94
CA ALA C 226 0.08 19.82 -19.49
C ALA C 226 1.03 20.02 -20.69
N LYS C 227 0.55 19.65 -21.88
CA LYS C 227 1.29 19.80 -23.16
C LYS C 227 0.24 20.33 -24.16
N PRO C 228 -0.35 21.49 -23.85
CA PRO C 228 -1.38 22.12 -24.68
C PRO C 228 -1.14 22.25 -26.20
N ALA C 229 0.04 22.70 -26.57
CA ALA C 229 0.37 22.86 -27.99
C ALA C 229 0.16 21.56 -28.72
N GLN C 230 0.80 20.49 -28.25
CA GLN C 230 0.63 19.19 -28.89
C GLN C 230 -0.82 18.75 -28.88
N THR C 231 -1.45 18.85 -27.72
CA THR C 231 -2.82 18.40 -27.60
C THR C 231 -3.79 19.16 -28.53
N ARG C 232 -3.68 20.47 -28.55
CA ARG C 232 -4.53 21.28 -29.41
C ARG C 232 -4.36 20.84 -30.87
N GLU C 233 -3.12 20.58 -31.25
CA GLU C 233 -2.80 20.17 -32.61
C GLU C 233 -3.38 18.81 -32.95
N GLN C 234 -3.33 17.91 -31.97
CA GLN C 234 -3.86 16.57 -32.13
C GLN C 234 -5.38 16.61 -32.30
N ILE C 235 -6.03 17.45 -31.51
CA ILE C 235 -7.50 17.60 -31.58
C ILE C 235 -7.91 18.13 -32.95
N THR C 236 -7.22 19.19 -33.37
CA THR C 236 -7.50 19.82 -34.66
C THR C 236 -7.34 18.81 -35.79
N ARG C 237 -6.21 18.12 -35.82
CA ARG C 237 -5.96 17.16 -36.86
C ARG C 237 -6.98 16.04 -36.90
N ILE C 238 -7.30 15.50 -35.73
CA ILE C 238 -8.27 14.43 -35.65
C ILE C 238 -9.65 14.91 -36.10
N ALA C 239 -9.99 16.12 -35.71
CA ALA C 239 -11.27 16.72 -36.09
C ALA C 239 -11.39 16.81 -37.62
N ARG C 240 -10.35 17.35 -38.26
CA ARG C 240 -10.35 17.48 -39.71
C ARG C 240 -10.43 16.13 -40.40
N GLN C 241 -9.70 15.14 -39.88
CA GLN C 241 -9.77 13.84 -40.52
C GLN C 241 -11.17 13.25 -40.32
N THR C 242 -11.71 13.39 -39.11
CA THR C 242 -13.04 12.85 -38.85
C THR C 242 -14.11 13.60 -39.64
N ALA C 243 -13.98 14.93 -39.69
CA ALA C 243 -14.94 15.76 -40.43
C ALA C 243 -15.10 15.24 -41.86
N GLU C 244 -13.96 14.96 -42.49
CA GLU C 244 -13.92 14.46 -43.85
C GLU C 244 -14.49 13.06 -43.92
N LYS C 245 -14.22 12.28 -42.88
CA LYS C 245 -14.70 10.93 -42.78
C LYS C 245 -16.23 10.88 -42.75
N VAL C 246 -16.86 11.83 -42.07
CA VAL C 246 -18.32 11.79 -41.97
C VAL C 246 -19.01 12.67 -42.97
N GLY C 247 -18.24 13.27 -43.88
CA GLY C 247 -18.83 14.12 -44.89
C GLY C 247 -19.35 15.45 -44.36
N LEU C 248 -18.68 16.00 -43.35
CA LEU C 248 -19.05 17.31 -42.80
C LEU C 248 -18.69 18.25 -43.94
N GLU C 249 -19.68 18.79 -44.61
CA GLU C 249 -19.36 19.67 -45.72
C GLU C 249 -18.89 21.02 -45.24
N ARG C 250 -17.87 21.02 -44.39
CA ARG C 250 -17.35 22.26 -43.87
C ARG C 250 -15.92 22.08 -43.35
N ASP C 251 -15.13 23.16 -43.34
CA ASP C 251 -13.77 23.10 -42.83
C ASP C 251 -13.78 23.25 -41.33
N ILE C 252 -12.80 22.66 -40.66
CA ILE C 252 -12.69 22.85 -39.22
C ILE C 252 -11.66 23.99 -39.10
N MET C 253 -12.09 25.11 -38.54
CA MET C 253 -11.21 26.27 -38.37
C MET C 253 -10.38 26.12 -37.11
N ARG C 254 -9.32 26.91 -37.02
CA ARG C 254 -8.51 26.92 -35.83
C ARG C 254 -9.45 27.39 -34.71
N ALA C 255 -10.35 28.30 -35.07
CA ALA C 255 -11.32 28.89 -34.15
C ALA C 255 -12.34 27.90 -33.61
N ASP C 256 -12.49 26.76 -34.26
CA ASP C 256 -13.44 25.76 -33.82
C ASP C 256 -12.92 24.90 -32.67
N VAL C 257 -11.60 24.87 -32.52
CA VAL C 257 -10.98 24.03 -31.50
C VAL C 257 -10.49 24.86 -30.32
N VAL C 258 -11.28 24.82 -29.25
CA VAL C 258 -10.99 25.57 -28.04
C VAL C 258 -10.41 24.65 -26.96
N LEU C 259 -9.26 25.04 -26.43
CA LEU C 259 -8.58 24.25 -25.39
C LEU C 259 -7.96 25.19 -24.38
N ASP C 260 -8.56 25.21 -23.19
CA ASP C 260 -8.09 26.03 -22.09
C ASP C 260 -6.89 25.28 -21.53
N GLU C 261 -5.86 26.01 -21.08
CA GLU C 261 -4.63 25.42 -20.57
C GLU C 261 -4.36 25.74 -19.10
N ARG C 262 -5.28 26.47 -18.49
CA ARG C 262 -5.08 26.88 -17.11
C ARG C 262 -5.23 25.82 -16.03
N PHE C 263 -5.74 24.64 -16.37
CA PHE C 263 -5.98 23.66 -15.31
C PHE C 263 -5.23 22.35 -15.36
N ALA C 264 -4.32 22.25 -16.32
CA ALA C 264 -3.53 21.05 -16.56
C ALA C 264 -2.41 20.75 -15.55
N GLY C 265 -1.95 21.77 -14.83
CA GLY C 265 -0.81 21.59 -13.94
C GLY C 265 -0.90 20.62 -12.77
N PRO C 266 0.25 20.16 -12.27
CA PRO C 266 1.57 20.55 -12.78
C PRO C 266 2.10 19.70 -13.93
N GLU C 267 1.54 18.51 -14.07
CA GLU C 267 1.95 17.59 -15.11
C GLU C 267 0.82 16.61 -15.37
N TYR C 268 0.87 15.95 -16.51
CA TYR C 268 -0.12 14.93 -16.76
C TYR C 268 -0.04 13.97 -15.55
N GLY C 269 -1.19 13.56 -15.05
CA GLY C 269 -1.20 12.62 -13.94
C GLY C 269 -1.05 13.14 -12.54
N LEU C 270 -0.72 14.41 -12.39
CA LEU C 270 -0.56 14.99 -11.07
C LEU C 270 -1.61 16.08 -10.84
N PRO C 271 -2.35 15.98 -9.74
CA PRO C 271 -3.37 16.99 -9.46
C PRO C 271 -2.71 18.20 -8.81
N ASN C 272 -3.33 19.37 -8.88
CA ASN C 272 -2.83 20.55 -8.18
C ASN C 272 -3.86 20.78 -7.08
N GLU C 273 -3.60 21.72 -6.16
CA GLU C 273 -4.54 21.97 -5.08
C GLU C 273 -5.94 22.33 -5.59
N GLY C 274 -5.99 22.99 -6.73
CA GLY C 274 -7.27 23.35 -7.32
C GLY C 274 -8.01 22.10 -7.74
N THR C 275 -7.28 21.18 -8.36
CA THR C 275 -7.88 19.92 -8.79
C THR C 275 -8.59 19.25 -7.60
N LEU C 276 -7.85 19.09 -6.50
CA LEU C 276 -8.37 18.44 -5.28
C LEU C 276 -9.58 19.13 -4.67
N GLU C 277 -9.58 20.46 -4.69
CA GLU C 277 -10.69 21.22 -4.14
C GLU C 277 -11.89 21.05 -5.08
N ALA C 278 -11.63 21.01 -6.37
CA ALA C 278 -12.73 20.83 -7.33
C ALA C 278 -13.38 19.46 -7.11
N ILE C 279 -12.54 18.44 -6.97
CA ILE C 279 -13.05 17.09 -6.77
C ILE C 279 -13.93 17.04 -5.53
N ARG C 280 -13.43 17.62 -4.45
CA ARG C 280 -14.17 17.60 -3.20
C ARG C 280 -15.48 18.37 -3.29
N LEU C 281 -15.41 19.57 -3.87
CA LEU C 281 -16.60 20.42 -3.99
C LEU C 281 -17.68 19.71 -4.78
N CYS C 282 -17.32 19.20 -5.94
CA CYS C 282 -18.32 18.52 -6.75
C CYS C 282 -18.83 17.29 -6.04
N ALA C 283 -17.94 16.55 -5.38
CA ALA C 283 -18.38 15.34 -4.70
C ALA C 283 -19.34 15.66 -3.53
N ARG C 284 -19.01 16.70 -2.77
CA ARG C 284 -19.79 17.06 -1.62
C ARG C 284 -21.08 17.80 -1.87
N THR C 285 -21.28 18.33 -3.09
CA THR C 285 -22.51 19.03 -3.39
C THR C 285 -23.43 18.16 -4.24
N GLU C 286 -22.86 17.30 -5.06
CA GLU C 286 -23.66 16.47 -5.97
C GLU C 286 -23.55 14.96 -5.84
N GLY C 287 -22.61 14.51 -5.03
CA GLY C 287 -22.43 13.08 -4.88
C GLY C 287 -21.80 12.50 -6.12
N MET C 288 -21.22 13.37 -6.95
CA MET C 288 -20.60 12.91 -8.18
C MET C 288 -19.08 12.98 -8.01
N LEU C 289 -18.43 11.83 -8.13
CA LEU C 289 -16.98 11.76 -7.97
C LEU C 289 -16.23 12.04 -9.28
N THR C 290 -15.04 12.62 -9.18
CA THR C 290 -14.20 12.89 -10.35
C THR C 290 -12.79 12.49 -9.90
N ASP C 291 -11.85 12.40 -10.84
CA ASP C 291 -10.51 11.91 -10.51
C ASP C 291 -9.41 12.96 -10.59
N PRO C 292 -8.26 12.68 -9.96
CA PRO C 292 -7.10 13.57 -9.93
C PRO C 292 -6.40 13.77 -11.27
N VAL C 293 -6.62 12.87 -12.22
CA VAL C 293 -5.94 12.99 -13.52
C VAL C 293 -6.69 13.72 -14.63
N TYR C 294 -7.93 13.28 -14.88
CA TYR C 294 -8.76 13.82 -15.96
C TYR C 294 -9.94 14.68 -15.57
N GLU C 295 -11.03 14.05 -15.11
CA GLU C 295 -12.23 14.80 -14.81
C GLU C 295 -12.11 15.84 -13.72
N GLY C 296 -11.28 15.59 -12.72
CA GLY C 296 -11.13 16.56 -11.66
C GLY C 296 -10.54 17.82 -12.24
N LYS C 297 -9.77 17.69 -13.33
CA LYS C 297 -9.18 18.86 -13.93
C LYS C 297 -10.21 19.67 -14.75
N SER C 298 -11.12 18.97 -15.43
CA SER C 298 -12.13 19.65 -16.22
C SER C 298 -13.27 20.17 -15.33
N MET C 299 -13.38 19.61 -14.11
CA MET C 299 -14.40 20.02 -13.16
C MET C 299 -13.89 21.32 -12.57
N HIS C 300 -12.59 21.33 -12.27
CA HIS C 300 -11.89 22.48 -11.75
C HIS C 300 -11.99 23.64 -12.78
N GLY C 301 -11.83 23.30 -14.05
CA GLY C 301 -11.92 24.30 -15.10
C GLY C 301 -13.32 24.92 -15.11
N MET C 302 -14.34 24.07 -15.25
CA MET C 302 -15.73 24.53 -15.29
C MET C 302 -16.09 25.38 -14.09
N ILE C 303 -15.70 24.93 -12.89
CA ILE C 303 -16.00 25.67 -11.65
C ILE C 303 -15.33 27.02 -11.70
N GLU C 304 -14.06 27.04 -12.07
CA GLU C 304 -13.30 28.28 -12.15
C GLU C 304 -13.88 29.24 -13.20
N MET C 305 -14.29 28.70 -14.34
CA MET C 305 -14.85 29.54 -15.39
C MET C 305 -16.12 30.23 -14.90
N VAL C 306 -16.97 29.47 -14.21
CA VAL C 306 -18.21 30.01 -13.66
C VAL C 306 -17.91 31.07 -12.61
N ARG C 307 -16.97 30.76 -11.72
CA ARG C 307 -16.59 31.68 -10.65
C ARG C 307 -16.08 33.01 -11.17
N ASN C 308 -15.34 32.96 -12.28
CA ASN C 308 -14.79 34.16 -12.90
C ASN C 308 -15.78 34.82 -13.87
N GLY C 309 -17.03 34.35 -13.86
CA GLY C 309 -18.02 34.93 -14.76
C GLY C 309 -17.63 34.88 -16.23
N GLU C 310 -17.03 33.77 -16.64
CA GLU C 310 -16.61 33.61 -18.03
C GLU C 310 -17.76 33.10 -18.86
N PHE C 311 -18.79 32.60 -18.18
CA PHE C 311 -19.98 32.13 -18.87
C PHE C 311 -21.03 33.22 -18.79
N PRO C 312 -21.73 33.47 -19.91
CA PRO C 312 -22.77 34.49 -19.93
C PRO C 312 -23.84 34.02 -18.93
N GLU C 313 -24.39 34.96 -18.16
CA GLU C 313 -25.41 34.63 -17.18
C GLU C 313 -26.59 33.93 -17.81
N GLY C 314 -27.06 32.87 -17.18
CA GLY C 314 -28.19 32.15 -17.73
C GLY C 314 -27.79 31.02 -18.64
N SER C 315 -26.49 30.85 -18.85
CA SER C 315 -26.01 29.78 -19.72
C SER C 315 -26.20 28.38 -19.13
N ARG C 316 -26.52 27.43 -19.98
CA ARG C 316 -26.68 26.04 -19.59
C ARG C 316 -25.39 25.35 -20.07
N VAL C 317 -24.56 24.91 -19.13
CA VAL C 317 -23.29 24.24 -19.42
C VAL C 317 -23.36 22.72 -19.17
N LEU C 318 -23.12 21.93 -20.21
CA LEU C 318 -23.17 20.47 -20.16
C LEU C 318 -21.76 19.87 -19.93
N TYR C 319 -21.49 19.51 -18.68
CA TYR C 319 -20.21 18.92 -18.30
C TYR C 319 -20.22 17.48 -18.77
N ALA C 320 -19.26 17.10 -19.61
CA ALA C 320 -19.20 15.73 -20.06
C ALA C 320 -18.30 14.93 -19.09
N HIS C 321 -18.90 14.12 -18.25
CA HIS C 321 -18.12 13.32 -17.31
C HIS C 321 -17.67 12.10 -18.08
N LEU C 322 -16.40 12.08 -18.46
CA LEU C 322 -15.89 10.99 -19.28
C LEU C 322 -15.51 9.70 -18.58
N GLY C 323 -15.52 9.71 -17.24
CA GLY C 323 -15.20 8.52 -16.47
C GLY C 323 -13.97 8.70 -15.59
N GLY C 324 -13.16 7.66 -15.47
CA GLY C 324 -11.90 7.75 -14.73
C GLY C 324 -11.87 7.58 -13.23
N VAL C 325 -13.03 7.51 -12.62
CA VAL C 325 -13.03 7.41 -11.17
C VAL C 325 -12.21 6.28 -10.58
N PRO C 326 -12.17 5.08 -11.20
CA PRO C 326 -11.35 4.03 -10.56
C PRO C 326 -9.90 4.42 -10.24
N ALA C 327 -9.37 5.45 -10.89
CA ALA C 327 -7.96 5.83 -10.66
C ALA C 327 -7.72 6.48 -9.30
N LEU C 328 -8.79 6.85 -8.61
CA LEU C 328 -8.63 7.46 -7.28
C LEU C 328 -7.88 6.50 -6.34
N ASN C 329 -8.04 5.21 -6.57
CA ASN C 329 -7.41 4.20 -5.71
C ASN C 329 -5.86 4.29 -5.70
N GLY C 330 -5.28 4.87 -6.74
CA GLY C 330 -3.84 5.02 -6.80
C GLY C 330 -3.35 6.29 -6.14
N TYR C 331 -4.28 7.09 -5.60
CA TYR C 331 -3.92 8.36 -4.95
C TYR C 331 -4.54 8.37 -3.55
N SER C 332 -4.45 7.24 -2.86
CA SER C 332 -5.04 7.12 -1.53
C SER C 332 -4.51 8.03 -0.44
N PHE C 333 -3.22 8.31 -0.44
CA PHE C 333 -2.62 9.13 0.61
C PHE C 333 -3.20 10.54 0.63
N ILE C 334 -3.31 11.12 -0.55
CA ILE C 334 -3.84 12.45 -0.76
C ILE C 334 -5.26 12.59 -0.23
N PHE C 335 -6.03 11.54 -0.26
CA PHE C 335 -7.42 11.63 0.22
C PHE C 335 -7.65 10.90 1.53
N ARG C 336 -6.56 10.58 2.22
CA ARG C 336 -6.66 9.82 3.46
C ARG C 336 -7.58 10.41 4.52
N ASP C 337 -7.78 11.72 4.50
CA ASP C 337 -8.68 12.38 5.45
C ASP C 337 -9.79 13.12 4.69
N GLY C 338 -10.09 12.66 3.48
CA GLY C 338 -11.11 13.30 2.67
C GLY C 338 -10.46 14.05 1.52
N MET D 1 -51.16 -6.79 -3.57
CA MET D 1 -50.44 -5.90 -2.61
C MET D 1 -50.40 -4.46 -3.14
N ASN D 2 -49.86 -3.53 -2.36
CA ASN D 2 -49.77 -2.14 -2.78
C ASN D 2 -48.49 -1.44 -2.33
N LEU D 3 -47.48 -1.49 -3.18
CA LEU D 3 -46.19 -0.87 -2.88
C LEU D 3 -46.31 0.64 -3.05
N GLN D 4 -47.05 1.04 -4.08
CA GLN D 4 -47.27 2.45 -4.42
C GLN D 4 -47.72 3.38 -3.28
N ARG D 5 -48.10 2.81 -2.14
CA ARG D 5 -48.53 3.65 -1.01
C ARG D 5 -47.37 4.48 -0.46
N PHE D 6 -46.15 3.96 -0.60
CA PHE D 6 -44.96 4.65 -0.09
C PHE D 6 -44.22 5.46 -1.13
N PRO D 7 -43.90 6.71 -0.81
CA PRO D 7 -43.19 7.60 -1.71
C PRO D 7 -41.76 7.09 -1.95
N ARG D 8 -41.27 7.28 -3.17
CA ARG D 8 -39.93 6.85 -3.54
C ARG D 8 -39.12 8.06 -3.98
N TYR D 9 -37.95 8.25 -3.38
CA TYR D 9 -37.14 9.37 -3.78
C TYR D 9 -36.18 8.84 -4.87
N PRO D 10 -36.28 9.40 -6.08
CA PRO D 10 -35.42 8.99 -7.20
C PRO D 10 -33.93 9.20 -6.92
N LEU D 11 -33.16 8.11 -6.92
CA LEU D 11 -31.72 8.18 -6.68
C LEU D 11 -31.02 7.33 -7.72
N THR D 12 -31.81 6.79 -8.63
CA THR D 12 -31.34 5.92 -9.71
C THR D 12 -31.67 6.47 -11.10
N PHE D 13 -31.02 5.95 -12.14
CA PHE D 13 -31.31 6.44 -13.47
C PHE D 13 -32.68 5.95 -13.94
N GLY D 14 -33.21 4.98 -13.22
CA GLY D 14 -34.50 4.41 -13.59
C GLY D 14 -34.36 2.90 -13.52
N PRO D 15 -35.27 2.13 -14.14
CA PRO D 15 -35.13 0.67 -14.07
C PRO D 15 -33.75 0.23 -14.52
N THR D 16 -33.26 -0.86 -13.94
CA THR D 16 -31.95 -1.38 -14.25
C THR D 16 -32.04 -2.39 -15.38
N PRO D 17 -31.07 -2.38 -16.30
CA PRO D 17 -31.11 -3.31 -17.43
C PRO D 17 -30.85 -4.81 -17.20
N ILE D 18 -31.42 -5.64 -18.06
CA ILE D 18 -31.17 -7.07 -17.96
C ILE D 18 -30.32 -7.41 -19.19
N GLN D 19 -29.22 -8.10 -18.98
CA GLN D 19 -28.34 -8.48 -20.08
C GLN D 19 -28.15 -9.99 -20.14
N PRO D 20 -28.03 -10.55 -21.35
CA PRO D 20 -27.83 -12.01 -21.35
C PRO D 20 -26.35 -12.25 -21.08
N LEU D 21 -26.03 -13.41 -20.50
CA LEU D 21 -24.65 -13.79 -20.26
C LEU D 21 -24.48 -15.00 -21.17
N ALA D 22 -24.60 -14.73 -22.47
CA ALA D 22 -24.50 -15.77 -23.49
C ALA D 22 -23.19 -16.51 -23.47
N ARG D 23 -22.11 -15.76 -23.25
CA ARG D 23 -20.80 -16.39 -23.25
C ARG D 23 -20.65 -17.31 -22.07
N LEU D 24 -20.95 -16.81 -20.88
CA LEU D 24 -20.84 -17.65 -19.70
C LEU D 24 -21.78 -18.87 -19.81
N SER D 25 -22.99 -18.65 -20.33
CA SER D 25 -23.95 -19.75 -20.47
C SER D 25 -23.41 -20.85 -21.37
N LYS D 26 -22.85 -20.45 -22.51
CA LYS D 26 -22.28 -21.40 -23.44
C LYS D 26 -21.08 -22.07 -22.81
N HIS D 27 -20.26 -21.30 -22.11
CA HIS D 27 -19.08 -21.85 -21.47
C HIS D 27 -19.46 -22.99 -20.54
N LEU D 28 -20.53 -22.82 -19.78
CA LEU D 28 -20.98 -23.84 -18.84
C LEU D 28 -21.81 -24.97 -19.47
N GLY D 29 -21.96 -24.98 -20.79
CA GLY D 29 -22.71 -26.05 -21.42
C GLY D 29 -23.94 -25.65 -22.23
N GLY D 30 -24.30 -24.38 -22.17
CA GLY D 30 -25.45 -23.90 -22.91
C GLY D 30 -26.78 -24.55 -22.54
N LYS D 31 -26.80 -25.35 -21.48
CA LYS D 31 -28.03 -26.02 -21.05
C LYS D 31 -28.90 -25.12 -20.19
N VAL D 32 -28.35 -23.99 -19.74
CA VAL D 32 -29.11 -23.06 -18.92
C VAL D 32 -28.81 -21.63 -19.39
N HIS D 33 -29.87 -20.83 -19.57
CA HIS D 33 -29.72 -19.47 -20.05
C HIS D 33 -29.59 -18.45 -18.91
N LEU D 34 -28.36 -17.96 -18.71
CA LEU D 34 -28.08 -17.01 -17.64
C LEU D 34 -28.23 -15.58 -18.12
N TYR D 35 -28.65 -14.70 -17.22
CA TYR D 35 -28.86 -13.28 -17.51
C TYR D 35 -28.45 -12.50 -16.28
N ALA D 36 -28.17 -11.22 -16.43
CA ALA D 36 -27.81 -10.42 -15.27
C ALA D 36 -28.62 -9.13 -15.25
N LYS D 37 -29.11 -8.74 -14.08
CA LYS D 37 -29.85 -7.49 -13.94
C LYS D 37 -28.86 -6.57 -13.21
N ARG D 38 -28.50 -5.48 -13.87
CA ARG D 38 -27.49 -4.56 -13.36
C ARG D 38 -27.83 -3.54 -12.32
N GLU D 39 -28.10 -4.01 -11.09
CA GLU D 39 -28.36 -3.09 -10.00
C GLU D 39 -27.07 -2.32 -9.75
N ASP D 40 -25.93 -2.93 -10.07
CA ASP D 40 -24.64 -2.28 -9.88
C ASP D 40 -24.44 -1.01 -10.74
N CYS D 41 -25.29 -0.80 -11.75
CA CYS D 41 -25.15 0.41 -12.61
C CYS D 41 -26.39 1.27 -12.54
N ASN D 42 -27.08 1.23 -11.40
CA ASN D 42 -28.34 1.94 -11.25
C ASN D 42 -28.26 3.41 -10.90
N SER D 43 -27.10 3.90 -10.52
CA SER D 43 -27.01 5.29 -10.10
C SER D 43 -25.68 5.97 -10.45
N GLY D 44 -25.73 7.31 -10.51
CA GLY D 44 -24.55 8.10 -10.81
C GLY D 44 -23.93 8.58 -9.51
N LEU D 45 -24.54 8.16 -8.40
CA LEU D 45 -24.05 8.52 -7.07
C LEU D 45 -23.04 7.48 -6.57
N ALA D 46 -21.76 7.69 -6.92
CA ALA D 46 -20.67 6.82 -6.52
C ALA D 46 -20.85 5.36 -6.80
N PHE D 47 -21.30 5.06 -8.01
CA PHE D 47 -21.50 3.71 -8.48
C PHE D 47 -22.77 3.00 -8.04
N GLY D 48 -23.46 3.57 -7.07
CA GLY D 48 -24.70 2.95 -6.62
C GLY D 48 -24.64 1.50 -6.20
N GLY D 49 -25.71 0.77 -6.48
CA GLY D 49 -25.82 -0.63 -6.11
C GLY D 49 -27.17 -0.90 -5.41
N ASN D 50 -27.40 -2.14 -5.03
CA ASN D 50 -28.66 -2.51 -4.39
C ASN D 50 -29.05 -1.60 -3.24
N LYS D 51 -28.09 -1.20 -2.43
CA LYS D 51 -28.38 -0.34 -1.28
C LYS D 51 -29.09 0.94 -1.69
N THR D 52 -28.72 1.49 -2.84
CA THR D 52 -29.33 2.71 -3.36
C THR D 52 -30.79 2.47 -3.70
N ARG D 53 -31.13 1.29 -4.22
CA ARG D 53 -32.53 0.98 -4.54
C ARG D 53 -33.29 0.92 -3.23
N LYS D 54 -32.65 0.41 -2.18
CA LYS D 54 -33.28 0.35 -0.85
C LYS D 54 -33.54 1.75 -0.32
N LEU D 55 -32.52 2.62 -0.43
CA LEU D 55 -32.61 3.99 0.10
C LEU D 55 -33.68 4.92 -0.53
N GLU D 56 -34.11 4.65 -1.76
CA GLU D 56 -35.11 5.51 -2.37
C GLU D 56 -36.36 5.57 -1.46
N TYR D 57 -36.66 4.46 -0.78
CA TYR D 57 -37.83 4.40 0.11
C TYR D 57 -37.62 4.85 1.55
N LEU D 58 -36.38 5.16 1.93
CA LEU D 58 -36.11 5.63 3.29
C LEU D 58 -35.99 7.14 3.33
N ILE D 59 -35.49 7.70 2.23
CA ILE D 59 -35.27 9.14 2.18
C ILE D 59 -36.54 9.98 2.30
N PRO D 60 -37.66 9.56 1.68
CA PRO D 60 -38.82 10.43 1.86
C PRO D 60 -39.10 10.63 3.37
N GLU D 61 -39.01 9.55 4.14
CA GLU D 61 -39.25 9.65 5.58
C GLU D 61 -38.23 10.53 6.27
N ALA D 62 -36.96 10.39 5.87
CA ALA D 62 -35.92 11.20 6.49
C ALA D 62 -36.20 12.68 6.26
N LEU D 63 -36.70 13.01 5.07
CA LEU D 63 -36.98 14.39 4.76
C LEU D 63 -38.23 14.86 5.50
N ALA D 64 -39.28 14.07 5.46
CA ALA D 64 -40.53 14.40 6.14
C ALA D 64 -40.28 14.71 7.62
N GLN D 65 -39.41 13.91 8.23
CA GLN D 65 -39.06 14.08 9.62
C GLN D 65 -38.14 15.28 9.84
N GLY D 66 -37.75 15.94 8.75
CA GLY D 66 -36.89 17.10 8.86
C GLY D 66 -35.47 16.76 9.28
N CYS D 67 -35.01 15.55 9.05
CA CYS D 67 -33.65 15.21 9.44
C CYS D 67 -32.65 15.96 8.58
N ASP D 68 -31.50 16.28 9.14
CA ASP D 68 -30.48 16.99 8.38
C ASP D 68 -29.19 16.18 8.29
N THR D 69 -29.18 14.97 8.84
CA THR D 69 -27.98 14.13 8.83
C THR D 69 -28.29 12.66 8.63
N LEU D 70 -27.58 12.01 7.71
CA LEU D 70 -27.81 10.59 7.52
C LEU D 70 -26.71 9.87 8.32
N VAL D 71 -27.13 8.97 9.19
CA VAL D 71 -26.16 8.25 10.01
C VAL D 71 -26.27 6.76 9.69
N SER D 72 -25.16 6.11 9.40
CA SER D 72 -25.23 4.68 9.10
C SER D 72 -24.02 3.94 9.63
N ILE D 73 -23.92 2.66 9.29
CA ILE D 73 -22.85 1.86 9.84
C ILE D 73 -22.51 0.70 8.93
N GLY D 74 -21.26 0.23 9.02
CA GLY D 74 -20.83 -0.88 8.20
C GLY D 74 -19.36 -1.19 8.41
N GLY D 75 -18.91 -2.28 7.82
CA GLY D 75 -17.51 -2.66 7.94
C GLY D 75 -16.63 -1.69 7.15
N ILE D 76 -15.32 -1.82 7.26
CA ILE D 76 -14.41 -0.90 6.58
C ILE D 76 -14.70 -0.74 5.08
N GLN D 77 -14.97 -1.83 4.38
CA GLN D 77 -15.26 -1.70 2.96
C GLN D 77 -16.73 -1.81 2.64
N SER D 78 -17.57 -1.40 3.60
CA SER D 78 -19.01 -1.41 3.39
C SER D 78 -19.39 -0.59 2.14
N ASN D 79 -20.29 -1.16 1.33
CA ASN D 79 -20.81 -0.52 0.14
C ASN D 79 -21.94 0.40 0.61
N GLN D 80 -22.70 -0.10 1.58
CA GLN D 80 -23.81 0.66 2.16
C GLN D 80 -23.41 2.05 2.62
N THR D 81 -22.35 2.15 3.42
CA THR D 81 -21.96 3.46 3.91
C THR D 81 -21.49 4.41 2.80
N ARG D 82 -20.89 3.86 1.75
CA ARG D 82 -20.42 4.73 0.67
C ARG D 82 -21.62 5.26 -0.10
N GLN D 83 -22.63 4.43 -0.29
CA GLN D 83 -23.83 4.87 -1.00
C GLN D 83 -24.57 5.87 -0.14
N VAL D 84 -24.60 5.66 1.17
CA VAL D 84 -25.25 6.61 2.08
C VAL D 84 -24.51 7.95 2.05
N ALA D 85 -23.17 7.90 1.99
CA ALA D 85 -22.40 9.15 1.94
C ALA D 85 -22.72 9.96 0.64
N ALA D 86 -22.89 9.24 -0.47
CA ALA D 86 -23.16 9.85 -1.77
C ALA D 86 -24.59 10.42 -1.82
N VAL D 87 -25.53 9.74 -1.18
CA VAL D 87 -26.92 10.21 -1.16
C VAL D 87 -27.02 11.46 -0.28
N ALA D 88 -26.31 11.45 0.85
CA ALA D 88 -26.33 12.61 1.74
C ALA D 88 -25.85 13.83 0.98
N ALA D 89 -24.65 13.71 0.40
CA ALA D 89 -24.06 14.79 -0.35
C ALA D 89 -25.07 15.33 -1.35
N HIS D 90 -25.62 14.43 -2.15
CA HIS D 90 -26.60 14.74 -3.18
C HIS D 90 -27.85 15.44 -2.59
N LEU D 91 -28.31 14.97 -1.44
CA LEU D 91 -29.50 15.53 -0.79
C LEU D 91 -29.24 16.84 -0.04
N GLY D 92 -27.97 17.16 0.19
CA GLY D 92 -27.64 18.38 0.92
C GLY D 92 -27.58 18.09 2.42
N MET D 93 -27.51 16.81 2.78
CA MET D 93 -27.45 16.41 4.17
C MET D 93 -26.06 16.01 4.64
N LYS D 94 -25.82 16.18 5.94
CA LYS D 94 -24.56 15.79 6.54
C LYS D 94 -24.56 14.28 6.62
N CYS D 95 -23.42 13.70 6.95
CA CYS D 95 -23.35 12.25 7.02
C CYS D 95 -22.33 11.76 8.04
N VAL D 96 -22.77 10.89 8.94
CA VAL D 96 -21.92 10.31 9.96
C VAL D 96 -21.92 8.80 9.71
N LEU D 97 -20.72 8.24 9.64
CA LEU D 97 -20.61 6.83 9.34
C LEU D 97 -19.77 6.12 10.38
N VAL D 98 -20.37 5.10 10.97
CA VAL D 98 -19.68 4.30 11.98
C VAL D 98 -19.10 3.08 11.28
N GLN D 99 -17.77 3.04 11.13
CA GLN D 99 -17.11 1.91 10.47
C GLN D 99 -16.36 1.06 11.48
N GLU D 100 -16.61 -0.24 11.47
CA GLU D 100 -15.98 -1.16 12.38
C GLU D 100 -15.28 -2.20 11.52
N ASN D 101 -14.19 -2.80 11.99
CA ASN D 101 -13.62 -3.82 11.12
C ASN D 101 -14.42 -5.07 11.40
N TRP D 102 -15.30 -5.41 10.47
CA TRP D 102 -16.15 -6.57 10.60
C TRP D 102 -15.53 -7.77 9.95
N VAL D 103 -14.30 -7.64 9.48
CA VAL D 103 -13.67 -8.75 8.80
C VAL D 103 -12.31 -9.05 9.37
N ASN D 104 -11.98 -10.34 9.47
CA ASN D 104 -10.66 -10.76 9.96
C ASN D 104 -9.75 -10.65 8.78
N TYR D 105 -9.35 -9.40 8.51
CA TYR D 105 -8.52 -9.10 7.35
C TYR D 105 -7.71 -7.87 7.72
N SER D 106 -6.54 -7.69 7.12
CA SER D 106 -5.71 -6.55 7.54
C SER D 106 -4.78 -5.98 6.48
N ASP D 107 -5.29 -5.88 5.27
CA ASP D 107 -4.51 -5.34 4.17
C ASP D 107 -4.05 -3.90 4.47
N ALA D 108 -2.83 -3.60 4.03
CA ALA D 108 -2.20 -2.30 4.25
C ALA D 108 -3.03 -1.07 3.89
N VAL D 109 -3.84 -1.14 2.84
CA VAL D 109 -4.63 0.03 2.45
C VAL D 109 -6.12 -0.20 2.61
N TYR D 110 -6.51 -1.15 3.47
CA TYR D 110 -7.92 -1.49 3.67
C TYR D 110 -8.79 -0.29 3.98
N ASP D 111 -8.31 0.59 4.83
CA ASP D 111 -9.11 1.76 5.20
C ASP D 111 -8.83 3.03 4.41
N ARG D 112 -8.22 2.89 3.23
CA ARG D 112 -7.90 4.05 2.39
C ARG D 112 -8.19 3.99 0.92
N VAL D 113 -8.75 2.88 0.44
CA VAL D 113 -9.11 2.78 -0.96
C VAL D 113 -10.55 2.33 -1.06
N GLY D 114 -11.00 2.10 -2.28
CA GLY D 114 -12.34 1.60 -2.49
C GLY D 114 -13.48 2.38 -1.86
N ASN D 115 -14.38 1.68 -1.18
CA ASN D 115 -15.54 2.33 -0.61
C ASN D 115 -15.32 3.45 0.39
N ILE D 116 -14.48 3.22 1.40
CA ILE D 116 -14.22 4.20 2.43
C ILE D 116 -13.51 5.45 1.90
N GLN D 117 -12.65 5.28 0.90
CA GLN D 117 -11.97 6.43 0.30
C GLN D 117 -13.07 7.34 -0.29
N MET D 118 -14.00 6.75 -1.02
CA MET D 118 -15.09 7.55 -1.59
C MET D 118 -15.92 8.28 -0.53
N SER D 119 -16.23 7.60 0.57
CA SER D 119 -17.02 8.22 1.64
C SER D 119 -16.34 9.48 2.18
N ARG D 120 -15.01 9.46 2.35
CA ARG D 120 -14.30 10.62 2.85
C ARG D 120 -14.31 11.74 1.83
N ILE D 121 -14.10 11.40 0.56
CA ILE D 121 -14.13 12.44 -0.47
C ILE D 121 -15.54 13.03 -0.59
N LEU D 122 -16.57 12.20 -0.40
CA LEU D 122 -17.96 12.65 -0.49
C LEU D 122 -18.37 13.53 0.72
N GLY D 123 -17.44 13.75 1.64
CA GLY D 123 -17.72 14.59 2.78
C GLY D 123 -18.24 13.93 4.05
N ALA D 124 -18.34 12.60 4.09
CA ALA D 124 -18.86 11.93 5.29
C ALA D 124 -17.88 12.01 6.44
N ASP D 125 -18.40 11.98 7.65
CA ASP D 125 -17.54 12.00 8.80
C ASP D 125 -17.43 10.52 9.12
N VAL D 126 -16.30 9.95 8.73
CA VAL D 126 -16.03 8.54 8.87
C VAL D 126 -15.31 8.27 10.18
N ARG D 127 -16.04 7.65 11.10
CA ARG D 127 -15.53 7.32 12.41
C ARG D 127 -15.17 5.84 12.52
N LEU D 128 -13.87 5.57 12.57
CA LEU D 128 -13.36 4.21 12.68
C LEU D 128 -13.28 3.83 14.16
N VAL D 129 -13.91 2.71 14.54
CA VAL D 129 -13.88 2.27 15.94
C VAL D 129 -12.62 1.49 16.29
N ARG D 139 -21.31 2.80 23.46
CA ARG D 139 -21.80 1.95 22.38
C ARG D 139 -21.68 2.66 21.03
N SER D 140 -20.91 2.03 20.15
CA SER D 140 -20.64 2.53 18.79
C SER D 140 -21.79 3.31 18.12
N TRP D 141 -22.83 2.58 17.71
CA TRP D 141 -24.01 3.11 17.04
C TRP D 141 -24.69 4.27 17.77
N GLU D 142 -25.18 4.02 18.97
CA GLU D 142 -25.88 5.04 19.76
C GLU D 142 -25.07 6.32 19.98
N ASP D 143 -23.79 6.17 20.31
CA ASP D 143 -22.93 7.32 20.53
C ASP D 143 -22.99 8.26 19.33
N ALA D 144 -22.96 7.69 18.13
CA ALA D 144 -22.99 8.49 16.90
C ALA D 144 -24.28 9.29 16.79
N LEU D 145 -25.41 8.60 16.90
CA LEU D 145 -26.68 9.27 16.80
C LEU D 145 -26.80 10.43 17.80
N GLU D 146 -26.49 10.16 19.07
CA GLU D 146 -26.59 11.18 20.09
C GLU D 146 -25.69 12.36 19.76
N SER D 147 -24.46 12.07 19.38
CA SER D 147 -23.51 13.13 19.06
C SER D 147 -24.11 14.12 18.07
N VAL D 148 -24.90 13.64 17.12
CA VAL D 148 -25.50 14.52 16.13
C VAL D 148 -26.50 15.44 16.82
N ARG D 149 -27.39 14.87 17.63
CA ARG D 149 -28.39 15.67 18.33
C ARG D 149 -27.67 16.71 19.18
N ALA D 150 -26.76 16.22 20.03
CA ALA D 150 -25.99 17.05 20.92
C ALA D 150 -25.26 18.19 20.20
N ALA D 151 -25.14 18.09 18.88
CA ALA D 151 -24.46 19.13 18.10
C ALA D 151 -25.46 20.06 17.43
N GLY D 152 -26.74 19.77 17.62
CA GLY D 152 -27.78 20.58 17.02
C GLY D 152 -28.37 19.98 15.75
N GLY D 153 -28.09 18.72 15.47
CA GLY D 153 -28.62 18.14 14.25
C GLY D 153 -29.76 17.16 14.50
N LYS D 154 -30.39 16.72 13.43
CA LYS D 154 -31.45 15.73 13.56
C LYS D 154 -31.05 14.59 12.63
N PRO D 155 -30.48 13.53 13.21
CA PRO D 155 -30.04 12.34 12.47
C PRO D 155 -31.12 11.35 12.06
N TYR D 156 -30.94 10.77 10.88
CA TYR D 156 -31.85 9.73 10.42
C TYR D 156 -31.02 8.46 10.58
N ALA D 157 -31.56 7.49 11.30
CA ALA D 157 -30.86 6.23 11.55
C ALA D 157 -31.05 5.23 10.44
N ILE D 158 -29.93 4.80 9.87
CA ILE D 158 -29.93 3.82 8.80
C ILE D 158 -29.10 2.63 9.27
N PRO D 159 -29.77 1.58 9.76
CA PRO D 159 -29.09 0.37 10.26
C PRO D 159 -28.26 -0.30 9.16
N ALA D 160 -27.38 -1.20 9.56
CA ALA D 160 -26.53 -1.90 8.59
C ALA D 160 -27.34 -2.44 7.43
N GLY D 161 -26.86 -2.14 6.21
CA GLY D 161 -27.49 -2.56 4.98
C GLY D 161 -28.95 -2.15 4.75
N CYS D 162 -29.44 -1.24 5.58
CA CYS D 162 -30.84 -0.79 5.52
C CYS D 162 -31.80 -1.90 5.92
N SER D 163 -31.28 -3.10 6.13
CA SER D 163 -32.14 -4.23 6.42
C SER D 163 -33.07 -4.22 7.65
N ASP D 164 -32.58 -4.00 8.87
CA ASP D 164 -33.51 -3.98 10.02
C ASP D 164 -34.22 -2.63 10.12
N HIS D 165 -34.79 -2.16 9.03
CA HIS D 165 -35.48 -0.89 9.05
C HIS D 165 -36.86 -1.14 8.50
N PRO D 166 -37.88 -0.56 9.15
CA PRO D 166 -39.26 -0.74 8.69
C PRO D 166 -39.44 -0.62 7.17
N LEU D 167 -38.66 0.25 6.54
CA LEU D 167 -38.80 0.48 5.11
C LEU D 167 -37.74 -0.20 4.23
N GLY D 168 -36.71 -0.74 4.88
CA GLY D 168 -35.63 -1.39 4.15
C GLY D 168 -36.01 -2.52 3.20
N GLY D 169 -37.24 -3.01 3.25
CA GLY D 169 -37.60 -4.10 2.35
C GLY D 169 -38.37 -3.70 1.10
N LEU D 170 -38.83 -2.47 1.06
CA LEU D 170 -39.64 -2.01 -0.06
C LEU D 170 -38.86 -1.93 -1.37
N GLY D 171 -37.65 -1.40 -1.31
CA GLY D 171 -36.84 -1.31 -2.52
C GLY D 171 -36.94 -2.56 -3.38
N PHE D 172 -36.70 -3.75 -2.84
CA PHE D 172 -36.76 -4.92 -3.70
C PHE D 172 -38.09 -5.59 -3.95
N VAL D 173 -39.15 -5.09 -3.32
CA VAL D 173 -40.48 -5.58 -3.61
C VAL D 173 -40.62 -4.97 -5.01
N GLY D 174 -40.21 -3.71 -5.12
CA GLY D 174 -40.23 -2.99 -6.38
C GLY D 174 -39.41 -3.66 -7.47
N PHE D 175 -38.29 -4.26 -7.11
CA PHE D 175 -37.43 -5.00 -8.05
C PHE D 175 -38.27 -6.06 -8.74
N ALA D 176 -39.06 -6.80 -7.96
CA ALA D 176 -39.92 -7.84 -8.51
C ALA D 176 -40.90 -7.24 -9.52
N GLU D 177 -41.46 -6.09 -9.16
CA GLU D 177 -42.41 -5.36 -10.00
C GLU D 177 -41.74 -5.13 -11.36
N GLU D 178 -40.63 -4.39 -11.30
CA GLU D 178 -39.82 -4.04 -12.45
C GLU D 178 -39.56 -5.26 -13.31
N VAL D 179 -39.21 -6.37 -12.67
CA VAL D 179 -38.91 -7.59 -13.41
C VAL D 179 -40.12 -8.12 -14.20
N ARG D 180 -41.31 -8.01 -13.62
CA ARG D 180 -42.51 -8.48 -14.33
C ARG D 180 -42.69 -7.62 -15.56
N ALA D 181 -42.59 -6.31 -15.40
CA ALA D 181 -42.76 -5.42 -16.53
C ALA D 181 -41.75 -5.74 -17.64
N GLN D 182 -40.48 -5.95 -17.28
CA GLN D 182 -39.48 -6.24 -18.30
C GLN D 182 -39.73 -7.61 -18.88
N GLU D 183 -40.30 -8.50 -18.08
CA GLU D 183 -40.57 -9.85 -18.59
C GLU D 183 -41.63 -9.73 -19.66
N ALA D 184 -42.59 -8.85 -19.42
CA ALA D 184 -43.65 -8.64 -20.39
C ALA D 184 -42.99 -8.14 -21.66
N GLU D 185 -42.16 -7.11 -21.52
CA GLU D 185 -41.46 -6.53 -22.67
C GLU D 185 -40.70 -7.59 -23.44
N LEU D 186 -39.99 -8.45 -22.72
CA LEU D 186 -39.19 -9.49 -23.35
C LEU D 186 -40.02 -10.58 -23.99
N GLY D 187 -41.25 -10.76 -23.49
CA GLY D 187 -42.10 -11.79 -24.05
C GLY D 187 -41.89 -13.10 -23.33
N PHE D 188 -41.20 -13.06 -22.20
CA PHE D 188 -40.98 -14.29 -21.43
C PHE D 188 -40.68 -14.00 -19.97
N LYS D 189 -40.59 -15.06 -19.19
CA LYS D 189 -40.31 -14.91 -17.78
C LYS D 189 -39.10 -15.72 -17.35
N PHE D 190 -38.43 -15.23 -16.31
CA PHE D 190 -37.25 -15.90 -15.79
C PHE D 190 -37.74 -16.96 -14.79
N ASP D 191 -37.07 -18.12 -14.79
CA ASP D 191 -37.42 -19.21 -13.90
C ASP D 191 -36.87 -19.02 -12.50
N TYR D 192 -35.63 -18.54 -12.40
CA TYR D 192 -35.00 -18.32 -11.11
C TYR D 192 -34.24 -17.00 -11.05
N VAL D 193 -34.02 -16.51 -9.83
CA VAL D 193 -33.29 -15.27 -9.56
C VAL D 193 -32.16 -15.61 -8.57
N VAL D 194 -30.91 -15.35 -8.93
CA VAL D 194 -29.84 -15.63 -7.97
C VAL D 194 -29.44 -14.30 -7.33
N VAL D 195 -29.35 -14.28 -6.01
CA VAL D 195 -29.03 -13.06 -5.29
C VAL D 195 -28.21 -13.35 -4.03
N CYS D 196 -27.23 -12.48 -3.78
CA CYS D 196 -26.36 -12.63 -2.61
C CYS D 196 -27.02 -12.01 -1.38
N SER D 197 -26.96 -12.71 -0.25
CA SER D 197 -27.60 -12.20 0.95
C SER D 197 -26.70 -12.17 2.17
N VAL D 198 -26.74 -11.04 2.87
CA VAL D 198 -25.95 -10.91 4.07
C VAL D 198 -26.80 -10.31 5.17
N THR D 199 -27.26 -9.07 5.01
CA THR D 199 -28.08 -8.49 6.06
C THR D 199 -29.55 -8.82 5.80
N GLY D 200 -29.90 -9.19 4.57
CA GLY D 200 -31.26 -9.61 4.33
C GLY D 200 -32.39 -8.84 3.66
N SER D 201 -32.44 -7.52 3.70
CA SER D 201 -33.58 -6.86 3.07
C SER D 201 -33.60 -6.94 1.54
N THR D 202 -32.48 -7.28 0.91
CA THR D 202 -32.49 -7.40 -0.55
C THR D 202 -33.27 -8.66 -0.94
N GLN D 203 -32.91 -9.81 -0.39
CA GLN D 203 -33.64 -11.04 -0.74
C GLN D 203 -35.07 -11.01 -0.16
N ALA D 204 -35.25 -10.33 0.97
CA ALA D 204 -36.57 -10.28 1.59
C ALA D 204 -37.55 -9.50 0.70
N GLY D 205 -37.09 -8.38 0.17
CA GLY D 205 -37.92 -7.59 -0.71
C GLY D 205 -38.31 -8.41 -1.93
N MET D 206 -37.35 -9.16 -2.47
CA MET D 206 -37.61 -9.99 -3.65
C MET D 206 -38.56 -11.16 -3.31
N VAL D 207 -38.41 -11.72 -2.11
CA VAL D 207 -39.26 -12.81 -1.70
C VAL D 207 -40.71 -12.33 -1.73
N VAL D 208 -40.96 -11.17 -1.14
CA VAL D 208 -42.29 -10.58 -1.10
C VAL D 208 -42.82 -10.19 -2.49
N GLY D 209 -42.01 -9.45 -3.25
CA GLY D 209 -42.43 -9.02 -4.57
C GLY D 209 -42.77 -10.15 -5.54
N PHE D 210 -42.09 -11.28 -5.38
CA PHE D 210 -42.34 -12.43 -6.24
C PHE D 210 -43.35 -13.37 -5.62
N ALA D 211 -43.68 -13.13 -4.35
CA ALA D 211 -44.67 -13.95 -3.66
C ALA D 211 -45.94 -13.64 -4.43
N ALA D 212 -46.10 -12.36 -4.73
CA ALA D 212 -47.24 -11.84 -5.47
C ALA D 212 -47.55 -12.59 -6.77
N ASP D 213 -46.58 -13.32 -7.33
CA ASP D 213 -46.89 -14.08 -8.55
C ASP D 213 -46.51 -15.53 -8.44
N GLY D 214 -46.26 -15.97 -7.21
CA GLY D 214 -45.94 -17.36 -6.95
C GLY D 214 -44.55 -17.87 -7.27
N ARG D 215 -43.55 -16.98 -7.19
CA ARG D 215 -42.18 -17.38 -7.50
C ARG D 215 -41.23 -17.04 -6.37
N ALA D 216 -41.77 -16.86 -5.17
CA ALA D 216 -40.94 -16.53 -4.01
C ALA D 216 -39.81 -17.54 -3.85
N ASP D 217 -40.15 -18.82 -3.89
CA ASP D 217 -39.18 -19.89 -3.73
C ASP D 217 -38.31 -20.10 -4.97
N ARG D 218 -38.37 -19.15 -5.89
CA ARG D 218 -37.55 -19.23 -7.08
C ARG D 218 -36.43 -18.19 -6.93
N VAL D 219 -36.48 -17.43 -5.84
CA VAL D 219 -35.45 -16.44 -5.52
C VAL D 219 -34.39 -17.22 -4.77
N ILE D 220 -33.32 -17.65 -5.46
CA ILE D 220 -32.26 -18.42 -4.82
C ILE D 220 -31.22 -17.52 -4.16
N GLY D 221 -31.30 -17.43 -2.84
CA GLY D 221 -30.35 -16.63 -2.12
C GLY D 221 -29.05 -17.38 -1.91
N VAL D 222 -27.95 -16.65 -1.95
CA VAL D 222 -26.64 -17.24 -1.73
C VAL D 222 -26.03 -16.49 -0.55
N ASP D 223 -25.91 -17.20 0.57
CA ASP D 223 -25.36 -16.62 1.76
C ASP D 223 -23.90 -16.23 1.56
N ALA D 224 -23.54 -15.04 2.07
CA ALA D 224 -22.18 -14.55 2.00
C ALA D 224 -21.80 -14.09 3.41
N SER D 225 -22.68 -14.36 4.37
CA SER D 225 -22.44 -14.00 5.76
C SER D 225 -21.58 -15.02 6.47
N ALA D 226 -21.69 -16.29 6.07
CA ALA D 226 -20.99 -17.38 6.71
C ALA D 226 -21.65 -17.69 8.08
N LYS D 227 -22.88 -17.21 8.25
CA LYS D 227 -23.71 -17.41 9.47
C LYS D 227 -25.11 -17.59 8.90
N PRO D 228 -25.30 -18.62 8.06
CA PRO D 228 -26.57 -18.89 7.42
C PRO D 228 -27.84 -18.91 8.26
N ALA D 229 -27.81 -19.62 9.39
CA ALA D 229 -28.98 -19.69 10.25
C ALA D 229 -29.48 -18.31 10.55
N GLN D 230 -28.59 -17.48 11.07
CA GLN D 230 -28.91 -16.11 11.41
C GLN D 230 -29.42 -15.35 10.19
N THR D 231 -28.66 -15.40 9.10
CA THR D 231 -29.07 -14.69 7.91
C THR D 231 -30.41 -15.16 7.40
N ARG D 232 -30.58 -16.47 7.38
CA ARG D 232 -31.82 -17.08 6.91
C ARG D 232 -32.97 -16.53 7.74
N GLU D 233 -32.73 -16.38 9.04
CA GLU D 233 -33.75 -15.88 9.96
C GLU D 233 -34.06 -14.42 9.67
N GLN D 234 -33.04 -13.62 9.43
CA GLN D 234 -33.26 -12.21 9.16
C GLN D 234 -34.04 -11.96 7.87
N ILE D 235 -33.80 -12.79 6.86
CA ILE D 235 -34.50 -12.63 5.61
C ILE D 235 -35.98 -12.93 5.86
N THR D 236 -36.22 -14.06 6.53
CA THR D 236 -37.57 -14.51 6.85
C THR D 236 -38.32 -13.42 7.60
N ARG D 237 -37.71 -12.95 8.68
CA ARG D 237 -38.28 -11.87 9.49
C ARG D 237 -38.62 -10.63 8.68
N ILE D 238 -37.61 -10.01 8.06
CA ILE D 238 -37.81 -8.78 7.28
C ILE D 238 -38.90 -8.93 6.21
N ALA D 239 -38.92 -10.11 5.59
CA ALA D 239 -39.88 -10.44 4.55
C ALA D 239 -41.31 -10.41 5.09
N ARG D 240 -41.52 -11.10 6.21
CA ARG D 240 -42.84 -11.12 6.83
C ARG D 240 -43.27 -9.71 7.17
N GLN D 241 -42.40 -8.94 7.85
CA GLN D 241 -42.71 -7.55 8.19
C GLN D 241 -43.02 -6.74 6.93
N THR D 242 -42.18 -6.87 5.90
CA THR D 242 -42.37 -6.14 4.66
C THR D 242 -43.64 -6.55 3.94
N ALA D 243 -43.91 -7.84 3.89
CA ALA D 243 -45.11 -8.36 3.23
C ALA D 243 -46.36 -7.80 3.91
N GLU D 244 -46.23 -7.54 5.22
CA GLU D 244 -47.34 -7.00 5.96
C GLU D 244 -47.50 -5.53 5.61
N LYS D 245 -46.39 -4.83 5.47
CA LYS D 245 -46.46 -3.39 5.15
C LYS D 245 -46.98 -3.07 3.75
N VAL D 246 -46.89 -4.00 2.82
CA VAL D 246 -47.38 -3.76 1.45
C VAL D 246 -48.71 -4.47 1.24
N GLY D 247 -49.25 -5.03 2.31
CA GLY D 247 -50.52 -5.73 2.20
C GLY D 247 -50.50 -6.96 1.31
N LEU D 248 -49.48 -7.80 1.46
CA LEU D 248 -49.42 -9.03 0.68
C LEU D 248 -50.63 -9.83 1.19
N GLU D 249 -51.46 -10.30 0.28
CA GLU D 249 -52.65 -11.05 0.69
C GLU D 249 -52.36 -12.40 1.33
N ARG D 250 -51.11 -12.62 1.71
CA ARG D 250 -50.72 -13.91 2.27
C ARG D 250 -49.52 -13.74 3.21
N ASP D 251 -49.40 -14.62 4.20
CA ASP D 251 -48.28 -14.56 5.14
C ASP D 251 -47.07 -15.30 4.53
N ILE D 252 -45.87 -14.79 4.79
CA ILE D 252 -44.65 -15.41 4.25
C ILE D 252 -44.20 -16.59 5.11
N MET D 253 -44.06 -17.75 4.46
CA MET D 253 -43.62 -18.96 5.14
C MET D 253 -42.11 -19.17 4.98
N ARG D 254 -41.55 -19.99 5.85
CA ARG D 254 -40.13 -20.29 5.81
C ARG D 254 -39.80 -21.03 4.52
N ALA D 255 -40.82 -21.63 3.94
CA ALA D 255 -40.62 -22.36 2.70
C ALA D 255 -40.46 -21.39 1.54
N ASP D 256 -40.82 -20.13 1.76
CA ASP D 256 -40.70 -19.10 0.73
C ASP D 256 -39.23 -18.62 0.62
N VAL D 257 -38.43 -18.96 1.62
CA VAL D 257 -37.05 -18.51 1.68
C VAL D 257 -35.99 -19.55 1.38
N VAL D 258 -35.27 -19.32 0.29
CA VAL D 258 -34.21 -20.20 -0.13
C VAL D 258 -32.86 -19.52 0.07
N LEU D 259 -32.00 -20.14 0.87
CA LEU D 259 -30.66 -19.60 1.12
C LEU D 259 -29.62 -20.72 1.06
N ASP D 260 -28.88 -20.77 -0.05
CA ASP D 260 -27.83 -21.77 -0.21
C ASP D 260 -26.65 -21.34 0.66
N GLU D 261 -26.09 -22.27 1.43
CA GLU D 261 -24.98 -21.93 2.31
C GLU D 261 -23.64 -22.52 1.88
N ARG D 262 -23.59 -23.10 0.68
CA ARG D 262 -22.39 -23.75 0.20
C ARG D 262 -21.22 -22.88 -0.31
N PHE D 263 -21.48 -21.59 -0.52
CA PHE D 263 -20.48 -20.69 -1.09
C PHE D 263 -20.03 -19.49 -0.26
N ALA D 264 -20.36 -19.46 1.03
CA ALA D 264 -20.03 -18.35 1.89
C ALA D 264 -18.66 -18.38 2.52
N GLY D 265 -18.00 -19.55 2.47
CA GLY D 265 -16.72 -19.73 3.12
C GLY D 265 -15.57 -18.89 2.64
N PRO D 266 -14.56 -18.69 3.51
CA PRO D 266 -14.48 -19.24 4.88
C PRO D 266 -15.11 -18.36 5.96
N GLU D 267 -15.23 -17.06 5.66
CA GLU D 267 -15.79 -16.11 6.60
C GLU D 267 -16.38 -14.96 5.79
N TYR D 268 -17.23 -14.17 6.44
CA TYR D 268 -17.79 -13.00 5.80
C TYR D 268 -16.54 -12.17 5.46
N GLY D 269 -16.51 -11.57 4.28
CA GLY D 269 -15.38 -10.74 3.93
C GLY D 269 -14.12 -11.39 3.40
N LEU D 270 -14.09 -12.72 3.36
CA LEU D 270 -12.93 -13.43 2.86
C LEU D 270 -13.35 -14.35 1.75
N PRO D 271 -12.64 -14.32 0.62
CA PRO D 271 -13.01 -15.19 -0.49
C PRO D 271 -12.36 -16.57 -0.36
N ASN D 272 -12.95 -17.56 -1.02
CA ASN D 272 -12.35 -18.90 -1.06
C ASN D 272 -11.83 -19.06 -2.50
N GLU D 273 -11.06 -20.11 -2.78
CA GLU D 273 -10.52 -20.27 -4.13
C GLU D 273 -11.62 -20.36 -5.18
N GLY D 274 -12.80 -20.84 -4.78
CA GLY D 274 -13.90 -20.91 -5.74
C GLY D 274 -14.41 -19.50 -6.04
N THR D 275 -14.46 -18.66 -5.02
CA THR D 275 -14.90 -17.27 -5.19
C THR D 275 -14.01 -16.58 -6.22
N LEU D 276 -12.70 -16.71 -6.08
CA LEU D 276 -11.78 -16.07 -7.02
C LEU D 276 -11.94 -16.61 -8.42
N GLU D 277 -12.13 -17.92 -8.52
CA GLU D 277 -12.28 -18.54 -9.83
C GLU D 277 -13.55 -18.07 -10.52
N ALA D 278 -14.64 -17.92 -9.77
CA ALA D 278 -15.88 -17.44 -10.34
C ALA D 278 -15.75 -15.98 -10.76
N ILE D 279 -15.04 -15.18 -9.95
CA ILE D 279 -14.85 -13.78 -10.30
C ILE D 279 -14.07 -13.72 -11.62
N ARG D 280 -13.01 -14.51 -11.73
CA ARG D 280 -12.21 -14.52 -12.95
C ARG D 280 -12.98 -15.01 -14.18
N LEU D 281 -13.74 -16.09 -14.02
CA LEU D 281 -14.48 -16.67 -15.13
C LEU D 281 -15.54 -15.70 -15.64
N CYS D 282 -16.29 -15.11 -14.72
CA CYS D 282 -17.31 -14.15 -15.09
C CYS D 282 -16.71 -12.92 -15.79
N ALA D 283 -15.59 -12.43 -15.26
CA ALA D 283 -14.94 -11.28 -15.85
C ALA D 283 -14.41 -11.64 -17.22
N ARG D 284 -13.77 -12.80 -17.32
CA ARG D 284 -13.16 -13.19 -18.58
C ARG D 284 -14.08 -13.69 -19.67
N THR D 285 -15.34 -13.98 -19.35
CA THR D 285 -16.25 -14.43 -20.39
C THR D 285 -17.27 -13.35 -20.73
N GLU D 286 -17.54 -12.45 -19.79
CA GLU D 286 -18.56 -11.42 -20.03
C GLU D 286 -18.13 -9.99 -19.84
N GLY D 287 -16.93 -9.78 -19.31
CA GLY D 287 -16.45 -8.43 -19.05
C GLY D 287 -17.18 -7.80 -17.87
N MET D 288 -17.82 -8.64 -17.05
CA MET D 288 -18.56 -8.15 -15.87
C MET D 288 -17.83 -8.57 -14.60
N LEU D 289 -17.41 -7.56 -13.84
CA LEU D 289 -16.65 -7.76 -12.59
C LEU D 289 -17.55 -8.03 -11.39
N THR D 290 -17.04 -8.81 -10.43
CA THR D 290 -17.75 -9.12 -9.17
C THR D 290 -16.68 -9.03 -8.09
N ASP D 291 -17.09 -8.94 -6.84
CA ASP D 291 -16.12 -8.77 -5.76
C ASP D 291 -15.90 -10.00 -4.91
N PRO D 292 -14.84 -10.01 -4.12
CA PRO D 292 -14.56 -11.18 -3.28
C PRO D 292 -15.40 -11.32 -2.02
N VAL D 293 -16.19 -10.30 -1.72
CA VAL D 293 -17.02 -10.35 -0.53
C VAL D 293 -18.46 -10.76 -0.77
N TYR D 294 -19.13 -10.15 -1.75
CA TYR D 294 -20.53 -10.42 -2.02
C TYR D 294 -20.86 -11.14 -3.32
N GLU D 295 -20.83 -10.38 -4.41
CA GLU D 295 -21.18 -10.89 -5.71
C GLU D 295 -20.38 -12.05 -6.25
N GLY D 296 -19.08 -12.06 -5.94
CA GLY D 296 -18.26 -13.18 -6.39
C GLY D 296 -18.76 -14.46 -5.75
N LYS D 297 -19.32 -14.34 -4.55
CA LYS D 297 -19.84 -15.53 -3.89
C LYS D 297 -21.16 -15.98 -4.51
N SER D 298 -22.03 -15.05 -4.86
CA SER D 298 -23.28 -15.45 -5.51
C SER D 298 -23.00 -15.86 -6.95
N MET D 299 -21.95 -15.30 -7.56
CA MET D 299 -21.62 -15.68 -8.93
C MET D 299 -21.10 -17.11 -8.87
N HIS D 300 -20.27 -17.39 -7.87
CA HIS D 300 -19.72 -18.71 -7.63
C HIS D 300 -20.88 -19.72 -7.46
N GLY D 301 -21.88 -19.34 -6.67
CA GLY D 301 -23.03 -20.20 -6.45
C GLY D 301 -23.75 -20.53 -7.75
N MET D 302 -24.17 -19.50 -8.49
CA MET D 302 -24.86 -19.74 -9.75
C MET D 302 -24.06 -20.63 -10.69
N ILE D 303 -22.79 -20.29 -10.89
CA ILE D 303 -21.94 -21.10 -11.77
C ILE D 303 -21.93 -22.57 -11.32
N GLU D 304 -21.78 -22.77 -10.01
CA GLU D 304 -21.74 -24.12 -9.47
C GLU D 304 -23.06 -24.86 -9.67
N MET D 305 -24.16 -24.13 -9.54
CA MET D 305 -25.49 -24.71 -9.70
C MET D 305 -25.68 -25.20 -11.14
N VAL D 306 -25.38 -24.34 -12.10
CA VAL D 306 -25.51 -24.69 -13.51
C VAL D 306 -24.62 -25.90 -13.80
N ARG D 307 -23.44 -25.93 -13.18
CA ARG D 307 -22.48 -26.99 -13.39
C ARG D 307 -22.90 -28.35 -12.83
N ASN D 308 -23.54 -28.34 -11.67
CA ASN D 308 -24.00 -29.58 -11.04
C ASN D 308 -25.35 -30.04 -11.58
N GLY D 309 -25.86 -29.31 -12.57
CA GLY D 309 -27.13 -29.63 -13.19
C GLY D 309 -28.28 -29.44 -12.23
N GLU D 310 -28.14 -28.45 -11.35
CA GLU D 310 -29.15 -28.15 -10.36
C GLU D 310 -30.33 -27.38 -10.93
N PHE D 311 -30.11 -26.72 -12.08
CA PHE D 311 -31.19 -25.99 -12.74
C PHE D 311 -31.69 -26.93 -13.84
N PRO D 312 -33.01 -26.99 -14.04
CA PRO D 312 -33.47 -27.89 -15.10
C PRO D 312 -33.05 -27.35 -16.47
N GLU D 313 -32.73 -28.25 -17.38
CA GLU D 313 -32.33 -27.85 -18.72
C GLU D 313 -33.34 -26.88 -19.32
N GLY D 314 -32.85 -25.75 -19.84
CA GLY D 314 -33.74 -24.76 -20.43
C GLY D 314 -34.15 -23.60 -19.57
N SER D 315 -33.81 -23.64 -18.29
CA SER D 315 -34.17 -22.56 -17.37
C SER D 315 -33.58 -21.21 -17.75
N ARG D 316 -34.18 -20.14 -17.23
CA ARG D 316 -33.69 -18.80 -17.44
C ARG D 316 -33.41 -18.21 -16.07
N VAL D 317 -32.13 -18.01 -15.78
CA VAL D 317 -31.71 -17.49 -14.50
C VAL D 317 -31.30 -16.04 -14.56
N LEU D 318 -31.94 -15.24 -13.72
CA LEU D 318 -31.67 -13.82 -13.64
C LEU D 318 -30.76 -13.55 -12.45
N TYR D 319 -29.48 -13.32 -12.73
CA TYR D 319 -28.52 -13.04 -11.68
C TYR D 319 -28.63 -11.58 -11.34
N ALA D 320 -28.85 -11.30 -10.06
CA ALA D 320 -28.98 -9.92 -9.61
C ALA D 320 -27.63 -9.42 -9.16
N HIS D 321 -27.00 -8.60 -10.01
CA HIS D 321 -25.71 -8.05 -9.66
C HIS D 321 -25.91 -6.83 -8.78
N LEU D 322 -25.68 -7.00 -7.48
CA LEU D 322 -25.90 -5.95 -6.50
C LEU D 322 -24.88 -4.85 -6.34
N GLY D 323 -23.73 -4.96 -7.02
CA GLY D 323 -22.70 -3.92 -6.89
C GLY D 323 -21.47 -4.50 -6.23
N GLY D 324 -20.83 -3.71 -5.39
CA GLY D 324 -19.67 -4.17 -4.65
C GLY D 324 -18.28 -4.11 -5.28
N VAL D 325 -18.21 -3.89 -6.59
CA VAL D 325 -16.92 -3.87 -7.26
C VAL D 325 -15.79 -3.02 -6.67
N PRO D 326 -16.07 -1.81 -6.15
CA PRO D 326 -14.99 -1.00 -5.57
C PRO D 326 -14.16 -1.65 -4.47
N ALA D 327 -14.77 -2.59 -3.72
CA ALA D 327 -14.05 -3.27 -2.62
C ALA D 327 -12.85 -4.07 -3.13
N LEU D 328 -12.86 -4.36 -4.43
CA LEU D 328 -11.78 -5.09 -5.07
C LEU D 328 -10.42 -4.46 -4.69
N ASN D 329 -10.41 -3.13 -4.55
CA ASN D 329 -9.20 -2.40 -4.21
C ASN D 329 -8.54 -2.77 -2.88
N GLY D 330 -9.32 -3.22 -1.91
CA GLY D 330 -8.75 -3.62 -0.62
C GLY D 330 -8.22 -5.06 -0.65
N TYR D 331 -8.32 -5.72 -1.80
CA TYR D 331 -7.82 -7.08 -1.97
C TYR D 331 -6.79 -7.14 -3.11
N SER D 332 -5.95 -6.12 -3.18
CA SER D 332 -4.98 -6.04 -4.27
C SER D 332 -3.92 -7.12 -4.38
N PHE D 333 -3.51 -7.70 -3.26
CA PHE D 333 -2.44 -8.70 -3.33
C PHE D 333 -2.89 -9.99 -4.02
N ILE D 334 -4.09 -10.44 -3.64
CA ILE D 334 -4.69 -11.64 -4.19
C ILE D 334 -4.84 -11.60 -5.68
N PHE D 335 -5.08 -10.40 -6.21
CA PHE D 335 -5.29 -10.24 -7.64
C PHE D 335 -4.09 -9.68 -8.42
N ARG D 336 -2.94 -9.59 -7.76
CA ARG D 336 -1.75 -9.00 -8.40
C ARG D 336 -1.36 -9.51 -9.77
N ASP D 337 -1.71 -10.75 -10.08
CA ASP D 337 -1.38 -11.37 -11.36
C ASP D 337 -2.65 -11.86 -12.06
N GLY D 338 -3.78 -11.27 -11.75
CA GLY D 338 -5.02 -11.72 -12.37
C GLY D 338 -5.90 -12.32 -11.29
N1 PLP E . 13.95 -15.40 14.29
C2 PLP E . 14.33 -14.78 13.16
C2A PLP E . 14.30 -13.23 13.15
C3 PLP E . 14.74 -15.54 12.02
O3 PLP E . 15.14 -14.92 10.84
C4 PLP E . 14.75 -16.97 12.12
C4A PLP E . 15.20 -17.81 10.91
C5 PLP E . 14.34 -17.58 13.37
C6 PLP E . 13.94 -16.73 14.42
C5A PLP E . 14.30 -19.08 13.64
O4P PLP E . 15.62 -19.65 13.45
P PLP E . 15.80 -21.14 12.86
O1P PLP E . 15.23 -21.23 11.47
O2P PLP E . 17.28 -21.46 12.79
O3P PLP E . 15.06 -22.09 13.78
CAA A3B F . 14.84 -19.22 4.76
CAE A3B F . 14.15 -18.15 5.32
CAG A3B F . 13.78 -18.15 6.80
CAF A3B F . 13.55 -16.73 7.31
OAD A3B F . 12.36 -16.39 7.49
OAC A3B F . 14.57 -16.02 7.51
NAB A3B F . 14.88 -18.76 7.59
S SO4 G . 14.62 13.84 10.94
O1 SO4 G . 15.23 12.50 11.05
O2 SO4 G . 13.72 14.08 12.08
O3 SO4 G . 15.69 14.86 10.93
O4 SO4 G . 13.82 13.95 9.70
N1 PLP H . 20.90 11.34 7.96
C2 PLP H . 19.96 10.76 8.70
C2A PLP H . 19.71 9.25 8.49
C3 PLP H . 19.20 11.54 9.66
O3 PLP H . 18.21 10.94 10.44
C4 PLP H . 19.51 12.92 9.79
C4A PLP H . 18.73 13.79 10.83
C5 PLP H . 20.54 13.49 8.96
C6 PLP H . 21.21 12.64 8.05
C5A PLP H . 20.98 14.94 8.98
O4P PLP H . 21.56 15.24 10.27
P PLP H . 21.46 16.72 10.87
O1P PLP H . 20.03 17.08 11.06
O2P PLP H . 22.14 16.77 12.23
O3P PLP H . 22.12 17.68 9.89
N1 PLP I . -11.20 11.58 -19.09
C2 PLP I . -11.06 10.27 -18.91
C2A PLP I . -11.69 9.66 -17.63
C3 PLP I . -10.34 9.47 -19.90
O3 PLP I . -10.18 8.10 -19.76
C4 PLP I . -9.81 10.14 -21.05
C4A PLP I . -9.05 9.31 -22.11
C5 PLP I . -9.99 11.56 -21.19
C6 PLP I . -10.70 12.22 -20.16
C5A PLP I . -9.47 12.41 -22.36
O4P PLP I . -10.03 11.95 -23.59
P PLP I . -9.18 12.03 -24.95
O1P PLP I . -7.94 11.12 -24.79
O2P PLP I . -8.70 13.46 -25.11
O3P PLP I . -10.03 11.53 -26.07
CAA A3B J . -3.14 6.18 -21.15
CAE A3B J . -4.47 6.09 -21.54
CAG A3B J . -5.42 7.26 -21.27
CAF A3B J . -6.49 6.80 -20.28
OAD A3B J . -6.40 7.25 -19.12
OAC A3B J . -7.38 6.05 -20.71
NAB A3B J . -6.09 7.68 -22.51
S SO4 K . -22.63 -3.45 3.45
O1 SO4 K . -21.36 -4.19 3.21
O2 SO4 K . -22.44 -2.52 4.56
O3 SO4 K . -22.98 -2.74 2.19
O4 SO4 K . -23.70 -4.40 3.80
N1 PLP L . -23.92 -7.42 -2.56
C2 PLP L . -23.46 -6.15 -2.37
C2A PLP L . -22.52 -5.56 -3.46
C3 PLP L . -23.84 -5.41 -1.19
O3 PLP L . -23.40 -4.11 -0.95
C4 PLP L . -24.71 -6.06 -0.24
C4A PLP L . -25.12 -5.27 1.02
C5 PLP L . -25.18 -7.39 -0.48
C6 PLP L . -24.74 -8.04 -1.67
C5A PLP L . -26.11 -8.18 0.45
O4P PLP L . -27.36 -7.46 0.56
P PLP L . -28.30 -7.63 1.88
O1P PLP L . -27.63 -6.98 3.04
O2P PLP L . -29.64 -6.95 1.57
O3P PLP L . -28.46 -9.11 2.14
#